data_2LM1
#
_entry.id   2LM1
#
_entity_poly.entity_id   1
_entity_poly.type   'polypeptide(L)'
_entity_poly.pdbx_seq_one_letter_code
;PRVQRLNELEAKTRVKLNFLDQIAKFWELQGSSLKIPMVERKALDLYTLHRIVQEEGGMEQTTKDRKWAKVANRMQYPSS
KSVGATLKAHYERILHPFEVYTSGKVL
;
_entity_poly.pdbx_strand_id   A
#
# COMPACT_ATOMS: atom_id res chain seq x y z
N PRO A 1 9.83 -16.78 -10.16
CA PRO A 1 9.97 -16.21 -8.80
C PRO A 1 10.50 -14.76 -8.82
N ARG A 2 11.73 -14.56 -9.39
CA ARG A 2 12.44 -13.24 -9.39
C ARG A 2 12.60 -12.70 -7.94
N VAL A 3 13.13 -13.57 -7.04
CA VAL A 3 13.06 -13.37 -5.57
C VAL A 3 13.81 -12.10 -5.07
N GLN A 4 13.01 -11.11 -4.64
CA GLN A 4 13.47 -9.96 -3.84
C GLN A 4 13.14 -10.22 -2.35
N ARG A 5 11.91 -10.72 -2.12
CA ARG A 5 11.38 -11.06 -0.78
C ARG A 5 10.67 -12.43 -0.80
N LEU A 6 10.39 -12.95 0.41
CA LEU A 6 9.71 -14.24 0.60
C LEU A 6 8.18 -14.06 0.44
N ASN A 7 7.65 -14.49 -0.70
CA ASN A 7 6.20 -14.37 -1.03
C ASN A 7 5.80 -15.33 -2.17
N GLU A 8 4.51 -15.71 -2.23
CA GLU A 8 3.99 -16.64 -3.27
C GLU A 8 2.50 -16.35 -3.54
N LEU A 9 1.64 -16.71 -2.57
CA LEU A 9 0.18 -16.51 -2.67
C LEU A 9 -0.23 -15.28 -1.83
N GLU A 10 -0.23 -15.46 -0.47
CA GLU A 10 -0.42 -14.37 0.52
C GLU A 10 -1.77 -13.61 0.40
N ALA A 11 -2.69 -13.94 1.31
CA ALA A 11 -4.00 -13.30 1.49
C ALA A 11 -4.72 -13.95 2.67
N LYS A 12 -4.40 -13.45 3.88
CA LYS A 12 -4.95 -13.94 5.16
C LYS A 12 -6.48 -13.82 5.19
N THR A 13 -6.96 -12.58 5.03
CA THR A 13 -8.38 -12.28 4.83
C THR A 13 -8.66 -12.13 3.32
N ARG A 14 -9.24 -13.15 2.69
CA ARG A 14 -9.30 -13.24 1.21
C ARG A 14 -10.24 -12.18 0.59
N VAL A 15 -11.46 -12.04 1.14
CA VAL A 15 -12.48 -11.08 0.61
C VAL A 15 -12.02 -9.60 0.77
N LYS A 16 -11.31 -9.31 1.88
CA LYS A 16 -10.75 -7.96 2.16
C LYS A 16 -9.53 -7.64 1.27
N LEU A 17 -8.62 -8.62 1.16
CA LEU A 17 -7.47 -8.61 0.20
C LEU A 17 -7.93 -8.70 -1.28
N ASN A 18 -9.21 -9.02 -1.52
CA ASN A 18 -9.75 -9.14 -2.91
C ASN A 18 -9.98 -7.74 -3.52
N PHE A 19 -10.13 -6.74 -2.63
CA PHE A 19 -10.08 -5.30 -2.99
C PHE A 19 -8.73 -4.95 -3.68
N LEU A 20 -7.62 -5.62 -3.27
CA LEU A 20 -6.31 -5.51 -3.95
C LEU A 20 -6.29 -6.22 -5.32
N ASP A 21 -7.07 -7.30 -5.47
CA ASP A 21 -7.25 -7.99 -6.77
C ASP A 21 -8.14 -7.16 -7.75
N GLN A 22 -9.04 -6.32 -7.20
CA GLN A 22 -9.88 -5.39 -8.01
C GLN A 22 -9.02 -4.32 -8.71
N ILE A 23 -8.11 -3.70 -7.94
CA ILE A 23 -7.15 -2.70 -8.48
C ILE A 23 -6.01 -3.40 -9.29
N ALA A 24 -5.72 -4.69 -9.00
CA ALA A 24 -4.79 -5.52 -9.84
C ALA A 24 -5.26 -5.65 -11.29
N LYS A 25 -6.59 -5.64 -11.47
CA LYS A 25 -7.22 -5.64 -12.81
C LYS A 25 -6.95 -4.29 -13.57
N PHE A 26 -6.76 -3.20 -12.80
CA PHE A 26 -6.38 -1.86 -13.34
C PHE A 26 -4.88 -1.81 -13.78
N TRP A 27 -4.02 -2.59 -13.09
CA TRP A 27 -2.54 -2.64 -13.37
C TRP A 27 -2.13 -3.87 -14.20
N GLU A 28 -3.10 -4.73 -14.57
CA GLU A 28 -2.85 -5.98 -15.32
C GLU A 28 -2.11 -5.74 -16.67
N LEU A 29 -2.53 -4.69 -17.41
CA LEU A 29 -1.96 -4.35 -18.74
C LEU A 29 -0.76 -3.37 -18.63
N GLN A 30 -0.49 -2.88 -17.40
CA GLN A 30 0.67 -2.00 -17.14
C GLN A 30 1.93 -2.83 -16.81
N GLY A 31 1.72 -4.01 -16.19
CA GLY A 31 2.82 -4.90 -15.77
C GLY A 31 3.55 -4.45 -14.50
N SER A 32 3.11 -3.31 -13.92
CA SER A 32 3.72 -2.73 -12.69
C SER A 32 3.39 -3.58 -11.45
N SER A 33 4.41 -3.79 -10.59
CA SER A 33 4.28 -4.64 -9.39
C SER A 33 3.35 -4.01 -8.32
N LEU A 34 2.08 -4.41 -8.37
CA LEU A 34 1.07 -4.04 -7.38
C LEU A 34 1.05 -5.06 -6.20
N LYS A 35 0.37 -4.69 -5.09
CA LYS A 35 0.18 -5.56 -3.90
C LYS A 35 1.54 -5.82 -3.17
N ILE A 36 2.46 -4.82 -3.24
CA ILE A 36 3.78 -4.87 -2.56
C ILE A 36 3.83 -3.83 -1.38
N PRO A 37 3.23 -4.15 -0.19
CA PRO A 37 3.15 -3.23 0.96
C PRO A 37 4.39 -3.30 1.89
N MET A 38 4.51 -4.45 2.58
CA MET A 38 5.50 -4.69 3.62
C MET A 38 6.78 -5.26 3.01
N VAL A 39 7.43 -4.38 2.22
CA VAL A 39 8.68 -4.66 1.49
C VAL A 39 9.82 -5.09 2.44
N GLU A 40 9.78 -4.59 3.68
CA GLU A 40 10.74 -4.99 4.72
C GLU A 40 10.22 -6.26 5.44
N ARG A 41 8.97 -6.18 5.98
CA ARG A 41 8.41 -7.24 6.87
C ARG A 41 8.21 -8.62 6.18
N LYS A 42 8.48 -8.66 4.84
CA LYS A 42 8.56 -9.91 4.03
C LYS A 42 7.17 -10.43 3.60
N ALA A 43 6.18 -10.32 4.48
CA ALA A 43 4.75 -10.58 4.19
C ALA A 43 4.11 -9.38 3.43
N LEU A 44 2.84 -9.53 3.00
CA LEU A 44 2.14 -8.49 2.21
C LEU A 44 0.68 -8.30 2.72
N ASP A 45 0.45 -7.17 3.42
CA ASP A 45 -0.90 -6.80 3.94
C ASP A 45 -1.17 -5.30 3.67
N LEU A 46 -1.58 -4.99 2.41
CA LEU A 46 -1.87 -3.58 1.99
C LEU A 46 -3.17 -3.09 2.62
N TYR A 47 -4.16 -4.01 2.76
CA TYR A 47 -5.48 -3.70 3.36
C TYR A 47 -5.35 -2.98 4.75
N THR A 48 -4.73 -3.67 5.73
CA THR A 48 -4.55 -3.12 7.11
C THR A 48 -3.59 -1.90 7.12
N LEU A 49 -2.55 -1.93 6.26
CA LEU A 49 -1.56 -0.83 6.13
C LEU A 49 -2.25 0.46 5.58
N HIS A 50 -3.25 0.26 4.70
CA HIS A 50 -4.04 1.35 4.07
C HIS A 50 -4.97 2.04 5.10
N ARG A 51 -5.46 1.22 6.05
CA ARG A 51 -6.25 1.69 7.21
C ARG A 51 -5.35 2.48 8.20
N ILE A 52 -4.11 1.99 8.41
CA ILE A 52 -3.09 2.68 9.26
C ILE A 52 -2.79 4.10 8.72
N VAL A 53 -2.40 4.17 7.42
CA VAL A 53 -2.09 5.45 6.72
C VAL A 53 -3.27 6.45 6.82
N GLN A 54 -4.50 5.93 6.66
CA GLN A 54 -5.74 6.72 6.73
C GLN A 54 -5.97 7.31 8.15
N GLU A 55 -5.74 6.48 9.19
CA GLU A 55 -5.89 6.89 10.60
C GLU A 55 -4.73 7.80 11.09
N GLU A 56 -3.59 7.78 10.36
CA GLU A 56 -2.49 8.77 10.55
C GLU A 56 -2.88 10.13 9.90
N GLY A 57 -3.73 10.08 8.85
CA GLY A 57 -4.29 11.30 8.23
C GLY A 57 -4.52 11.19 6.71
N GLY A 58 -4.52 9.95 6.16
CA GLY A 58 -4.59 9.73 4.70
C GLY A 58 -3.25 9.94 4.00
N MET A 59 -3.03 9.28 2.84
CA MET A 59 -1.71 9.29 2.14
C MET A 59 -1.24 10.72 1.75
N GLU A 60 -2.19 11.56 1.29
CA GLU A 60 -1.92 12.93 0.80
C GLU A 60 -1.48 13.87 1.95
N GLN A 61 -2.27 13.89 3.04
CA GLN A 61 -2.00 14.76 4.21
C GLN A 61 -0.76 14.25 5.01
N THR A 62 -0.62 12.91 5.15
CA THR A 62 0.56 12.28 5.82
C THR A 62 1.88 12.55 5.03
N THR A 63 1.77 12.75 3.71
CA THR A 63 2.90 13.23 2.86
C THR A 63 3.29 14.69 3.19
N LYS A 64 2.27 15.56 3.38
CA LYS A 64 2.48 16.98 3.76
C LYS A 64 3.07 17.09 5.20
N ASP A 65 2.56 16.23 6.11
CA ASP A 65 3.05 16.10 7.49
C ASP A 65 4.43 15.40 7.55
N ARG A 66 4.71 14.55 6.53
CA ARG A 66 5.97 13.74 6.41
C ARG A 66 6.10 12.70 7.56
N LYS A 67 4.93 12.18 8.04
CA LYS A 67 4.87 11.19 9.16
C LYS A 67 4.97 9.72 8.68
N TRP A 68 5.42 9.47 7.44
CA TRP A 68 5.61 8.10 6.88
C TRP A 68 6.62 7.25 7.70
N ALA A 69 7.53 7.94 8.42
CA ALA A 69 8.42 7.32 9.41
C ALA A 69 7.61 6.61 10.53
N LYS A 70 6.61 7.34 11.07
CA LYS A 70 5.77 6.86 12.18
C LYS A 70 4.76 5.78 11.72
N VAL A 71 4.31 5.88 10.44
CA VAL A 71 3.48 4.83 9.79
C VAL A 71 4.25 3.47 9.76
N ALA A 72 5.56 3.57 9.51
CA ALA A 72 6.47 2.40 9.55
C ALA A 72 6.62 1.84 11.00
N ASN A 73 6.61 2.73 12.02
CA ASN A 73 6.66 2.31 13.45
C ASN A 73 5.42 1.48 13.86
N ARG A 74 4.25 1.77 13.25
CA ARG A 74 2.94 1.11 13.58
C ARG A 74 2.98 -0.42 13.36
N MET A 75 3.73 -0.87 12.34
CA MET A 75 3.89 -2.33 12.03
C MET A 75 5.30 -2.85 12.38
N GLN A 76 6.07 -2.05 13.14
CA GLN A 76 7.43 -2.37 13.60
C GLN A 76 8.40 -2.68 12.43
N TYR A 77 8.48 -1.75 11.48
CA TYR A 77 9.59 -1.66 10.50
C TYR A 77 10.86 -1.10 11.23
N PRO A 78 12.09 -1.32 10.67
CA PRO A 78 13.26 -0.48 10.99
C PRO A 78 13.01 0.96 10.49
N SER A 79 12.48 1.83 11.39
CA SER A 79 11.97 3.17 11.02
C SER A 79 13.09 4.11 10.52
N SER A 80 13.30 4.09 9.20
CA SER A 80 14.22 5.00 8.48
C SER A 80 13.42 5.95 7.57
N LYS A 81 14.06 7.07 7.20
CA LYS A 81 13.52 8.03 6.22
C LYS A 81 13.40 7.33 4.83
N SER A 82 14.35 6.41 4.55
CA SER A 82 14.36 5.60 3.31
C SER A 82 13.14 4.64 3.25
N VAL A 83 12.88 3.93 4.36
CA VAL A 83 11.72 3.01 4.50
C VAL A 83 10.38 3.77 4.34
N GLY A 84 10.27 4.93 5.03
CA GLY A 84 9.09 5.79 4.92
C GLY A 84 8.87 6.35 3.51
N ALA A 85 9.97 6.69 2.82
CA ALA A 85 9.94 7.21 1.42
C ALA A 85 9.56 6.11 0.41
N THR A 86 9.94 4.84 0.73
CA THR A 86 9.56 3.66 -0.09
C THR A 86 8.03 3.46 -0.08
N LEU A 87 7.44 3.51 1.14
CA LEU A 87 5.98 3.38 1.35
C LEU A 87 5.22 4.58 0.73
N LYS A 88 5.79 5.79 0.91
CA LYS A 88 5.22 7.05 0.37
C LYS A 88 5.10 6.99 -1.17
N ALA A 89 6.24 6.76 -1.83
CA ALA A 89 6.34 6.69 -3.31
C ALA A 89 5.43 5.57 -3.88
N HIS A 90 5.38 4.43 -3.18
CA HIS A 90 4.55 3.26 -3.58
C HIS A 90 3.04 3.60 -3.53
N TYR A 91 2.61 4.41 -2.55
CA TYR A 91 1.22 4.91 -2.47
C TYR A 91 0.92 5.97 -3.55
N GLU A 92 1.89 6.88 -3.78
CA GLU A 92 1.79 7.97 -4.79
C GLU A 92 1.51 7.40 -6.21
N ARG A 93 2.37 6.47 -6.65
CA ARG A 93 2.30 5.87 -8.02
C ARG A 93 1.06 5.01 -8.27
N ILE A 94 0.44 4.49 -7.20
CA ILE A 94 -0.65 3.51 -7.31
C ILE A 94 -2.04 4.14 -7.13
N LEU A 95 -2.16 5.07 -6.18
CA LEU A 95 -3.48 5.66 -5.83
C LEU A 95 -3.80 6.88 -6.73
N HIS A 96 -2.76 7.66 -7.16
CA HIS A 96 -2.99 8.90 -7.97
C HIS A 96 -3.56 8.65 -9.41
N PRO A 97 -3.16 7.57 -10.17
CA PRO A 97 -3.87 7.18 -11.43
C PRO A 97 -5.25 6.49 -11.15
N PHE A 98 -5.37 5.81 -9.99
CA PHE A 98 -6.59 5.04 -9.62
C PHE A 98 -7.62 5.91 -8.86
N GLU A 99 -7.25 7.14 -8.48
CA GLU A 99 -8.15 8.04 -7.70
C GLU A 99 -9.32 8.56 -8.55
N VAL A 100 -9.31 8.26 -9.87
CA VAL A 100 -10.47 8.44 -10.77
C VAL A 100 -11.70 7.67 -10.23
N TYR A 101 -11.43 6.48 -9.66
CA TYR A 101 -12.44 5.67 -8.93
C TYR A 101 -12.72 6.25 -7.51
N THR A 102 -11.64 6.45 -6.72
CA THR A 102 -11.75 6.79 -5.26
C THR A 102 -12.17 8.27 -5.02
N SER A 103 -12.29 9.05 -6.10
CA SER A 103 -12.82 10.44 -6.06
C SER A 103 -14.31 10.43 -5.64
N GLY A 104 -15.14 9.73 -6.45
CA GLY A 104 -16.55 9.53 -6.13
C GLY A 104 -16.80 8.41 -5.12
N LYS A 105 -15.94 7.37 -5.16
CA LYS A 105 -16.04 6.19 -4.25
C LYS A 105 -14.90 6.19 -3.21
N VAL A 106 -14.99 7.12 -2.25
CA VAL A 106 -14.03 7.22 -1.13
C VAL A 106 -14.35 6.15 -0.04
N LEU A 107 -13.63 5.02 -0.10
CA LEU A 107 -13.88 3.84 0.77
C LEU A 107 -12.96 3.86 2.03
N PRO A 1 4.13 -9.85 -7.74
CA PRO A 1 3.24 -9.77 -6.56
C PRO A 1 3.38 -11.06 -5.70
N ARG A 2 4.16 -10.97 -4.59
CA ARG A 2 4.31 -12.09 -3.61
C ARG A 2 4.95 -13.35 -4.29
N VAL A 3 5.75 -13.12 -5.35
CA VAL A 3 6.33 -14.21 -6.20
C VAL A 3 7.34 -15.10 -5.42
N GLN A 4 8.06 -14.49 -4.45
CA GLN A 4 8.98 -15.23 -3.57
C GLN A 4 8.17 -16.07 -2.54
N ARG A 5 8.22 -17.41 -2.69
CA ARG A 5 7.39 -18.37 -1.92
C ARG A 5 5.90 -18.27 -2.29
N LEU A 6 5.45 -19.25 -3.11
CA LEU A 6 4.06 -19.36 -3.57
C LEU A 6 3.15 -19.86 -2.42
N ASN A 7 2.07 -19.10 -2.14
CA ASN A 7 1.14 -19.32 -0.99
C ASN A 7 1.91 -19.18 0.36
N GLU A 8 2.02 -17.94 0.85
CA GLU A 8 2.89 -17.60 2.01
C GLU A 8 2.21 -17.92 3.37
N LEU A 9 1.23 -17.08 3.79
CA LEU A 9 0.58 -17.20 5.12
C LEU A 9 -0.58 -18.23 5.09
N GLU A 10 -1.84 -17.76 4.85
CA GLU A 10 -3.05 -18.63 4.77
C GLU A 10 -4.03 -18.10 3.70
N ALA A 11 -4.08 -16.75 3.58
CA ALA A 11 -4.92 -16.01 2.61
C ALA A 11 -6.45 -16.17 2.89
N LYS A 12 -6.80 -16.53 4.15
CA LYS A 12 -8.21 -16.65 4.59
C LYS A 12 -8.92 -15.27 4.67
N THR A 13 -8.10 -14.19 4.70
CA THR A 13 -8.56 -12.78 4.68
C THR A 13 -8.98 -12.36 3.24
N ARG A 14 -10.00 -13.05 2.70
CA ARG A 14 -10.41 -12.89 1.29
C ARG A 14 -11.02 -11.49 1.03
N VAL A 15 -12.18 -11.18 1.67
CA VAL A 15 -12.90 -9.89 1.49
C VAL A 15 -12.01 -8.66 1.85
N LYS A 16 -11.10 -8.87 2.82
CA LYS A 16 -10.17 -7.83 3.29
C LYS A 16 -9.13 -7.46 2.21
N LEU A 17 -8.41 -8.46 1.69
CA LEU A 17 -7.41 -8.27 0.61
C LEU A 17 -8.05 -8.22 -0.80
N ASN A 18 -9.36 -8.47 -0.89
CA ASN A 18 -10.12 -8.40 -2.17
C ASN A 18 -10.10 -6.97 -2.76
N PHE A 19 -10.06 -5.95 -1.86
CA PHE A 19 -9.92 -4.52 -2.25
C PHE A 19 -8.59 -4.30 -3.00
N LEU A 20 -7.53 -4.95 -2.51
CA LEU A 20 -6.21 -4.97 -3.15
C LEU A 20 -6.28 -5.69 -4.53
N ASP A 21 -7.06 -6.77 -4.63
CA ASP A 21 -7.25 -7.51 -5.90
C ASP A 21 -8.13 -6.74 -6.92
N GLN A 22 -9.03 -5.86 -6.43
CA GLN A 22 -9.87 -4.98 -7.29
C GLN A 22 -8.99 -3.97 -8.08
N ILE A 23 -8.09 -3.28 -7.35
CA ILE A 23 -7.15 -2.30 -7.94
C ILE A 23 -6.00 -3.00 -8.71
N ALA A 24 -5.55 -4.18 -8.21
CA ALA A 24 -4.46 -4.96 -8.87
C ALA A 24 -4.93 -5.61 -10.20
N LYS A 25 -6.26 -5.80 -10.33
CA LYS A 25 -6.89 -6.31 -11.56
C LYS A 25 -6.71 -5.30 -12.73
N PHE A 26 -6.72 -4.00 -12.40
CA PHE A 26 -6.40 -2.91 -13.34
C PHE A 26 -4.93 -3.03 -13.84
N TRP A 27 -4.01 -3.38 -12.92
CA TRP A 27 -2.56 -3.50 -13.22
C TRP A 27 -2.18 -4.85 -13.88
N GLU A 28 -3.14 -5.80 -13.98
CA GLU A 28 -2.97 -7.00 -14.83
C GLU A 28 -2.92 -6.62 -16.33
N LEU A 29 -3.58 -5.49 -16.66
CA LEU A 29 -3.57 -4.89 -18.01
C LEU A 29 -2.37 -3.90 -18.13
N GLN A 30 -2.24 -2.99 -17.14
CA GLN A 30 -1.28 -1.87 -17.18
C GLN A 30 0.19 -2.33 -16.98
N GLY A 31 0.49 -2.94 -15.82
CA GLY A 31 1.86 -3.40 -15.51
C GLY A 31 2.29 -3.01 -14.08
N SER A 32 3.57 -2.59 -13.93
CA SER A 32 4.16 -2.10 -12.65
C SER A 32 4.10 -3.15 -11.51
N SER A 33 4.43 -2.73 -10.27
CA SER A 33 4.39 -3.62 -9.08
C SER A 33 3.28 -3.18 -8.10
N LEU A 34 2.15 -3.90 -8.10
CA LEU A 34 1.13 -3.78 -7.03
C LEU A 34 1.03 -5.13 -6.25
N LYS A 35 0.38 -5.09 -5.06
CA LYS A 35 0.48 -6.14 -4.03
C LYS A 35 1.94 -6.19 -3.48
N ILE A 36 2.54 -4.97 -3.39
CA ILE A 36 3.81 -4.72 -2.68
C ILE A 36 3.55 -3.64 -1.56
N PRO A 37 2.90 -4.02 -0.42
CA PRO A 37 2.69 -3.11 0.73
C PRO A 37 3.94 -3.07 1.62
N MET A 38 4.30 -4.23 2.17
CA MET A 38 5.55 -4.44 2.88
C MET A 38 6.68 -4.74 1.87
N VAL A 39 7.37 -3.66 1.49
CA VAL A 39 8.42 -3.64 0.44
C VAL A 39 9.74 -4.21 0.99
N GLU A 40 9.95 -3.99 2.28
CA GLU A 40 11.21 -4.23 2.97
C GLU A 40 11.46 -5.75 3.21
N ARG A 41 10.69 -6.35 4.15
CA ARG A 41 10.96 -7.73 4.62
C ARG A 41 9.74 -8.32 5.37
N LYS A 42 8.65 -7.55 5.53
CA LYS A 42 7.51 -7.97 6.39
C LYS A 42 6.42 -8.69 5.56
N ALA A 43 5.43 -9.30 6.24
CA ALA A 43 4.32 -10.04 5.57
C ALA A 43 3.32 -9.05 4.93
N LEU A 44 2.98 -9.30 3.65
CA LEU A 44 2.26 -8.33 2.80
C LEU A 44 0.75 -8.37 3.10
N ASP A 45 0.21 -7.21 3.51
CA ASP A 45 -1.23 -7.04 3.77
C ASP A 45 -1.60 -5.55 3.52
N LEU A 46 -1.93 -5.24 2.25
CA LEU A 46 -2.24 -3.85 1.82
C LEU A 46 -3.56 -3.34 2.44
N TYR A 47 -4.47 -4.26 2.80
CA TYR A 47 -5.70 -3.94 3.55
C TYR A 47 -5.38 -3.15 4.85
N THR A 48 -4.58 -3.77 5.74
CA THR A 48 -4.20 -3.14 7.03
C THR A 48 -3.16 -2.02 6.84
N LEU A 49 -2.25 -2.17 5.86
CA LEU A 49 -1.18 -1.16 5.59
C LEU A 49 -1.82 0.19 5.16
N HIS A 50 -2.81 0.11 4.25
CA HIS A 50 -3.59 1.29 3.78
C HIS A 50 -4.47 1.86 4.90
N ARG A 51 -4.96 0.97 5.79
CA ARG A 51 -5.74 1.36 6.97
C ARG A 51 -4.90 2.24 7.93
N ILE A 52 -3.62 1.86 8.14
CA ILE A 52 -2.66 2.62 8.98
C ILE A 52 -2.44 4.05 8.41
N VAL A 53 -2.19 4.10 7.09
CA VAL A 53 -2.01 5.38 6.35
C VAL A 53 -3.26 6.28 6.49
N GLN A 54 -4.45 5.65 6.46
CA GLN A 54 -5.76 6.30 6.70
C GLN A 54 -5.86 6.83 8.15
N GLU A 55 -5.40 6.02 9.13
CA GLU A 55 -5.42 6.37 10.57
C GLU A 55 -4.44 7.52 10.90
N GLU A 56 -3.39 7.68 10.06
CA GLU A 56 -2.48 8.84 10.12
C GLU A 56 -3.13 10.11 9.52
N GLY A 57 -4.13 9.92 8.64
CA GLY A 57 -4.92 11.05 8.08
C GLY A 57 -5.41 10.82 6.64
N GLY A 58 -4.98 9.71 6.01
CA GLY A 58 -5.17 9.48 4.56
C GLY A 58 -3.97 10.01 3.78
N MET A 59 -3.42 9.21 2.83
CA MET A 59 -2.04 9.40 2.27
C MET A 59 -1.67 10.85 1.85
N GLU A 60 -2.64 11.56 1.26
CA GLU A 60 -2.50 12.98 0.83
C GLU A 60 -2.27 13.93 2.05
N GLN A 61 -3.04 13.71 3.13
CA GLN A 61 -2.90 14.44 4.41
C GLN A 61 -1.63 13.97 5.16
N THR A 62 -1.36 12.66 5.11
CA THR A 62 -0.19 12.00 5.75
C THR A 62 1.16 12.55 5.19
N THR A 63 1.16 12.95 3.90
CA THR A 63 2.33 13.61 3.25
C THR A 63 2.55 15.04 3.84
N LYS A 64 1.44 15.80 4.02
CA LYS A 64 1.48 17.17 4.60
C LYS A 64 1.91 17.16 6.08
N ASP A 65 1.43 16.14 6.81
CA ASP A 65 1.78 15.91 8.23
C ASP A 65 3.17 15.23 8.38
N ARG A 66 3.65 14.60 7.27
CA ARG A 66 4.96 13.90 7.21
C ARG A 66 4.97 12.64 8.13
N LYS A 67 3.79 11.98 8.25
CA LYS A 67 3.58 10.78 9.11
C LYS A 67 3.85 9.44 8.37
N TRP A 68 4.56 9.48 7.24
CA TRP A 68 4.95 8.24 6.51
C TRP A 68 5.93 7.37 7.33
N ALA A 69 6.76 8.05 8.14
CA ALA A 69 7.64 7.41 9.14
C ALA A 69 6.82 6.58 10.16
N LYS A 70 5.70 7.17 10.62
CA LYS A 70 4.76 6.55 11.60
C LYS A 70 4.14 5.23 11.06
N VAL A 71 3.87 5.18 9.75
CA VAL A 71 3.30 3.97 9.08
C VAL A 71 4.27 2.76 9.19
N ALA A 72 5.58 3.05 9.02
CA ALA A 72 6.66 2.07 9.16
C ALA A 72 6.82 1.58 10.63
N ASN A 73 6.63 2.50 11.60
CA ASN A 73 6.70 2.19 13.06
C ASN A 73 5.58 1.23 13.52
N ARG A 74 4.37 1.40 12.94
CA ARG A 74 3.20 0.53 13.25
C ARG A 74 3.45 -0.93 12.79
N MET A 75 4.05 -1.09 11.59
CA MET A 75 4.39 -2.44 11.04
C MET A 75 5.85 -2.85 11.32
N GLN A 76 6.48 -2.15 12.29
CA GLN A 76 7.83 -2.48 12.84
C GLN A 76 8.88 -2.80 11.73
N TYR A 77 9.18 -1.77 10.94
CA TYR A 77 10.25 -1.77 9.92
C TYR A 77 11.64 -1.47 10.59
N PRO A 78 12.81 -1.67 9.86
CA PRO A 78 14.18 -1.36 10.39
C PRO A 78 14.34 0.10 10.93
N SER A 79 14.33 1.09 10.03
CA SER A 79 14.41 2.53 10.39
C SER A 79 13.43 3.33 9.54
N SER A 80 12.51 4.06 10.19
CA SER A 80 11.40 4.83 9.56
C SER A 80 11.88 5.83 8.47
N LYS A 81 13.16 6.22 8.58
CA LYS A 81 13.86 7.16 7.69
C LYS A 81 13.64 6.89 6.17
N SER A 82 14.13 5.73 5.69
CA SER A 82 14.10 5.39 4.25
C SER A 82 12.79 4.68 3.85
N VAL A 83 12.36 3.69 4.68
CA VAL A 83 11.14 2.87 4.41
C VAL A 83 9.85 3.73 4.29
N GLY A 84 9.72 4.77 5.13
CA GLY A 84 8.54 5.66 5.09
C GLY A 84 8.41 6.42 3.75
N ALA A 85 9.55 6.94 3.27
CA ALA A 85 9.65 7.64 1.97
C ALA A 85 9.46 6.67 0.78
N THR A 86 9.88 5.40 0.97
CA THR A 86 9.75 4.32 -0.05
C THR A 86 8.26 3.89 -0.21
N LEU A 87 7.54 3.80 0.93
CA LEU A 87 6.09 3.49 0.94
C LEU A 87 5.29 4.64 0.26
N LYS A 88 5.68 5.90 0.57
CA LYS A 88 5.08 7.10 -0.05
C LYS A 88 5.21 7.06 -1.57
N ALA A 89 6.44 6.87 -2.05
CA ALA A 89 6.77 6.82 -3.49
C ALA A 89 6.03 5.68 -4.22
N HIS A 90 6.03 4.48 -3.61
CA HIS A 90 5.37 3.28 -4.18
C HIS A 90 3.83 3.46 -4.27
N TYR A 91 3.26 4.11 -3.25
CA TYR A 91 1.83 4.50 -3.24
C TYR A 91 1.52 5.40 -4.45
N GLU A 92 2.25 6.53 -4.54
CA GLU A 92 2.10 7.57 -5.59
C GLU A 92 2.05 7.00 -7.04
N ARG A 93 2.89 5.98 -7.33
CA ARG A 93 2.95 5.34 -8.68
C ARG A 93 1.59 4.71 -9.05
N ILE A 94 1.13 3.83 -8.17
CA ILE A 94 -0.14 3.09 -8.34
C ILE A 94 -1.38 4.02 -8.13
N LEU A 95 -1.20 5.05 -7.30
CA LEU A 95 -2.27 5.98 -6.88
C LEU A 95 -2.78 6.86 -8.04
N HIS A 96 -1.84 7.50 -8.77
CA HIS A 96 -2.15 8.57 -9.75
C HIS A 96 -3.13 8.15 -10.90
N PRO A 97 -3.03 6.92 -11.51
CA PRO A 97 -4.06 6.44 -12.49
C PRO A 97 -5.34 5.83 -11.84
N PHE A 98 -5.42 5.87 -10.50
CA PHE A 98 -6.57 5.31 -9.71
C PHE A 98 -7.20 6.39 -8.78
N GLU A 99 -6.56 7.57 -8.64
CA GLU A 99 -7.05 8.68 -7.77
C GLU A 99 -8.36 9.32 -8.28
N VAL A 100 -8.76 8.95 -9.51
CA VAL A 100 -10.09 9.31 -10.07
C VAL A 100 -11.22 8.74 -9.17
N TYR A 101 -10.95 7.58 -8.57
CA TYR A 101 -11.84 6.93 -7.59
C TYR A 101 -11.63 7.48 -6.15
N THR A 102 -10.43 7.23 -5.56
CA THR A 102 -10.19 7.42 -4.10
C THR A 102 -9.48 8.75 -3.73
N SER A 103 -8.98 9.49 -4.75
CA SER A 103 -8.17 10.73 -4.57
C SER A 103 -6.79 10.43 -3.91
N GLY A 104 -5.91 11.44 -3.93
CA GLY A 104 -4.59 11.36 -3.29
C GLY A 104 -3.73 12.59 -3.54
N LYS A 105 -4.39 13.76 -3.70
CA LYS A 105 -3.69 15.03 -3.99
C LYS A 105 -3.27 15.76 -2.69
N VAL A 106 -1.96 16.07 -2.60
CA VAL A 106 -1.38 16.83 -1.47
C VAL A 106 -1.80 18.31 -1.56
N LEU A 107 -2.99 18.64 -1.04
CA LEU A 107 -3.61 19.98 -1.10
C LEU A 107 -3.63 20.65 0.31
N PRO A 1 6.69 -8.12 -14.85
CA PRO A 1 6.06 -8.34 -13.52
C PRO A 1 6.87 -7.69 -12.39
N ARG A 2 6.17 -7.09 -11.41
CA ARG A 2 6.77 -6.62 -10.15
C ARG A 2 6.52 -7.66 -9.03
N VAL A 3 5.41 -8.41 -9.16
CA VAL A 3 5.05 -9.51 -8.23
C VAL A 3 5.99 -10.72 -8.38
N GLN A 4 6.25 -11.41 -7.26
CA GLN A 4 7.03 -12.67 -7.25
C GLN A 4 6.07 -13.88 -7.10
N ARG A 5 5.22 -13.85 -6.05
CA ARG A 5 4.34 -15.00 -5.66
C ARG A 5 2.93 -14.52 -5.23
N LEU A 6 2.06 -15.52 -4.94
CA LEU A 6 0.68 -15.30 -4.46
C LEU A 6 0.36 -16.34 -3.35
N ASN A 7 -0.13 -15.84 -2.18
CA ASN A 7 -0.35 -16.65 -0.93
C ASN A 7 1.00 -17.19 -0.35
N GLU A 8 1.00 -17.71 0.89
CA GLU A 8 2.23 -18.20 1.54
C GLU A 8 1.93 -19.30 2.59
N LEU A 9 1.19 -18.94 3.65
CA LEU A 9 0.73 -19.91 4.68
C LEU A 9 -0.70 -20.39 4.34
N GLU A 10 -1.65 -19.43 4.38
CA GLU A 10 -3.09 -19.69 4.17
C GLU A 10 -3.81 -18.37 3.81
N ALA A 11 -4.85 -18.46 2.97
CA ALA A 11 -5.61 -17.29 2.49
C ALA A 11 -6.90 -17.07 3.33
N LYS A 12 -6.74 -16.59 4.56
CA LYS A 12 -7.87 -16.25 5.46
C LYS A 12 -8.27 -14.76 5.33
N THR A 13 -7.32 -13.93 4.87
CA THR A 13 -7.51 -12.47 4.64
C THR A 13 -8.16 -12.18 3.25
N ARG A 14 -9.05 -13.09 2.79
CA ARG A 14 -9.66 -13.02 1.44
C ARG A 14 -10.48 -11.72 1.22
N VAL A 15 -11.48 -11.48 2.08
CA VAL A 15 -12.35 -10.26 2.00
C VAL A 15 -11.54 -8.95 2.22
N LYS A 16 -10.44 -9.07 2.99
CA LYS A 16 -9.59 -7.94 3.37
C LYS A 16 -8.76 -7.41 2.18
N LEU A 17 -8.01 -8.31 1.54
CA LEU A 17 -7.19 -7.98 0.35
C LEU A 17 -8.02 -8.00 -0.97
N ASN A 18 -9.31 -8.39 -0.88
CA ASN A 18 -10.25 -8.40 -2.05
C ASN A 18 -10.39 -6.98 -2.68
N PHE A 19 -10.37 -5.95 -1.82
CA PHE A 19 -10.42 -4.53 -2.25
C PHE A 19 -9.19 -4.17 -3.11
N LEU A 20 -8.03 -4.71 -2.69
CA LEU A 20 -6.75 -4.54 -3.39
C LEU A 20 -6.70 -5.35 -4.72
N ASP A 21 -7.44 -6.48 -4.77
CA ASP A 21 -7.51 -7.34 -5.97
C ASP A 21 -8.27 -6.68 -7.14
N GLN A 22 -9.14 -5.69 -6.84
CA GLN A 22 -9.85 -4.88 -7.86
C GLN A 22 -8.83 -4.11 -8.75
N ILE A 23 -8.00 -3.28 -8.09
CA ILE A 23 -6.93 -2.51 -8.75
C ILE A 23 -5.74 -3.43 -9.20
N ALA A 24 -5.58 -4.60 -8.54
CA ALA A 24 -4.55 -5.60 -8.92
C ALA A 24 -4.75 -6.08 -10.38
N LYS A 25 -6.01 -6.35 -10.74
CA LYS A 25 -6.38 -6.78 -12.11
C LYS A 25 -6.04 -5.71 -13.17
N PHE A 26 -6.29 -4.43 -12.81
CA PHE A 26 -5.90 -3.25 -13.63
C PHE A 26 -4.38 -3.26 -13.95
N TRP A 27 -3.57 -3.53 -12.90
CA TRP A 27 -2.10 -3.56 -13.02
C TRP A 27 -1.51 -4.89 -13.53
N GLU A 28 -2.29 -5.99 -13.48
CA GLU A 28 -1.92 -7.28 -14.12
C GLU A 28 -1.96 -7.11 -15.65
N LEU A 29 -2.89 -6.26 -16.10
CA LEU A 29 -2.98 -5.82 -17.49
C LEU A 29 -1.82 -4.83 -17.82
N GLN A 30 -1.45 -3.99 -16.84
CA GLN A 30 -0.30 -3.03 -16.97
C GLN A 30 1.09 -3.73 -16.85
N GLY A 31 1.11 -5.03 -16.50
CA GLY A 31 2.37 -5.81 -16.40
C GLY A 31 2.63 -6.37 -15.01
N SER A 32 1.58 -6.90 -14.36
CA SER A 32 1.63 -7.59 -13.05
C SER A 32 2.37 -6.78 -11.95
N SER A 33 2.05 -5.48 -11.87
CA SER A 33 2.76 -4.52 -10.98
C SER A 33 1.83 -3.90 -9.92
N LEU A 34 1.39 -4.75 -8.96
CA LEU A 34 0.52 -4.34 -7.84
C LEU A 34 0.67 -5.34 -6.68
N LYS A 35 0.14 -4.96 -5.50
CA LYS A 35 0.11 -5.83 -4.30
C LYS A 35 1.54 -6.07 -3.78
N ILE A 36 2.34 -4.97 -3.81
CA ILE A 36 3.67 -4.88 -3.17
C ILE A 36 3.62 -3.78 -2.07
N PRO A 37 2.98 -4.05 -0.89
CA PRO A 37 2.94 -3.12 0.26
C PRO A 37 4.18 -3.27 1.17
N MET A 38 4.33 -4.48 1.73
CA MET A 38 5.43 -4.85 2.61
C MET A 38 6.75 -5.00 1.82
N VAL A 39 7.56 -3.95 1.92
CA VAL A 39 8.89 -3.86 1.28
C VAL A 39 9.93 -4.61 2.16
N GLU A 40 9.59 -4.75 3.44
CA GLU A 40 10.40 -5.47 4.45
C GLU A 40 10.28 -7.02 4.32
N ARG A 41 9.70 -7.52 3.20
CA ARG A 41 9.64 -8.96 2.83
C ARG A 41 8.70 -9.78 3.73
N LYS A 42 7.78 -9.11 4.45
CA LYS A 42 6.97 -9.77 5.53
C LYS A 42 5.47 -9.60 5.28
N ALA A 43 4.91 -10.58 4.51
CA ALA A 43 3.50 -10.60 4.03
C ALA A 43 3.23 -9.52 2.95
N LEU A 44 1.96 -9.40 2.50
CA LEU A 44 1.50 -8.32 1.57
C LEU A 44 0.06 -7.92 1.96
N ASP A 45 -0.07 -7.01 2.92
CA ASP A 45 -1.36 -6.56 3.45
C ASP A 45 -1.52 -5.01 3.33
N LEU A 46 -1.83 -4.55 2.11
CA LEU A 46 -2.10 -3.11 1.84
C LEU A 46 -3.38 -2.68 2.59
N TYR A 47 -4.30 -3.64 2.82
CA TYR A 47 -5.49 -3.48 3.68
C TYR A 47 -5.15 -2.82 5.05
N THR A 48 -4.28 -3.49 5.85
CA THR A 48 -3.91 -3.01 7.21
C THR A 48 -2.95 -1.81 7.17
N LEU A 49 -2.09 -1.76 6.12
CA LEU A 49 -1.11 -0.66 5.93
C LEU A 49 -1.87 0.67 5.66
N HIS A 50 -2.96 0.58 4.86
CA HIS A 50 -3.88 1.71 4.55
C HIS A 50 -4.54 2.25 5.84
N ARG A 51 -4.88 1.32 6.75
CA ARG A 51 -5.51 1.63 8.06
C ARG A 51 -4.52 2.32 9.03
N ILE A 52 -3.25 1.88 9.01
CA ILE A 52 -2.14 2.54 9.75
C ILE A 52 -1.97 4.01 9.31
N VAL A 53 -1.97 4.24 7.98
CA VAL A 53 -1.92 5.61 7.39
C VAL A 53 -3.21 6.41 7.73
N GLN A 54 -4.36 5.70 7.81
CA GLN A 54 -5.68 6.29 8.16
C GLN A 54 -5.72 6.78 9.63
N GLU A 55 -4.99 6.06 10.53
CA GLU A 55 -4.83 6.46 11.95
C GLU A 55 -4.05 7.79 12.07
N GLU A 56 -3.16 8.06 11.09
CA GLU A 56 -2.43 9.34 10.99
C GLU A 56 -3.20 10.39 10.14
N GLY A 57 -4.49 10.13 9.87
CA GLY A 57 -5.39 11.12 9.22
C GLY A 57 -5.62 10.88 7.72
N GLY A 58 -5.18 9.71 7.20
CA GLY A 58 -5.32 9.38 5.77
C GLY A 58 -4.04 9.68 4.95
N MET A 59 -3.99 9.16 3.70
CA MET A 59 -2.78 9.24 2.82
C MET A 59 -2.36 10.71 2.57
N GLU A 60 -3.35 11.56 2.32
CA GLU A 60 -3.14 12.99 1.96
C GLU A 60 -2.50 13.77 3.14
N GLN A 61 -3.08 13.64 4.35
CA GLN A 61 -2.58 14.34 5.56
C GLN A 61 -1.20 13.79 5.98
N THR A 62 -1.04 12.46 5.94
CA THR A 62 0.24 11.77 6.27
C THR A 62 1.39 12.17 5.29
N THR A 63 1.03 12.52 4.04
CA THR A 63 2.00 13.05 3.03
C THR A 63 2.36 14.54 3.28
N LYS A 64 1.32 15.38 3.52
CA LYS A 64 1.49 16.84 3.74
C LYS A 64 2.28 17.14 5.02
N ASP A 65 1.90 16.46 6.10
CA ASP A 65 2.53 16.56 7.43
C ASP A 65 3.83 15.70 7.49
N ARG A 66 3.93 14.74 6.53
CA ARG A 66 5.11 13.87 6.31
C ARG A 66 5.43 13.01 7.55
N LYS A 67 4.52 12.06 7.85
CA LYS A 67 4.61 11.16 9.03
C LYS A 67 4.72 9.66 8.63
N TRP A 68 5.19 9.39 7.40
CA TRP A 68 5.33 8.02 6.86
C TRP A 68 6.38 7.17 7.62
N ALA A 69 7.29 7.83 8.36
CA ALA A 69 8.22 7.15 9.28
C ALA A 69 7.45 6.38 10.37
N LYS A 70 6.41 7.03 10.94
CA LYS A 70 5.50 6.40 11.94
C LYS A 70 4.74 5.20 11.35
N VAL A 71 4.36 5.31 10.06
CA VAL A 71 3.67 4.24 9.31
C VAL A 71 4.54 2.96 9.22
N ALA A 72 5.83 3.14 8.89
CA ALA A 72 6.80 2.02 8.80
C ALA A 72 7.07 1.39 10.20
N ASN A 73 7.38 2.24 11.20
CA ASN A 73 7.65 1.79 12.59
C ASN A 73 6.45 1.03 13.22
N ARG A 74 5.23 1.49 12.92
CA ARG A 74 3.99 0.83 13.39
C ARG A 74 3.76 -0.52 12.66
N MET A 75 4.24 -0.64 11.41
CA MET A 75 4.16 -1.91 10.64
C MET A 75 5.36 -2.86 11.03
N GLN A 76 6.09 -2.49 12.12
CA GLN A 76 7.19 -3.29 12.73
C GLN A 76 8.45 -3.33 11.83
N TYR A 77 8.62 -2.26 11.03
CA TYR A 77 9.81 -2.06 10.16
C TYR A 77 10.97 -1.39 10.96
N PRO A 78 12.22 -1.31 10.36
CA PRO A 78 13.32 -0.48 10.92
C PRO A 78 12.94 1.02 10.99
N SER A 79 13.58 1.75 11.93
CA SER A 79 13.25 3.16 12.21
C SER A 79 13.84 4.16 11.18
N SER A 80 14.56 3.64 10.17
CA SER A 80 15.11 4.44 9.06
C SER A 80 13.97 5.05 8.21
N LYS A 81 14.00 6.39 8.07
CA LYS A 81 12.89 7.20 7.47
C LYS A 81 12.77 6.99 5.94
N SER A 82 13.84 6.42 5.33
CA SER A 82 13.86 6.04 3.90
C SER A 82 12.81 4.94 3.59
N VAL A 83 12.58 4.02 4.55
CA VAL A 83 11.61 2.90 4.41
C VAL A 83 10.16 3.47 4.33
N GLY A 84 9.86 4.45 5.21
CA GLY A 84 8.57 5.14 5.19
C GLY A 84 8.32 5.92 3.90
N ALA A 85 9.37 6.60 3.40
CA ALA A 85 9.35 7.34 2.12
C ALA A 85 9.16 6.39 0.89
N THR A 86 9.66 5.13 1.03
CA THR A 86 9.46 4.06 0.02
C THR A 86 7.96 3.64 -0.05
N LEU A 87 7.32 3.51 1.13
CA LEU A 87 5.87 3.20 1.24
C LEU A 87 5.01 4.35 0.65
N LYS A 88 5.42 5.59 0.96
CA LYS A 88 4.81 6.83 0.43
C LYS A 88 4.79 6.81 -1.10
N ALA A 89 5.96 6.55 -1.68
CA ALA A 89 6.15 6.46 -3.12
C ALA A 89 5.26 5.37 -3.77
N HIS A 90 5.15 4.20 -3.10
CA HIS A 90 4.28 3.06 -3.56
C HIS A 90 2.80 3.50 -3.69
N TYR A 91 2.29 4.23 -2.68
CA TYR A 91 0.91 4.78 -2.72
C TYR A 91 0.74 5.76 -3.89
N GLU A 92 1.66 6.73 -4.01
CA GLU A 92 1.62 7.80 -5.03
C GLU A 92 1.58 7.26 -6.49
N ARG A 93 2.59 6.44 -6.87
CA ARG A 93 2.69 5.87 -8.25
C ARG A 93 1.50 4.98 -8.66
N ILE A 94 0.75 4.47 -7.68
CA ILE A 94 -0.37 3.52 -7.91
C ILE A 94 -1.75 4.21 -7.79
N LEU A 95 -1.83 5.29 -6.98
CA LEU A 95 -3.10 6.06 -6.77
C LEU A 95 -3.38 6.97 -8.00
N HIS A 96 -2.33 7.62 -8.53
CA HIS A 96 -2.45 8.63 -9.63
C HIS A 96 -2.95 8.07 -11.02
N PRO A 97 -2.57 6.84 -11.49
CA PRO A 97 -3.19 6.24 -12.71
C PRO A 97 -4.62 5.68 -12.46
N PHE A 98 -4.99 5.48 -11.18
CA PHE A 98 -6.31 4.94 -10.78
C PHE A 98 -7.23 6.05 -10.19
N GLU A 99 -6.71 7.30 -10.12
CA GLU A 99 -7.44 8.45 -9.54
C GLU A 99 -8.61 8.93 -10.44
N VAL A 100 -8.67 8.40 -11.67
CA VAL A 100 -9.80 8.64 -12.59
C VAL A 100 -11.14 8.13 -11.95
N TYR A 101 -11.00 7.14 -11.05
CA TYR A 101 -12.09 6.67 -10.17
C TYR A 101 -12.09 7.45 -8.82
N THR A 102 -10.96 7.38 -8.07
CA THR A 102 -10.90 7.84 -6.64
C THR A 102 -10.95 9.39 -6.50
N SER A 103 -10.15 10.10 -7.30
CA SER A 103 -10.14 11.59 -7.35
C SER A 103 -11.14 12.09 -8.42
N GLY A 104 -12.39 11.60 -8.34
CA GLY A 104 -13.44 11.94 -9.32
C GLY A 104 -14.12 13.28 -9.03
N LYS A 105 -13.32 14.36 -9.01
CA LYS A 105 -13.81 15.75 -8.86
C LYS A 105 -14.17 16.33 -10.25
N VAL A 106 -15.16 17.26 -10.29
CA VAL A 106 -15.52 17.99 -11.53
C VAL A 106 -14.35 18.92 -11.95
N LEU A 107 -13.46 18.38 -12.80
CA LEU A 107 -12.23 19.07 -13.27
C LEU A 107 -12.51 19.90 -14.56
N PRO A 1 9.56 -5.10 -8.77
CA PRO A 1 9.27 -6.40 -8.13
C PRO A 1 10.32 -6.76 -7.04
N ARG A 2 10.07 -7.85 -6.30
CA ARG A 2 11.02 -8.40 -5.30
C ARG A 2 10.76 -9.91 -5.10
N VAL A 3 9.52 -10.25 -4.72
CA VAL A 3 9.08 -11.65 -4.46
C VAL A 3 8.12 -12.13 -5.58
N GLN A 4 8.20 -13.44 -5.94
CA GLN A 4 7.34 -14.06 -6.98
C GLN A 4 6.68 -15.37 -6.47
N ARG A 5 7.27 -15.97 -5.42
CA ARG A 5 6.74 -17.19 -4.76
C ARG A 5 6.16 -16.85 -3.37
N LEU A 6 5.52 -17.87 -2.74
CA LEU A 6 4.82 -17.75 -1.42
C LEU A 6 3.52 -16.88 -1.48
N ASN A 7 3.25 -16.23 -2.64
CA ASN A 7 2.12 -15.31 -2.80
C ASN A 7 1.78 -15.09 -4.30
N GLU A 8 0.58 -15.54 -4.69
CA GLU A 8 0.02 -15.28 -6.05
C GLU A 8 -0.96 -14.09 -5.99
N LEU A 9 -2.09 -14.28 -5.29
CA LEU A 9 -3.17 -13.28 -5.18
C LEU A 9 -3.52 -13.03 -3.69
N GLU A 10 -4.30 -13.96 -3.09
CA GLU A 10 -4.82 -13.85 -1.71
C GLU A 10 -3.96 -14.72 -0.74
N ALA A 11 -3.31 -14.07 0.24
CA ALA A 11 -2.36 -14.74 1.16
C ALA A 11 -3.09 -15.61 2.21
N LYS A 12 -3.88 -14.96 3.07
CA LYS A 12 -4.61 -15.65 4.16
C LYS A 12 -6.04 -15.08 4.31
N THR A 13 -6.12 -13.76 4.57
CA THR A 13 -7.39 -13.02 4.62
C THR A 13 -7.84 -12.63 3.19
N ARG A 14 -8.88 -13.30 2.70
CA ARG A 14 -9.28 -13.23 1.28
C ARG A 14 -10.23 -12.04 1.00
N VAL A 15 -11.35 -11.94 1.76
CA VAL A 15 -12.32 -10.82 1.65
C VAL A 15 -11.65 -9.45 1.97
N LYS A 16 -10.63 -9.48 2.85
CA LYS A 16 -9.88 -8.30 3.29
C LYS A 16 -8.94 -7.78 2.15
N LEU A 17 -8.08 -8.67 1.64
CA LEU A 17 -7.17 -8.36 0.50
C LEU A 17 -7.87 -8.35 -0.89
N ASN A 18 -9.17 -8.73 -0.92
CA ASN A 18 -10.00 -8.70 -2.16
C ASN A 18 -10.00 -7.30 -2.83
N PHE A 19 -10.02 -6.24 -1.99
CA PHE A 19 -9.99 -4.82 -2.46
C PHE A 19 -8.71 -4.51 -3.28
N LEU A 20 -7.58 -5.11 -2.85
CA LEU A 20 -6.29 -5.00 -3.56
C LEU A 20 -6.34 -5.79 -4.89
N ASP A 21 -7.03 -6.93 -4.90
CA ASP A 21 -7.20 -7.75 -6.12
C ASP A 21 -8.21 -7.11 -7.12
N GLN A 22 -9.09 -6.23 -6.62
CA GLN A 22 -10.01 -5.41 -7.45
C GLN A 22 -9.22 -4.38 -8.29
N ILE A 23 -8.30 -3.65 -7.63
CA ILE A 23 -7.40 -2.66 -8.31
C ILE A 23 -6.31 -3.38 -9.16
N ALA A 24 -5.88 -4.60 -8.74
CA ALA A 24 -4.92 -5.44 -9.51
C ALA A 24 -5.43 -5.79 -10.94
N LYS A 25 -6.75 -5.87 -11.09
CA LYS A 25 -7.44 -6.05 -12.39
C LYS A 25 -7.06 -4.92 -13.40
N PHE A 26 -6.90 -3.70 -12.87
CA PHE A 26 -6.44 -2.51 -13.62
C PHE A 26 -4.91 -2.57 -13.88
N TRP A 27 -4.14 -3.05 -12.90
CA TRP A 27 -2.65 -3.14 -12.99
C TRP A 27 -2.13 -4.32 -13.84
N GLU A 28 -3.06 -5.23 -14.25
CA GLU A 28 -2.76 -6.25 -15.29
C GLU A 28 -2.43 -5.57 -16.65
N LEU A 29 -2.97 -4.36 -16.87
CA LEU A 29 -2.67 -3.53 -18.06
C LEU A 29 -1.45 -2.60 -17.80
N GLN A 30 -1.36 -2.04 -16.58
CA GLN A 30 -0.30 -1.05 -16.19
C GLN A 30 1.14 -1.64 -16.30
N GLY A 31 1.31 -2.89 -15.83
CA GLY A 31 2.61 -3.60 -15.92
C GLY A 31 3.50 -3.46 -14.68
N SER A 32 3.42 -2.29 -14.00
CA SER A 32 4.22 -2.00 -12.78
C SER A 32 3.72 -2.78 -11.54
N SER A 33 4.55 -2.83 -10.49
CA SER A 33 4.33 -3.70 -9.32
C SER A 33 3.26 -3.14 -8.35
N LEU A 34 2.03 -3.69 -8.44
CA LEU A 34 1.02 -3.60 -7.38
C LEU A 34 1.19 -4.83 -6.42
N LYS A 35 0.44 -4.84 -5.30
CA LYS A 35 0.50 -5.93 -4.27
C LYS A 35 1.87 -5.91 -3.54
N ILE A 36 2.53 -4.74 -3.49
CA ILE A 36 3.78 -4.55 -2.71
C ILE A 36 3.55 -3.52 -1.55
N PRO A 37 2.91 -3.94 -0.41
CA PRO A 37 2.82 -3.14 0.82
C PRO A 37 4.01 -3.42 1.77
N MET A 38 4.07 -4.66 2.29
CA MET A 38 5.14 -5.12 3.18
C MET A 38 6.40 -5.54 2.39
N VAL A 39 7.24 -4.55 2.08
CA VAL A 39 8.50 -4.77 1.35
C VAL A 39 9.58 -5.47 2.25
N GLU A 40 9.76 -4.95 3.48
CA GLU A 40 10.75 -5.48 4.45
C GLU A 40 10.20 -6.65 5.30
N ARG A 41 8.87 -6.88 5.22
CA ARG A 41 8.16 -7.90 6.04
C ARG A 41 7.77 -9.12 5.16
N LYS A 42 7.75 -8.92 3.81
CA LYS A 42 7.60 -10.00 2.77
C LYS A 42 6.14 -10.50 2.60
N ALA A 43 5.41 -10.74 3.70
CA ALA A 43 3.98 -11.11 3.66
C ALA A 43 3.11 -9.84 3.43
N LEU A 44 2.32 -9.85 2.35
CA LEU A 44 1.72 -8.64 1.77
C LEU A 44 0.24 -8.45 2.21
N ASP A 45 -0.02 -7.41 3.02
CA ASP A 45 -1.37 -7.05 3.53
C ASP A 45 -1.65 -5.53 3.34
N LEU A 46 -2.01 -5.14 2.09
CA LEU A 46 -2.30 -3.71 1.74
C LEU A 46 -3.53 -3.20 2.52
N TYR A 47 -4.46 -4.12 2.82
CA TYR A 47 -5.68 -3.86 3.61
C TYR A 47 -5.37 -3.12 4.95
N THR A 48 -4.52 -3.74 5.80
CA THR A 48 -4.17 -3.18 7.13
C THR A 48 -3.18 -1.99 7.01
N LEU A 49 -2.31 -2.01 5.98
CA LEU A 49 -1.32 -0.92 5.73
C LEU A 49 -2.06 0.41 5.39
N HIS A 50 -3.15 0.29 4.60
CA HIS A 50 -4.02 1.41 4.20
C HIS A 50 -4.72 2.05 5.44
N ARG A 51 -5.08 1.21 6.41
CA ARG A 51 -5.60 1.66 7.73
C ARG A 51 -4.57 2.55 8.46
N ILE A 52 -3.31 2.06 8.51
CA ILE A 52 -2.20 2.75 9.22
C ILE A 52 -1.96 4.17 8.64
N VAL A 53 -1.94 4.27 7.29
CA VAL A 53 -1.82 5.55 6.56
C VAL A 53 -2.96 6.52 6.96
N GLN A 54 -4.21 6.00 6.94
CA GLN A 54 -5.44 6.75 7.28
C GLN A 54 -5.38 7.28 8.75
N GLU A 55 -4.88 6.46 9.67
CA GLU A 55 -4.74 6.81 11.10
C GLU A 55 -3.59 7.83 11.35
N GLU A 56 -2.62 7.90 10.41
CA GLU A 56 -1.59 8.97 10.40
C GLU A 56 -2.05 10.21 9.58
N GLY A 57 -3.31 10.18 9.10
CA GLY A 57 -3.95 11.34 8.44
C GLY A 57 -4.67 11.00 7.12
N GLY A 58 -4.16 9.98 6.41
CA GLY A 58 -4.60 9.65 5.04
C GLY A 58 -3.61 10.20 4.02
N MET A 59 -3.35 9.48 2.90
CA MET A 59 -2.16 9.68 2.00
C MET A 59 -1.80 11.17 1.74
N GLU A 60 -2.83 11.98 1.42
CA GLU A 60 -2.71 13.42 1.12
C GLU A 60 -2.25 14.24 2.38
N GLN A 61 -2.94 14.02 3.51
CA GLN A 61 -2.61 14.68 4.80
C GLN A 61 -1.25 14.18 5.37
N THR A 62 -1.08 12.85 5.44
CA THR A 62 0.14 12.16 5.97
C THR A 62 1.46 12.66 5.31
N THR A 63 1.40 12.96 4.00
CA THR A 63 2.54 13.54 3.24
C THR A 63 2.89 14.96 3.75
N LYS A 64 1.85 15.82 3.87
CA LYS A 64 1.98 17.19 4.39
C LYS A 64 2.23 17.21 5.93
N ASP A 65 1.90 16.09 6.59
CA ASP A 65 2.10 15.90 8.05
C ASP A 65 3.51 15.31 8.32
N ARG A 66 4.15 14.78 7.23
CA ARG A 66 5.52 14.21 7.25
C ARG A 66 5.57 12.81 7.95
N LYS A 67 4.41 12.28 8.36
CA LYS A 67 4.33 11.09 9.26
C LYS A 67 4.24 9.73 8.49
N TRP A 68 5.08 9.57 7.46
CA TRP A 68 5.19 8.30 6.69
C TRP A 68 6.14 7.28 7.38
N ALA A 69 7.17 7.78 8.10
CA ALA A 69 8.03 6.92 8.94
C ALA A 69 7.21 6.35 10.13
N LYS A 70 6.26 7.16 10.60
CA LYS A 70 5.25 6.78 11.62
C LYS A 70 4.29 5.68 11.09
N VAL A 71 3.98 5.72 9.76
CA VAL A 71 3.23 4.62 9.07
C VAL A 71 4.03 3.29 9.14
N ALA A 72 5.32 3.37 8.75
CA ALA A 72 6.25 2.21 8.75
C ALA A 72 6.45 1.65 10.20
N ASN A 73 6.49 2.56 11.20
CA ASN A 73 6.72 2.19 12.62
C ASN A 73 5.61 1.24 13.15
N ARG A 74 4.33 1.55 12.84
CA ARG A 74 3.16 0.76 13.28
C ARG A 74 3.09 -0.63 12.61
N MET A 75 3.83 -0.81 11.49
CA MET A 75 3.94 -2.13 10.80
C MET A 75 5.33 -2.80 11.07
N GLN A 76 5.98 -2.40 12.19
CA GLN A 76 7.21 -3.04 12.74
C GLN A 76 8.45 -2.93 11.80
N TYR A 77 8.44 -1.93 10.91
CA TYR A 77 9.57 -1.62 10.00
C TYR A 77 10.79 -1.01 10.74
N PRO A 78 11.98 -0.85 10.04
CA PRO A 78 13.06 0.09 10.45
C PRO A 78 12.56 1.54 10.71
N SER A 79 11.39 1.89 10.12
CA SER A 79 10.62 3.13 10.39
C SER A 79 11.27 4.39 9.77
N SER A 80 12.29 4.95 10.46
CA SER A 80 12.86 6.29 10.15
C SER A 80 13.64 6.35 8.81
N LYS A 81 13.81 7.59 8.31
CA LYS A 81 14.67 7.95 7.15
C LYS A 81 14.17 7.34 5.80
N SER A 82 14.55 6.08 5.52
CA SER A 82 14.43 5.46 4.17
C SER A 82 13.04 4.82 3.90
N VAL A 83 12.67 3.78 4.70
CA VAL A 83 11.54 2.89 4.36
C VAL A 83 10.15 3.59 4.46
N GLY A 84 10.04 4.63 5.30
CA GLY A 84 8.83 5.48 5.34
C GLY A 84 8.56 6.18 4.01
N ALA A 85 9.66 6.64 3.36
CA ALA A 85 9.64 7.28 2.02
C ALA A 85 9.37 6.24 0.89
N THR A 86 9.79 4.97 1.13
CA THR A 86 9.51 3.84 0.21
C THR A 86 7.99 3.55 0.10
N LEU A 87 7.34 3.42 1.28
CA LEU A 87 5.87 3.17 1.37
C LEU A 87 5.07 4.38 0.82
N LYS A 88 5.59 5.58 1.09
CA LYS A 88 5.06 6.86 0.56
C LYS A 88 5.03 6.86 -0.99
N ALA A 89 6.18 6.52 -1.58
CA ALA A 89 6.34 6.46 -3.05
C ALA A 89 5.48 5.36 -3.68
N HIS A 90 5.29 4.23 -2.95
CA HIS A 90 4.37 3.14 -3.36
C HIS A 90 2.92 3.65 -3.45
N TYR A 91 2.48 4.40 -2.44
CA TYR A 91 1.11 4.97 -2.41
C TYR A 91 0.90 6.05 -3.50
N GLU A 92 1.92 6.87 -3.79
CA GLU A 92 1.83 7.94 -4.82
C GLU A 92 1.75 7.38 -6.26
N ARG A 93 2.61 6.38 -6.58
CA ARG A 93 2.62 5.73 -7.92
C ARG A 93 1.33 4.91 -8.19
N ILE A 94 0.65 4.50 -7.12
CA ILE A 94 -0.52 3.61 -7.19
C ILE A 94 -1.86 4.37 -7.10
N LEU A 95 -1.89 5.48 -6.33
CA LEU A 95 -3.10 6.31 -6.18
C LEU A 95 -3.32 7.20 -7.44
N HIS A 96 -2.21 7.63 -8.10
CA HIS A 96 -2.27 8.59 -9.23
C HIS A 96 -3.02 8.06 -10.51
N PRO A 97 -2.85 6.77 -10.97
CA PRO A 97 -3.69 6.21 -12.08
C PRO A 97 -5.08 5.71 -11.59
N PHE A 98 -5.29 5.66 -10.27
CA PHE A 98 -6.53 5.12 -9.65
C PHE A 98 -7.40 6.24 -8.99
N GLU A 99 -6.90 7.49 -9.01
CA GLU A 99 -7.66 8.67 -8.50
C GLU A 99 -8.78 9.10 -9.48
N VAL A 100 -8.71 8.61 -10.72
CA VAL A 100 -9.83 8.71 -11.70
C VAL A 100 -11.05 7.90 -11.19
N TYR A 101 -10.75 6.76 -10.52
CA TYR A 101 -11.75 5.85 -9.92
C TYR A 101 -12.28 6.40 -8.57
N THR A 102 -11.37 6.86 -7.71
CA THR A 102 -11.70 7.26 -6.31
C THR A 102 -12.23 8.71 -6.22
N SER A 103 -11.76 9.59 -7.12
CA SER A 103 -12.19 11.01 -7.17
C SER A 103 -13.01 11.30 -8.45
N GLY A 104 -13.86 12.34 -8.39
CA GLY A 104 -14.74 12.74 -9.50
C GLY A 104 -14.10 13.77 -10.43
N LYS A 105 -12.99 13.37 -11.08
CA LYS A 105 -12.22 14.24 -11.99
C LYS A 105 -13.02 14.52 -13.29
N VAL A 106 -13.65 15.71 -13.35
CA VAL A 106 -14.48 16.14 -14.51
C VAL A 106 -13.64 16.86 -15.59
N LEU A 107 -14.29 17.17 -16.74
CA LEU A 107 -13.69 17.82 -17.93
C LEU A 107 -12.62 16.86 -18.58
N PRO A 1 11.39 -14.27 -0.58
CA PRO A 1 10.42 -14.57 0.51
C PRO A 1 9.18 -13.63 0.47
N ARG A 2 9.38 -12.39 -0.05
CA ARG A 2 8.37 -11.32 -0.02
C ARG A 2 7.11 -11.69 -0.86
N VAL A 3 7.32 -12.01 -2.15
CA VAL A 3 6.23 -12.37 -3.10
C VAL A 3 5.50 -13.68 -2.71
N GLN A 4 6.16 -14.50 -1.87
CA GLN A 4 5.64 -15.80 -1.42
C GLN A 4 4.53 -15.60 -0.34
N ARG A 5 4.82 -14.76 0.67
CA ARG A 5 3.90 -14.55 1.81
C ARG A 5 2.77 -13.54 1.48
N LEU A 6 1.58 -14.07 1.14
CA LEU A 6 0.32 -13.27 1.07
C LEU A 6 -0.45 -13.46 2.40
N ASN A 7 -0.73 -12.36 3.11
CA ASN A 7 -1.28 -12.42 4.48
C ASN A 7 -2.05 -11.14 4.88
N GLU A 8 -2.84 -11.25 5.95
CA GLU A 8 -3.37 -10.11 6.73
C GLU A 8 -3.05 -10.34 8.22
N LEU A 9 -3.53 -11.49 8.74
CA LEU A 9 -3.33 -11.93 10.14
C LEU A 9 -2.94 -13.43 10.18
N GLU A 10 -3.71 -14.27 9.44
CA GLU A 10 -3.47 -15.73 9.38
C GLU A 10 -3.62 -16.24 7.91
N ALA A 11 -4.85 -16.68 7.52
CA ALA A 11 -5.17 -17.20 6.16
C ALA A 11 -6.66 -17.61 6.10
N LYS A 12 -7.52 -16.65 5.72
CA LYS A 12 -8.99 -16.79 5.84
C LYS A 12 -9.75 -15.61 5.19
N THR A 13 -9.13 -14.42 5.22
CA THR A 13 -9.77 -13.15 4.80
C THR A 13 -9.82 -13.02 3.26
N ARG A 14 -11.02 -12.71 2.73
CA ARG A 14 -11.30 -12.67 1.28
C ARG A 14 -11.76 -11.27 0.84
N VAL A 15 -12.97 -10.86 1.30
CA VAL A 15 -13.61 -9.59 0.85
C VAL A 15 -12.81 -8.32 1.30
N LYS A 16 -12.08 -8.43 2.43
CA LYS A 16 -11.21 -7.35 2.93
C LYS A 16 -9.95 -7.17 2.05
N LEU A 17 -9.30 -8.29 1.68
CA LEU A 17 -8.13 -8.28 0.75
C LEU A 17 -8.55 -8.14 -0.73
N ASN A 18 -9.86 -8.25 -1.02
CA ASN A 18 -10.38 -8.22 -2.40
C ASN A 18 -10.10 -6.85 -3.10
N PHE A 19 -10.07 -5.74 -2.34
CA PHE A 19 -9.77 -4.39 -2.90
C PHE A 19 -8.33 -4.33 -3.49
N LEU A 20 -7.43 -5.11 -2.87
CA LEU A 20 -6.04 -5.32 -3.33
C LEU A 20 -6.03 -6.07 -4.69
N ASP A 21 -6.90 -7.08 -4.84
CA ASP A 21 -7.11 -7.82 -6.12
C ASP A 21 -7.70 -6.91 -7.23
N GLN A 22 -8.61 -6.00 -6.82
CA GLN A 22 -9.30 -5.07 -7.75
C GLN A 22 -8.32 -4.05 -8.37
N ILE A 23 -7.43 -3.48 -7.52
CA ILE A 23 -6.38 -2.56 -7.97
C ILE A 23 -5.21 -3.31 -8.67
N ALA A 24 -5.05 -4.62 -8.35
CA ALA A 24 -4.09 -5.52 -9.08
C ALA A 24 -4.55 -5.76 -10.53
N LYS A 25 -5.87 -5.82 -10.73
CA LYS A 25 -6.50 -5.85 -12.06
C LYS A 25 -6.20 -4.55 -12.86
N PHE A 26 -6.11 -3.42 -12.12
CA PHE A 26 -5.75 -2.09 -12.70
C PHE A 26 -4.22 -1.98 -12.99
N TRP A 27 -3.38 -2.62 -12.13
CA TRP A 27 -1.91 -2.59 -12.25
C TRP A 27 -1.36 -4.02 -12.55
N GLU A 28 -0.33 -4.46 -11.77
CA GLU A 28 0.33 -5.78 -11.85
C GLU A 28 0.99 -6.04 -13.22
N LEU A 29 0.15 -6.24 -14.24
CA LEU A 29 0.58 -6.41 -15.65
C LEU A 29 1.07 -5.06 -16.27
N GLN A 30 0.64 -3.93 -15.68
CA GLN A 30 0.93 -2.56 -16.21
C GLN A 30 2.34 -2.02 -15.81
N GLY A 31 3.35 -2.91 -15.72
CA GLY A 31 4.74 -2.49 -15.45
C GLY A 31 5.02 -2.23 -13.96
N SER A 32 4.43 -1.14 -13.42
CA SER A 32 4.56 -0.77 -11.99
C SER A 32 3.97 -1.86 -11.08
N SER A 33 4.84 -2.52 -10.28
CA SER A 33 4.48 -3.70 -9.48
C SER A 33 3.56 -3.33 -8.30
N LEU A 34 2.26 -3.61 -8.48
CA LEU A 34 1.25 -3.58 -7.40
C LEU A 34 1.50 -4.79 -6.46
N LYS A 35 0.87 -4.76 -5.26
CA LYS A 35 0.85 -5.90 -4.30
C LYS A 35 2.21 -6.03 -3.57
N ILE A 36 2.96 -4.90 -3.50
CA ILE A 36 4.26 -4.81 -2.78
C ILE A 36 4.14 -3.81 -1.59
N PRO A 37 3.56 -4.26 -0.43
CA PRO A 37 3.45 -3.44 0.78
C PRO A 37 4.68 -3.57 1.72
N MET A 38 4.84 -4.76 2.35
CA MET A 38 5.90 -5.04 3.35
C MET A 38 7.22 -5.48 2.69
N VAL A 39 7.94 -4.47 2.18
CA VAL A 39 9.27 -4.61 1.55
C VAL A 39 10.33 -5.07 2.59
N GLU A 40 10.24 -4.50 3.80
CA GLU A 40 11.23 -4.71 4.89
C GLU A 40 10.97 -6.01 5.67
N ARG A 41 9.70 -6.42 5.81
CA ARG A 41 9.30 -7.61 6.60
C ARG A 41 9.16 -8.89 5.75
N LYS A 42 9.29 -8.75 4.41
CA LYS A 42 9.26 -9.89 3.44
C LYS A 42 7.91 -10.67 3.48
N ALA A 43 6.82 -9.92 3.67
CA ALA A 43 5.42 -10.42 3.56
C ALA A 43 4.59 -9.37 2.79
N LEU A 44 3.30 -9.69 2.48
CA LEU A 44 2.42 -8.72 1.77
C LEU A 44 1.05 -8.60 2.50
N ASP A 45 0.92 -7.53 3.30
CA ASP A 45 -0.30 -7.22 4.10
C ASP A 45 -0.83 -5.80 3.70
N LEU A 46 -1.25 -5.65 2.42
CA LEU A 46 -1.64 -4.33 1.86
C LEU A 46 -2.91 -3.77 2.55
N TYR A 47 -3.83 -4.67 2.97
CA TYR A 47 -5.06 -4.29 3.69
C TYR A 47 -4.75 -3.41 4.95
N THR A 48 -3.96 -3.99 5.88
CA THR A 48 -3.65 -3.32 7.17
C THR A 48 -2.77 -2.07 6.99
N LEU A 49 -1.81 -2.13 6.05
CA LEU A 49 -0.92 -0.98 5.74
C LEU A 49 -1.73 0.21 5.17
N HIS A 50 -2.70 -0.12 4.31
CA HIS A 50 -3.65 0.86 3.72
C HIS A 50 -4.54 1.49 4.81
N ARG A 51 -4.93 0.66 5.80
CA ARG A 51 -5.73 1.13 6.96
C ARG A 51 -4.92 2.14 7.81
N ILE A 52 -3.62 1.82 8.02
CA ILE A 52 -2.69 2.69 8.77
C ILE A 52 -2.58 4.09 8.13
N VAL A 53 -2.28 4.12 6.81
CA VAL A 53 -2.18 5.37 6.02
C VAL A 53 -3.50 6.17 6.06
N GLN A 54 -4.63 5.45 5.97
CA GLN A 54 -5.99 6.02 6.04
C GLN A 54 -6.26 6.73 7.39
N GLU A 55 -5.91 6.03 8.50
CA GLU A 55 -6.05 6.55 9.88
C GLU A 55 -4.97 7.61 10.20
N GLU A 56 -3.89 7.66 9.39
CA GLU A 56 -2.89 8.76 9.41
C GLU A 56 -3.32 9.93 8.48
N GLY A 57 -4.63 10.02 8.16
CA GLY A 57 -5.21 11.16 7.42
C GLY A 57 -5.21 10.98 5.89
N GLY A 58 -4.93 9.76 5.40
CA GLY A 58 -4.85 9.49 3.94
C GLY A 58 -3.52 9.93 3.31
N MET A 59 -3.13 9.29 2.19
CA MET A 59 -1.80 9.47 1.51
C MET A 59 -1.35 10.95 1.37
N GLU A 60 -2.33 11.81 1.00
CA GLU A 60 -2.10 13.24 0.73
C GLU A 60 -1.68 14.02 2.00
N GLN A 61 -2.47 13.88 3.07
CA GLN A 61 -2.23 14.56 4.36
C GLN A 61 -1.02 13.92 5.12
N THR A 62 -0.83 12.59 4.95
CA THR A 62 0.32 11.84 5.54
C THR A 62 1.67 12.37 4.98
N THR A 63 1.71 12.63 3.66
CA THR A 63 2.86 13.29 2.98
C THR A 63 3.06 14.73 3.49
N LYS A 64 1.96 15.49 3.48
CA LYS A 64 1.91 16.93 3.81
C LYS A 64 2.41 17.23 5.24
N ASP A 65 2.05 16.33 6.17
CA ASP A 65 2.35 16.48 7.61
C ASP A 65 3.63 15.71 8.03
N ARG A 66 4.21 14.93 7.09
CA ARG A 66 5.36 14.02 7.34
C ARG A 66 5.04 12.97 8.44
N LYS A 67 4.31 11.92 8.05
CA LYS A 67 3.91 10.84 8.97
C LYS A 67 4.16 9.44 8.36
N TRP A 68 4.89 9.38 7.22
CA TRP A 68 5.26 8.10 6.57
C TRP A 68 6.31 7.33 7.39
N ALA A 69 7.20 8.08 8.06
CA ALA A 69 8.16 7.52 9.05
C ALA A 69 7.39 6.79 10.19
N LYS A 70 6.25 7.40 10.59
CA LYS A 70 5.34 6.85 11.61
C LYS A 70 4.57 5.61 11.08
N VAL A 71 4.08 5.68 9.82
CA VAL A 71 3.38 4.55 9.13
C VAL A 71 4.28 3.27 9.11
N ALA A 72 5.57 3.50 8.80
CA ALA A 72 6.60 2.45 8.81
C ALA A 72 6.71 1.78 10.20
N ASN A 73 6.84 2.62 11.25
CA ASN A 73 6.96 2.14 12.66
C ASN A 73 5.66 1.45 13.15
N ARG A 74 4.50 1.89 12.63
CA ARG A 74 3.19 1.25 12.92
C ARG A 74 3.14 -0.21 12.42
N MET A 75 3.92 -0.51 11.36
CA MET A 75 3.97 -1.86 10.75
C MET A 75 5.36 -2.53 10.98
N GLN A 76 6.04 -2.19 12.11
CA GLN A 76 7.30 -2.84 12.59
C GLN A 76 8.51 -2.70 11.59
N TYR A 77 8.63 -1.53 10.95
CA TYR A 77 9.81 -1.23 10.08
C TYR A 77 11.01 -0.69 10.91
N PRO A 78 12.29 -1.06 10.52
CA PRO A 78 13.51 -0.73 11.30
C PRO A 78 13.81 0.79 11.43
N SER A 79 14.04 1.47 10.29
CA SER A 79 14.50 2.87 10.26
C SER A 79 13.37 3.88 10.60
N SER A 80 13.73 5.18 10.62
CA SER A 80 12.78 6.29 10.92
C SER A 80 12.72 7.30 9.74
N LYS A 81 13.18 6.90 8.54
CA LYS A 81 13.29 7.81 7.38
C LYS A 81 13.08 7.08 6.04
N SER A 82 14.09 6.26 5.65
CA SER A 82 14.16 5.57 4.32
C SER A 82 12.95 4.64 4.10
N VAL A 83 12.64 3.84 5.13
CA VAL A 83 11.45 2.93 5.15
C VAL A 83 10.12 3.68 4.89
N GLY A 84 9.99 4.89 5.47
CA GLY A 84 8.79 5.73 5.29
C GLY A 84 8.62 6.25 3.87
N ALA A 85 9.74 6.75 3.29
CA ALA A 85 9.79 7.28 1.91
C ALA A 85 9.53 6.17 0.86
N THR A 86 9.99 4.93 1.18
CA THR A 86 9.76 3.73 0.35
C THR A 86 8.25 3.39 0.25
N LEU A 87 7.56 3.42 1.41
CA LEU A 87 6.10 3.18 1.48
C LEU A 87 5.31 4.28 0.76
N LYS A 88 5.72 5.55 0.99
CA LYS A 88 5.14 6.71 0.29
C LYS A 88 5.16 6.52 -1.23
N ALA A 89 6.36 6.19 -1.75
CA ALA A 89 6.60 5.96 -3.19
C ALA A 89 5.62 4.93 -3.78
N HIS A 90 5.48 3.76 -3.11
CA HIS A 90 4.54 2.69 -3.54
C HIS A 90 3.07 3.19 -3.62
N TYR A 91 2.65 4.05 -2.67
CA TYR A 91 1.29 4.63 -2.66
C TYR A 91 1.11 5.75 -3.71
N GLU A 92 2.15 6.58 -3.89
CA GLU A 92 2.13 7.78 -4.78
C GLU A 92 1.89 7.38 -6.26
N ARG A 93 2.75 6.51 -6.78
CA ARG A 93 2.66 6.01 -8.19
C ARG A 93 1.33 5.27 -8.49
N ILE A 94 0.84 4.54 -7.51
CA ILE A 94 -0.25 3.57 -7.68
C ILE A 94 -1.65 4.19 -7.41
N LEU A 95 -1.73 5.09 -6.42
CA LEU A 95 -3.02 5.71 -6.00
C LEU A 95 -3.36 6.94 -6.86
N HIS A 96 -2.34 7.66 -7.41
CA HIS A 96 -2.59 8.91 -8.19
C HIS A 96 -3.55 8.75 -9.43
N PRO A 97 -3.51 7.64 -10.24
CA PRO A 97 -4.59 7.38 -11.25
C PRO A 97 -5.84 6.67 -10.66
N PHE A 98 -5.68 5.95 -9.52
CA PHE A 98 -6.77 5.16 -8.91
C PHE A 98 -7.68 6.04 -7.99
N GLU A 99 -7.19 7.24 -7.63
CA GLU A 99 -7.91 8.17 -6.74
C GLU A 99 -9.12 8.84 -7.43
N VAL A 100 -9.23 8.68 -8.78
CA VAL A 100 -10.45 9.08 -9.52
C VAL A 100 -11.66 8.24 -9.02
N TYR A 101 -11.41 6.95 -8.74
CA TYR A 101 -12.39 6.04 -8.13
C TYR A 101 -12.67 6.41 -6.65
N THR A 102 -11.60 6.49 -5.83
CA THR A 102 -11.72 6.67 -4.36
C THR A 102 -12.35 8.02 -3.97
N SER A 103 -11.89 9.11 -4.62
CA SER A 103 -12.49 10.46 -4.49
C SER A 103 -13.91 10.49 -5.10
N GLY A 104 -14.09 9.75 -6.21
CA GLY A 104 -15.38 9.69 -6.92
C GLY A 104 -15.67 10.94 -7.77
N LYS A 105 -14.61 11.69 -8.12
CA LYS A 105 -14.73 12.90 -8.98
C LYS A 105 -13.40 13.19 -9.74
N VAL A 106 -13.47 14.20 -10.63
CA VAL A 106 -12.29 14.80 -11.30
C VAL A 106 -12.09 16.25 -10.79
N LEU A 107 -10.81 16.65 -10.58
CA LEU A 107 -10.41 17.99 -10.05
C LEU A 107 -10.96 18.24 -8.60
N PRO A 1 3.37 -31.57 7.80
CA PRO A 1 3.01 -31.65 6.37
C PRO A 1 2.43 -30.30 5.85
N ARG A 2 3.31 -29.40 5.37
CA ARG A 2 2.90 -28.09 4.77
C ARG A 2 3.74 -27.79 3.50
N VAL A 3 3.08 -27.17 2.51
CA VAL A 3 3.69 -26.84 1.20
C VAL A 3 4.62 -25.60 1.29
N GLN A 4 5.67 -25.62 0.45
CA GLN A 4 6.54 -24.44 0.19
C GLN A 4 6.30 -23.89 -1.24
N ARG A 5 5.54 -24.66 -2.04
CA ARG A 5 5.19 -24.31 -3.44
C ARG A 5 3.76 -23.75 -3.53
N LEU A 6 3.56 -22.87 -4.53
CA LEU A 6 2.22 -22.31 -4.92
C LEU A 6 1.50 -21.57 -3.75
N ASN A 7 2.12 -20.48 -3.26
CA ASN A 7 1.51 -19.62 -2.21
C ASN A 7 2.11 -18.20 -2.28
N GLU A 8 1.31 -17.21 -1.89
CA GLU A 8 1.71 -15.79 -1.84
C GLU A 8 1.50 -15.20 -0.43
N LEU A 9 0.44 -15.63 0.27
CA LEU A 9 0.08 -15.15 1.62
C LEU A 9 -0.45 -16.31 2.50
N GLU A 10 -1.76 -16.58 2.39
CA GLU A 10 -2.51 -17.50 3.29
C GLU A 10 -3.61 -18.26 2.49
N ALA A 11 -4.31 -17.49 1.63
CA ALA A 11 -5.47 -17.93 0.81
C ALA A 11 -6.81 -17.98 1.61
N LYS A 12 -6.76 -17.69 2.94
CA LYS A 12 -7.99 -17.58 3.78
C LYS A 12 -8.59 -16.17 3.70
N THR A 13 -7.71 -15.17 3.75
CA THR A 13 -8.08 -13.74 3.84
C THR A 13 -8.54 -13.17 2.48
N ARG A 14 -9.75 -13.57 2.04
CA ARG A 14 -10.28 -13.26 0.69
C ARG A 14 -10.99 -11.89 0.66
N VAL A 15 -11.96 -11.68 1.59
CA VAL A 15 -12.72 -10.41 1.71
C VAL A 15 -11.82 -9.22 2.14
N LYS A 16 -10.77 -9.52 2.93
CA LYS A 16 -9.83 -8.51 3.45
C LYS A 16 -8.92 -7.96 2.32
N LEU A 17 -8.19 -8.86 1.65
CA LEU A 17 -7.27 -8.49 0.53
C LEU A 17 -8.00 -8.26 -0.81
N ASN A 18 -9.34 -8.49 -0.83
CA ASN A 18 -10.21 -8.21 -2.02
C ASN A 18 -9.93 -6.81 -2.63
N PHE A 19 -9.83 -5.80 -1.74
CA PHE A 19 -9.60 -4.37 -2.11
C PHE A 19 -8.25 -4.18 -2.84
N LEU A 20 -7.23 -4.93 -2.39
CA LEU A 20 -5.89 -4.93 -3.03
C LEU A 20 -5.95 -5.60 -4.42
N ASP A 21 -6.71 -6.70 -4.56
CA ASP A 21 -6.88 -7.42 -5.84
C ASP A 21 -7.73 -6.65 -6.88
N GLN A 22 -8.58 -5.71 -6.39
CA GLN A 22 -9.34 -4.78 -7.27
C GLN A 22 -8.39 -3.86 -8.07
N ILE A 23 -7.54 -3.12 -7.35
CA ILE A 23 -6.54 -2.21 -7.94
C ILE A 23 -5.36 -2.99 -8.60
N ALA A 24 -5.10 -4.23 -8.12
CA ALA A 24 -4.08 -5.13 -8.73
C ALA A 24 -4.54 -5.62 -10.13
N LYS A 25 -5.88 -5.77 -10.29
CA LYS A 25 -6.50 -6.08 -11.60
C LYS A 25 -6.46 -4.84 -12.54
N PHE A 26 -6.44 -3.63 -11.96
CA PHE A 26 -6.23 -2.38 -12.71
C PHE A 26 -4.81 -2.36 -13.31
N TRP A 27 -3.80 -2.70 -12.49
CA TRP A 27 -2.38 -2.80 -12.93
C TRP A 27 -2.11 -4.06 -13.78
N GLU A 28 -3.02 -5.05 -13.70
CA GLU A 28 -3.04 -6.19 -14.64
C GLU A 28 -3.34 -5.68 -16.09
N LEU A 29 -4.14 -4.59 -16.17
CA LEU A 29 -4.46 -3.92 -17.45
C LEU A 29 -3.36 -2.87 -17.80
N GLN A 30 -2.81 -2.17 -16.78
CA GLN A 30 -1.76 -1.13 -16.98
C GLN A 30 -0.36 -1.76 -17.21
N GLY A 31 0.26 -2.29 -16.13
CA GLY A 31 1.62 -2.84 -16.17
C GLY A 31 2.22 -2.97 -14.77
N SER A 32 3.57 -3.08 -14.71
CA SER A 32 4.36 -3.14 -13.45
C SER A 32 3.95 -4.36 -12.54
N SER A 33 4.32 -4.32 -11.25
CA SER A 33 3.88 -5.33 -10.25
C SER A 33 3.16 -4.63 -9.07
N LEU A 34 1.91 -5.00 -8.80
CA LEU A 34 1.20 -4.57 -7.57
C LEU A 34 1.07 -5.77 -6.59
N LYS A 35 0.28 -5.62 -5.49
CA LYS A 35 0.33 -6.48 -4.30
C LYS A 35 1.71 -6.36 -3.61
N ILE A 36 2.31 -5.13 -3.68
CA ILE A 36 3.54 -4.77 -2.96
C ILE A 36 3.28 -3.58 -1.97
N PRO A 37 2.65 -3.86 -0.78
CA PRO A 37 2.53 -2.88 0.32
C PRO A 37 3.80 -2.92 1.20
N MET A 38 4.01 -4.07 1.85
CA MET A 38 5.22 -4.37 2.61
C MET A 38 6.41 -4.58 1.65
N VAL A 39 7.38 -3.66 1.73
CA VAL A 39 8.54 -3.63 0.82
C VAL A 39 9.77 -4.30 1.46
N GLU A 40 9.86 -4.20 2.79
CA GLU A 40 10.99 -4.74 3.56
C GLU A 40 10.92 -6.27 3.73
N ARG A 41 10.21 -6.72 4.78
CA ARG A 41 10.41 -8.09 5.36
C ARG A 41 9.08 -8.69 5.92
N LYS A 42 7.93 -8.02 5.68
CA LYS A 42 6.62 -8.43 6.26
C LYS A 42 5.68 -9.02 5.18
N ALA A 43 4.56 -9.63 5.63
CA ALA A 43 3.53 -10.22 4.72
C ALA A 43 2.71 -9.10 4.01
N LEU A 44 2.46 -9.28 2.70
CA LEU A 44 1.88 -8.23 1.82
C LEU A 44 0.36 -8.05 2.10
N ASP A 45 0.00 -7.07 2.94
CA ASP A 45 -1.39 -6.82 3.34
C ASP A 45 -1.73 -5.31 3.20
N LEU A 46 -2.13 -4.90 1.98
CA LEU A 46 -2.47 -3.49 1.65
C LEU A 46 -3.79 -3.07 2.35
N TYR A 47 -4.63 -4.06 2.68
CA TYR A 47 -5.85 -3.87 3.47
C TYR A 47 -5.55 -3.16 4.83
N THR A 48 -4.62 -3.72 5.63
CA THR A 48 -4.21 -3.13 6.92
C THR A 48 -3.26 -1.91 6.73
N LEU A 49 -2.39 -1.97 5.70
CA LEU A 49 -1.37 -0.91 5.45
C LEU A 49 -2.05 0.42 5.05
N HIS A 50 -3.12 0.32 4.23
CA HIS A 50 -3.97 1.47 3.83
C HIS A 50 -4.71 2.06 5.04
N ARG A 51 -5.17 1.18 5.96
CA ARG A 51 -5.80 1.62 7.22
C ARG A 51 -4.79 2.42 8.07
N ILE A 52 -3.56 1.92 8.21
CA ILE A 52 -2.48 2.58 9.00
C ILE A 52 -2.27 4.06 8.58
N VAL A 53 -2.19 4.27 7.26
CA VAL A 53 -2.05 5.63 6.65
C VAL A 53 -3.32 6.48 6.93
N GLN A 54 -4.49 5.82 6.81
CA GLN A 54 -5.81 6.45 6.98
C GLN A 54 -6.06 6.88 8.44
N GLU A 55 -5.49 6.13 9.41
CA GLU A 55 -5.59 6.44 10.86
C GLU A 55 -4.88 7.76 11.15
N GLU A 56 -3.66 7.91 10.59
CA GLU A 56 -2.80 9.10 10.82
C GLU A 56 -3.26 10.33 10.00
N GLY A 57 -4.21 10.14 9.05
CA GLY A 57 -4.85 11.28 8.35
C GLY A 57 -4.97 11.13 6.83
N GLY A 58 -4.98 9.88 6.32
CA GLY A 58 -5.02 9.61 4.86
C GLY A 58 -3.71 9.92 4.15
N MET A 59 -3.51 9.40 2.93
CA MET A 59 -2.22 9.54 2.19
C MET A 59 -1.87 11.01 1.88
N GLU A 60 -2.90 11.83 1.60
CA GLU A 60 -2.75 13.26 1.24
C GLU A 60 -2.12 14.09 2.39
N GLN A 61 -2.80 14.15 3.56
CA GLN A 61 -2.34 14.94 4.74
C GLN A 61 -1.05 14.33 5.37
N THR A 62 -0.94 12.99 5.35
CA THR A 62 0.27 12.29 5.84
C THR A 62 1.50 12.57 4.93
N THR A 63 1.27 12.89 3.64
CA THR A 63 2.34 13.37 2.71
C THR A 63 2.77 14.83 3.04
N LYS A 64 1.80 15.70 3.39
CA LYS A 64 2.07 17.11 3.78
C LYS A 64 2.99 17.16 5.02
N ASP A 65 2.64 16.32 6.02
CA ASP A 65 3.36 16.23 7.30
C ASP A 65 4.55 15.22 7.25
N ARG A 66 4.64 14.45 6.14
CA ARG A 66 5.58 13.30 5.92
C ARG A 66 5.60 12.29 7.13
N LYS A 67 4.40 12.03 7.71
CA LYS A 67 4.24 11.07 8.85
C LYS A 67 4.26 9.58 8.40
N TRP A 68 4.71 9.34 7.15
CA TRP A 68 4.91 7.97 6.60
C TRP A 68 5.97 7.17 7.40
N ALA A 69 6.84 7.90 8.12
CA ALA A 69 7.79 7.30 9.10
C ALA A 69 7.04 6.49 10.19
N LYS A 70 5.87 7.02 10.62
CA LYS A 70 4.96 6.32 11.56
C LYS A 70 4.27 5.12 10.90
N VAL A 71 3.97 5.22 9.58
CA VAL A 71 3.35 4.12 8.79
C VAL A 71 4.27 2.87 8.74
N ALA A 72 5.58 3.12 8.53
CA ALA A 72 6.62 2.07 8.56
C ALA A 72 6.76 1.47 9.99
N ASN A 73 6.90 2.35 10.99
CA ASN A 73 7.08 1.96 12.41
C ASN A 73 5.87 1.14 12.96
N ARG A 74 4.67 1.50 12.50
CA ARG A 74 3.39 0.86 12.89
C ARG A 74 3.33 -0.62 12.43
N MET A 75 3.90 -0.86 11.23
CA MET A 75 3.90 -2.20 10.60
C MET A 75 5.21 -2.99 10.93
N GLN A 76 5.93 -2.54 11.98
CA GLN A 76 7.14 -3.22 12.54
C GLN A 76 8.33 -3.25 11.54
N TYR A 77 8.52 -2.15 10.80
CA TYR A 77 9.72 -1.93 9.95
C TYR A 77 10.97 -1.60 10.82
N PRO A 78 12.22 -1.87 10.30
CA PRO A 78 13.49 -1.64 11.06
C PRO A 78 13.64 -0.17 11.57
N SER A 79 13.61 0.78 10.62
CA SER A 79 13.80 2.23 10.91
C SER A 79 12.47 2.99 10.78
N SER A 80 12.55 4.32 10.98
CA SER A 80 11.43 5.26 10.77
C SER A 80 11.93 6.45 9.92
N LYS A 81 12.59 6.13 8.78
CA LYS A 81 13.22 7.15 7.90
C LYS A 81 12.91 6.89 6.40
N SER A 82 13.77 6.12 5.70
CA SER A 82 13.65 5.89 4.24
C SER A 82 12.56 4.86 3.91
N VAL A 83 12.36 3.89 4.83
CA VAL A 83 11.25 2.91 4.76
C VAL A 83 9.87 3.60 4.68
N GLY A 84 9.71 4.71 5.43
CA GLY A 84 8.50 5.52 5.36
C GLY A 84 8.32 6.20 4.00
N ALA A 85 9.41 6.83 3.52
CA ALA A 85 9.45 7.50 2.19
C ALA A 85 9.25 6.50 1.01
N THR A 86 9.59 5.22 1.24
CA THR A 86 9.39 4.13 0.25
C THR A 86 7.89 3.77 0.13
N LEU A 87 7.22 3.63 1.29
CA LEU A 87 5.76 3.37 1.35
C LEU A 87 4.97 4.56 0.75
N LYS A 88 5.48 5.78 1.01
CA LYS A 88 4.97 7.02 0.38
C LYS A 88 5.08 6.95 -1.15
N ALA A 89 6.30 6.62 -1.62
CA ALA A 89 6.63 6.52 -3.05
C ALA A 89 5.71 5.52 -3.78
N HIS A 90 5.42 4.37 -3.11
CA HIS A 90 4.45 3.37 -3.63
C HIS A 90 3.06 4.01 -3.85
N TYR A 91 2.48 4.59 -2.79
CA TYR A 91 1.13 5.22 -2.84
C TYR A 91 1.01 6.34 -3.90
N GLU A 92 2.10 7.07 -4.07
CA GLU A 92 2.22 8.12 -5.09
C GLU A 92 2.03 7.54 -6.53
N ARG A 93 2.87 6.57 -6.91
CA ARG A 93 2.84 6.01 -8.29
C ARG A 93 1.74 4.92 -8.51
N ILE A 94 1.09 4.47 -7.43
CA ILE A 94 0.05 3.40 -7.49
C ILE A 94 -1.39 3.97 -7.38
N LEU A 95 -1.60 4.94 -6.47
CA LEU A 95 -2.94 5.53 -6.24
C LEU A 95 -3.24 6.71 -7.20
N HIS A 96 -2.21 7.38 -7.77
CA HIS A 96 -2.42 8.50 -8.73
C HIS A 96 -3.05 8.08 -10.11
N PRO A 97 -2.73 6.88 -10.73
CA PRO A 97 -3.49 6.38 -11.91
C PRO A 97 -4.91 5.85 -11.53
N PHE A 98 -5.19 5.70 -10.22
CA PHE A 98 -6.46 5.10 -9.73
C PHE A 98 -7.25 6.09 -8.83
N GLU A 99 -6.73 7.33 -8.66
CA GLU A 99 -7.31 8.34 -7.72
C GLU A 99 -8.66 8.88 -8.21
N VAL A 100 -8.88 8.85 -9.54
CA VAL A 100 -10.15 9.25 -10.17
C VAL A 100 -11.30 8.34 -9.65
N TYR A 101 -11.02 7.03 -9.62
CA TYR A 101 -11.95 6.01 -9.09
C TYR A 101 -12.17 6.21 -7.57
N THR A 102 -11.07 6.21 -6.79
CA THR A 102 -11.12 6.20 -5.29
C THR A 102 -11.80 7.47 -4.69
N SER A 103 -11.62 8.61 -5.37
CA SER A 103 -12.28 9.87 -5.00
C SER A 103 -13.79 9.83 -5.35
N GLY A 104 -14.11 9.16 -6.48
CA GLY A 104 -15.50 8.98 -6.93
C GLY A 104 -16.08 10.20 -7.65
N LYS A 105 -15.23 11.18 -8.01
CA LYS A 105 -15.64 12.40 -8.74
C LYS A 105 -15.45 12.24 -10.26
N VAL A 106 -16.24 13.03 -11.02
CA VAL A 106 -16.19 13.03 -12.50
C VAL A 106 -15.64 14.38 -13.04
N LEU A 107 -14.75 14.31 -14.05
CA LEU A 107 -14.22 15.49 -14.76
C LEU A 107 -14.21 15.22 -16.30
N PRO A 1 0.00 -20.95 -15.05
CA PRO A 1 -0.36 -19.66 -14.40
C PRO A 1 0.85 -18.70 -14.31
N ARG A 2 1.90 -19.12 -13.54
CA ARG A 2 3.10 -18.29 -13.25
C ARG A 2 2.75 -16.99 -12.47
N VAL A 3 3.07 -16.99 -11.16
CA VAL A 3 2.83 -15.86 -10.24
C VAL A 3 3.86 -15.87 -9.08
N GLN A 4 4.14 -14.70 -8.47
CA GLN A 4 5.01 -14.60 -7.27
C GLN A 4 4.39 -15.39 -6.08
N ARG A 5 5.07 -16.49 -5.68
CA ARG A 5 4.59 -17.42 -4.62
C ARG A 5 3.28 -18.15 -5.01
N LEU A 6 2.72 -18.92 -4.07
CA LEU A 6 1.47 -19.68 -4.28
C LEU A 6 0.73 -19.84 -2.93
N ASN A 7 0.53 -18.68 -2.25
CA ASN A 7 0.07 -18.59 -0.84
C ASN A 7 1.20 -19.07 0.12
N GLU A 8 1.53 -18.23 1.11
CA GLU A 8 2.71 -18.42 1.98
C GLU A 8 2.56 -19.67 2.89
N LEU A 9 1.59 -19.64 3.82
CA LEU A 9 1.25 -20.79 4.70
C LEU A 9 -0.25 -21.13 4.59
N GLU A 10 -1.11 -20.19 5.05
CA GLU A 10 -2.58 -20.36 5.04
C GLU A 10 -3.26 -18.97 5.16
N ALA A 11 -4.12 -18.63 4.18
CA ALA A 11 -4.83 -17.33 4.13
C ALA A 11 -6.25 -17.49 3.52
N LYS A 12 -7.22 -16.75 4.10
CA LYS A 12 -8.67 -16.89 3.73
C LYS A 12 -9.46 -15.59 4.04
N THR A 13 -9.06 -14.47 3.41
CA THR A 13 -9.69 -13.13 3.62
C THR A 13 -9.91 -12.39 2.29
N ARG A 14 -11.16 -12.43 1.78
CA ARG A 14 -11.54 -11.74 0.53
C ARG A 14 -11.87 -10.24 0.77
N VAL A 15 -12.90 -9.96 1.60
CA VAL A 15 -13.40 -8.57 1.84
C VAL A 15 -12.31 -7.59 2.40
N LYS A 16 -11.37 -8.14 3.21
CA LYS A 16 -10.25 -7.35 3.78
C LYS A 16 -9.25 -6.93 2.68
N LEU A 17 -8.78 -7.91 1.90
CA LEU A 17 -7.85 -7.67 0.76
C LEU A 17 -8.59 -7.21 -0.52
N ASN A 18 -9.93 -7.08 -0.47
CA ASN A 18 -10.76 -6.67 -1.63
C ASN A 18 -10.35 -5.29 -2.20
N PHE A 19 -9.83 -4.38 -1.34
CA PHE A 19 -9.29 -3.08 -1.78
C PHE A 19 -8.10 -3.29 -2.76
N LEU A 20 -7.20 -4.22 -2.37
CA LEU A 20 -6.06 -4.67 -3.22
C LEU A 20 -6.59 -5.37 -4.50
N ASP A 21 -7.64 -6.20 -4.32
CA ASP A 21 -8.24 -7.04 -5.38
C ASP A 21 -8.92 -6.21 -6.51
N GLN A 22 -9.64 -5.14 -6.12
CA GLN A 22 -10.36 -4.25 -7.06
C GLN A 22 -9.39 -3.49 -7.98
N ILE A 23 -8.34 -2.91 -7.37
CA ILE A 23 -7.28 -2.18 -8.12
C ILE A 23 -6.33 -3.18 -8.85
N ALA A 24 -6.22 -4.43 -8.32
CA ALA A 24 -5.47 -5.52 -9.00
C ALA A 24 -6.13 -5.91 -10.33
N LYS A 25 -7.47 -5.85 -10.36
CA LYS A 25 -8.29 -6.11 -11.57
C LYS A 25 -8.07 -5.01 -12.63
N PHE A 26 -8.00 -3.75 -12.17
CA PHE A 26 -7.69 -2.58 -13.03
C PHE A 26 -6.30 -2.74 -13.71
N TRP A 27 -5.27 -2.98 -12.87
CA TRP A 27 -3.87 -3.16 -13.33
C TRP A 27 -3.63 -4.52 -14.01
N GLU A 28 -4.52 -5.51 -13.78
CA GLU A 28 -4.49 -6.82 -14.48
C GLU A 28 -4.73 -6.60 -15.99
N LEU A 29 -5.61 -5.64 -16.29
CA LEU A 29 -5.90 -5.20 -17.67
C LEU A 29 -4.69 -4.39 -18.22
N GLN A 30 -4.06 -3.58 -17.34
CA GLN A 30 -2.88 -2.74 -17.70
C GLN A 30 -1.61 -3.60 -17.96
N GLY A 31 -1.50 -4.78 -17.30
CA GLY A 31 -0.35 -5.69 -17.47
C GLY A 31 0.14 -6.35 -16.16
N SER A 32 -0.82 -6.65 -15.24
CA SER A 32 -0.56 -7.32 -13.92
C SER A 32 0.47 -6.58 -13.02
N SER A 33 0.64 -5.27 -13.23
CA SER A 33 1.67 -4.45 -12.53
C SER A 33 1.12 -3.86 -11.20
N LEU A 34 0.72 -4.74 -10.27
CA LEU A 34 0.07 -4.33 -8.99
C LEU A 34 0.54 -5.25 -7.84
N LYS A 35 0.15 -4.88 -6.60
CA LYS A 35 0.41 -5.63 -5.37
C LYS A 35 1.87 -5.44 -4.95
N ILE A 36 2.23 -4.16 -4.72
CA ILE A 36 3.55 -3.75 -4.21
C ILE A 36 3.40 -2.92 -2.88
N PRO A 37 3.00 -3.56 -1.73
CA PRO A 37 3.15 -2.98 -0.38
C PRO A 37 4.45 -3.48 0.29
N MET A 38 4.71 -3.03 1.53
CA MET A 38 5.91 -3.45 2.31
C MET A 38 7.25 -3.22 1.56
N VAL A 39 8.36 -3.71 2.13
CA VAL A 39 9.69 -3.71 1.46
C VAL A 39 10.72 -4.55 2.27
N GLU A 40 10.83 -4.25 3.57
CA GLU A 40 11.81 -4.90 4.48
C GLU A 40 11.24 -6.17 5.14
N ARG A 41 9.91 -6.25 5.27
CA ARG A 41 9.24 -7.33 6.04
C ARG A 41 8.75 -8.50 5.17
N LYS A 42 9.31 -8.63 3.94
CA LYS A 42 9.08 -9.79 3.02
C LYS A 42 7.60 -9.92 2.56
N ALA A 43 6.74 -10.40 3.48
CA ALA A 43 5.28 -10.57 3.26
C ALA A 43 4.57 -9.23 2.93
N LEU A 44 3.72 -9.26 1.89
CA LEU A 44 3.02 -8.08 1.35
C LEU A 44 1.57 -8.01 1.89
N ASP A 45 1.30 -7.02 2.74
CA ASP A 45 -0.01 -6.84 3.40
C ASP A 45 -0.52 -5.41 3.20
N LEU A 46 -1.17 -5.18 2.04
CA LEU A 46 -1.76 -3.88 1.67
C LEU A 46 -2.88 -3.49 2.66
N TYR A 47 -3.63 -4.51 3.14
CA TYR A 47 -4.74 -4.30 4.09
C TYR A 47 -4.29 -3.60 5.41
N THR A 48 -3.35 -4.23 6.15
CA THR A 48 -2.88 -3.69 7.46
C THR A 48 -2.04 -2.40 7.28
N LEU A 49 -1.29 -2.30 6.15
CA LEU A 49 -0.52 -1.08 5.81
C LEU A 49 -1.51 0.10 5.61
N HIS A 50 -2.55 -0.15 4.79
CA HIS A 50 -3.62 0.83 4.51
C HIS A 50 -4.38 1.21 5.79
N ARG A 51 -4.53 0.25 6.74
CA ARG A 51 -5.14 0.52 8.07
C ARG A 51 -4.31 1.57 8.84
N ILE A 52 -3.00 1.29 9.01
CA ILE A 52 -2.05 2.17 9.74
C ILE A 52 -2.04 3.62 9.18
N VAL A 53 -1.99 3.71 7.84
CA VAL A 53 -2.04 4.98 7.10
C VAL A 53 -3.44 5.67 7.26
N GLN A 54 -4.51 4.86 7.29
CA GLN A 54 -5.92 5.35 7.42
C GLN A 54 -6.22 5.87 8.84
N GLU A 55 -5.55 5.28 9.86
CA GLU A 55 -5.62 5.75 11.26
C GLU A 55 -4.96 7.15 11.38
N GLU A 56 -3.97 7.41 10.51
CA GLU A 56 -3.33 8.74 10.35
C GLU A 56 -4.15 9.67 9.40
N GLY A 57 -5.31 9.20 8.92
CA GLY A 57 -6.24 10.01 8.10
C GLY A 57 -6.39 9.52 6.64
N GLY A 58 -5.50 8.62 6.22
CA GLY A 58 -5.43 8.16 4.81
C GLY A 58 -4.17 8.71 4.12
N MET A 59 -3.73 8.06 3.01
CA MET A 59 -2.44 8.38 2.33
C MET A 59 -2.35 9.86 1.89
N GLU A 60 -3.51 10.46 1.62
CA GLU A 60 -3.63 11.88 1.21
C GLU A 60 -3.09 12.82 2.32
N GLN A 61 -3.65 12.68 3.54
CA GLN A 61 -3.22 13.46 4.74
C GLN A 61 -1.85 12.98 5.29
N THR A 62 -1.56 11.69 5.12
CA THR A 62 -0.29 11.08 5.56
C THR A 62 0.90 11.59 4.69
N THR A 63 0.62 11.89 3.41
CA THR A 63 1.59 12.56 2.50
C THR A 63 1.66 14.08 2.78
N LYS A 64 0.48 14.71 2.95
CA LYS A 64 0.37 16.17 3.19
C LYS A 64 1.10 16.59 4.49
N ASP A 65 0.74 15.93 5.58
CA ASP A 65 1.31 16.20 6.93
C ASP A 65 2.60 15.36 7.21
N ARG A 66 3.03 14.55 6.21
CA ARG A 66 4.34 13.80 6.23
C ARG A 66 4.42 12.75 7.38
N LYS A 67 3.29 12.08 7.66
CA LYS A 67 3.15 11.08 8.76
C LYS A 67 3.74 9.67 8.41
N TRP A 68 4.33 9.52 7.21
CA TRP A 68 4.88 8.21 6.71
C TRP A 68 5.99 7.62 7.61
N ALA A 69 6.70 8.50 8.34
CA ALA A 69 7.70 8.09 9.36
C ALA A 69 7.06 7.17 10.43
N LYS A 70 5.87 7.57 10.90
CA LYS A 70 5.08 6.80 11.90
C LYS A 70 4.65 5.42 11.38
N VAL A 71 4.31 5.37 10.08
CA VAL A 71 3.79 4.14 9.41
C VAL A 71 4.83 2.99 9.45
N ALA A 72 6.08 3.32 9.08
CA ALA A 72 7.21 2.35 9.11
C ALA A 72 7.59 1.96 10.56
N ASN A 73 7.74 2.96 11.44
CA ASN A 73 8.10 2.76 12.87
C ASN A 73 7.07 1.90 13.64
N ARG A 74 5.77 2.12 13.35
CA ARG A 74 4.66 1.32 13.93
C ARG A 74 4.67 -0.13 13.40
N MET A 75 5.01 -0.29 12.12
CA MET A 75 5.09 -1.61 11.46
C MET A 75 6.54 -2.22 11.57
N GLN A 76 7.32 -1.74 12.58
CA GLN A 76 8.58 -2.39 13.04
C GLN A 76 9.70 -2.42 11.95
N TYR A 77 9.79 -1.36 11.15
CA TYR A 77 10.82 -1.21 10.09
C TYR A 77 12.17 -0.69 10.67
N PRO A 78 13.34 -1.03 10.01
CA PRO A 78 14.71 -0.69 10.52
C PRO A 78 15.20 0.77 10.24
N SER A 79 14.28 1.73 10.17
CA SER A 79 14.63 3.17 9.97
C SER A 79 13.48 4.10 10.36
N SER A 80 13.80 5.39 10.56
CA SER A 80 12.83 6.44 10.98
C SER A 80 12.37 7.33 9.79
N LYS A 81 13.07 7.24 8.63
CA LYS A 81 12.79 8.11 7.46
C LYS A 81 12.73 7.31 6.14
N SER A 82 13.84 6.58 5.80
CA SER A 82 14.02 5.92 4.47
C SER A 82 12.87 4.94 4.13
N VAL A 83 12.63 3.97 5.04
CA VAL A 83 11.52 2.97 4.91
C VAL A 83 10.12 3.63 4.82
N GLY A 84 9.89 4.71 5.60
CA GLY A 84 8.62 5.45 5.56
C GLY A 84 8.35 6.13 4.21
N ALA A 85 9.40 6.75 3.66
CA ALA A 85 9.39 7.39 2.33
C ALA A 85 9.27 6.34 1.19
N THR A 86 9.78 5.12 1.42
CA THR A 86 9.65 3.99 0.48
C THR A 86 8.19 3.49 0.43
N LEU A 87 7.56 3.34 1.62
CA LEU A 87 6.12 2.96 1.74
C LEU A 87 5.22 4.01 1.07
N LYS A 88 5.58 5.31 1.22
CA LYS A 88 4.95 6.42 0.48
C LYS A 88 5.04 6.20 -1.04
N ALA A 89 6.28 5.98 -1.52
CA ALA A 89 6.59 5.84 -2.96
C ALA A 89 5.85 4.64 -3.61
N HIS A 90 5.51 3.61 -2.80
CA HIS A 90 4.71 2.46 -3.26
C HIS A 90 3.22 2.84 -3.48
N TYR A 91 2.69 3.72 -2.62
CA TYR A 91 1.32 4.26 -2.77
C TYR A 91 1.24 5.31 -3.90
N GLU A 92 2.24 6.21 -3.96
CA GLU A 92 2.28 7.34 -4.92
C GLU A 92 2.28 6.88 -6.40
N ARG A 93 3.17 5.92 -6.74
CA ARG A 93 3.28 5.35 -8.11
C ARG A 93 1.97 4.67 -8.61
N ILE A 94 1.17 4.16 -7.67
CA ILE A 94 -0.02 3.35 -7.96
C ILE A 94 -1.33 4.19 -7.86
N LEU A 95 -1.34 5.21 -6.98
CA LEU A 95 -2.52 6.07 -6.75
C LEU A 95 -2.65 7.14 -7.87
N HIS A 96 -1.50 7.67 -8.36
CA HIS A 96 -1.49 8.78 -9.36
C HIS A 96 -2.12 8.40 -10.75
N PRO A 97 -1.95 7.15 -11.31
CA PRO A 97 -2.79 6.70 -12.47
C PRO A 97 -4.24 6.31 -12.06
N PHE A 98 -4.44 5.91 -10.79
CA PHE A 98 -5.75 5.42 -10.27
C PHE A 98 -6.62 6.57 -9.68
N GLU A 99 -6.05 7.80 -9.61
CA GLU A 99 -6.75 8.99 -9.06
C GLU A 99 -7.94 9.43 -9.94
N VAL A 100 -7.91 9.03 -11.22
CA VAL A 100 -9.01 9.28 -12.19
C VAL A 100 -10.34 8.65 -11.67
N TYR A 101 -10.21 7.53 -10.92
CA TYR A 101 -11.33 6.91 -10.20
C TYR A 101 -11.68 7.70 -8.91
N THR A 102 -10.75 7.75 -7.93
CA THR A 102 -11.02 8.27 -6.55
C THR A 102 -10.43 9.68 -6.28
N SER A 103 -9.14 9.87 -6.63
CA SER A 103 -8.36 11.12 -6.37
C SER A 103 -8.14 11.45 -4.86
N GLY A 104 -7.14 12.30 -4.60
CA GLY A 104 -6.82 12.76 -3.24
C GLY A 104 -5.84 13.94 -3.21
N LYS A 105 -5.84 14.74 -4.31
CA LYS A 105 -4.93 15.90 -4.48
C LYS A 105 -5.53 17.21 -3.91
N VAL A 106 -6.75 17.12 -3.38
CA VAL A 106 -7.43 18.22 -2.67
C VAL A 106 -8.09 17.66 -1.38
N LEU A 107 -7.77 18.28 -0.23
CA LEU A 107 -8.38 17.94 1.07
C LEU A 107 -9.18 19.17 1.61
N PRO A 1 0.49 -4.23 -21.90
CA PRO A 1 0.01 -4.90 -20.66
C PRO A 1 1.01 -5.96 -20.15
N ARG A 2 0.97 -6.26 -18.83
CA ARG A 2 1.79 -7.33 -18.21
C ARG A 2 0.92 -8.21 -17.28
N VAL A 3 1.50 -9.36 -16.86
CA VAL A 3 0.85 -10.31 -15.95
C VAL A 3 1.85 -10.87 -14.90
N GLN A 4 1.53 -10.71 -13.61
CA GLN A 4 2.31 -11.28 -12.50
C GLN A 4 1.37 -12.02 -11.50
N ARG A 5 0.67 -13.04 -12.04
CA ARG A 5 -0.20 -13.97 -11.27
C ARG A 5 -1.42 -13.27 -10.59
N LEU A 6 -2.32 -14.11 -10.04
CA LEU A 6 -3.38 -13.67 -9.11
C LEU A 6 -2.84 -13.72 -7.65
N ASN A 7 -2.04 -14.79 -7.38
CA ASN A 7 -1.46 -15.09 -6.06
C ASN A 7 -0.11 -15.83 -6.22
N GLU A 8 0.78 -15.66 -5.23
CA GLU A 8 2.06 -16.41 -5.13
C GLU A 8 2.11 -17.20 -3.80
N LEU A 9 2.08 -16.48 -2.65
CA LEU A 9 2.19 -17.09 -1.31
C LEU A 9 0.84 -17.76 -0.90
N GLU A 10 -0.13 -16.92 -0.50
CA GLU A 10 -1.44 -17.38 0.00
C GLU A 10 -2.45 -16.22 -0.03
N ALA A 11 -3.52 -16.39 -0.81
CA ALA A 11 -4.66 -15.46 -0.85
C ALA A 11 -5.83 -16.08 -0.08
N LYS A 12 -5.87 -15.81 1.23
CA LYS A 12 -6.77 -16.50 2.17
C LYS A 12 -8.08 -15.69 2.40
N THR A 13 -7.96 -14.36 2.46
CA THR A 13 -9.12 -13.46 2.66
C THR A 13 -9.84 -13.17 1.32
N ARG A 14 -11.16 -12.96 1.37
CA ARG A 14 -11.96 -12.58 0.18
C ARG A 14 -12.11 -11.04 0.08
N VAL A 15 -12.85 -10.43 1.04
CA VAL A 15 -13.21 -8.99 0.97
C VAL A 15 -12.02 -8.04 1.36
N LYS A 16 -11.09 -8.53 2.19
CA LYS A 16 -9.99 -7.69 2.75
C LYS A 16 -8.92 -7.33 1.68
N LEU A 17 -8.34 -8.34 1.02
CA LEU A 17 -7.38 -8.13 -0.11
C LEU A 17 -8.09 -7.90 -1.46
N ASN A 18 -9.45 -7.99 -1.48
CA ASN A 18 -10.29 -7.69 -2.69
C ASN A 18 -9.95 -6.30 -3.31
N PHE A 19 -9.65 -5.33 -2.44
CA PHE A 19 -9.29 -3.95 -2.85
C PHE A 19 -7.96 -3.92 -3.65
N LEU A 20 -6.97 -4.69 -3.16
CA LEU A 20 -5.64 -4.79 -3.79
C LEU A 20 -5.69 -5.59 -5.11
N ASP A 21 -6.53 -6.64 -5.15
CA ASP A 21 -6.72 -7.48 -6.35
C ASP A 21 -7.62 -6.83 -7.44
N GLN A 22 -8.59 -5.98 -7.03
CA GLN A 22 -9.51 -5.32 -8.01
C GLN A 22 -8.77 -4.21 -8.80
N ILE A 23 -7.85 -3.53 -8.11
CA ILE A 23 -6.95 -2.54 -8.76
C ILE A 23 -5.84 -3.25 -9.55
N ALA A 24 -5.47 -4.51 -9.17
CA ALA A 24 -4.55 -5.37 -9.97
C ALA A 24 -5.15 -5.75 -11.35
N LYS A 25 -6.49 -5.76 -11.43
CA LYS A 25 -7.22 -5.90 -12.70
C LYS A 25 -7.09 -4.61 -13.56
N PHE A 26 -7.00 -3.43 -12.88
CA PHE A 26 -6.75 -2.13 -13.55
C PHE A 26 -5.26 -2.00 -14.03
N TRP A 27 -4.31 -2.44 -13.17
CA TRP A 27 -2.84 -2.39 -13.46
C TRP A 27 -2.38 -3.54 -14.39
N GLU A 28 -3.28 -4.48 -14.66
CA GLU A 28 -3.12 -5.48 -15.73
C GLU A 28 -2.79 -4.79 -17.09
N LEU A 29 -3.49 -3.66 -17.34
CA LEU A 29 -3.30 -2.82 -18.56
C LEU A 29 -2.07 -1.89 -18.41
N GLN A 30 -1.88 -1.30 -17.21
CA GLN A 30 -0.80 -0.32 -16.92
C GLN A 30 0.62 -0.92 -17.15
N GLY A 31 0.84 -2.13 -16.58
CA GLY A 31 2.08 -2.89 -16.81
C GLY A 31 3.07 -2.83 -15.64
N SER A 32 3.24 -1.64 -15.03
CA SER A 32 4.21 -1.43 -13.90
C SER A 32 3.78 -2.23 -12.63
N SER A 33 4.75 -2.42 -11.71
CA SER A 33 4.60 -3.32 -10.54
C SER A 33 3.59 -2.78 -9.49
N LEU A 34 2.40 -3.40 -9.45
CA LEU A 34 1.41 -3.20 -8.36
C LEU A 34 1.53 -4.35 -7.31
N LYS A 35 0.74 -4.25 -6.22
CA LYS A 35 0.61 -5.29 -5.18
C LYS A 35 1.90 -5.32 -4.32
N ILE A 36 2.54 -4.13 -4.19
CA ILE A 36 3.72 -3.91 -3.33
C ILE A 36 3.40 -2.89 -2.19
N PRO A 37 2.75 -3.35 -1.07
CA PRO A 37 2.59 -2.55 0.16
C PRO A 37 3.87 -2.65 1.05
N MET A 38 4.24 -3.89 1.36
CA MET A 38 5.42 -4.24 2.16
C MET A 38 6.71 -4.24 1.32
N VAL A 39 7.86 -4.30 2.02
CA VAL A 39 9.21 -4.27 1.41
C VAL A 39 10.27 -4.81 2.41
N GLU A 40 10.18 -4.38 3.68
CA GLU A 40 11.05 -4.89 4.77
C GLU A 40 10.42 -6.14 5.42
N ARG A 41 9.21 -5.97 5.95
CA ARG A 41 8.45 -7.04 6.59
C ARG A 41 7.59 -7.75 5.54
N LYS A 42 8.24 -8.66 4.80
CA LYS A 42 7.64 -9.47 3.70
C LYS A 42 6.24 -10.09 4.02
N ALA A 43 5.56 -10.56 2.95
CA ALA A 43 4.09 -10.83 2.92
C ALA A 43 3.31 -9.50 2.81
N LEU A 44 2.45 -9.41 1.81
CA LEU A 44 1.86 -8.16 1.33
C LEU A 44 0.40 -7.97 1.86
N ASP A 45 0.23 -6.97 2.74
CA ASP A 45 -1.09 -6.61 3.33
C ASP A 45 -1.37 -5.09 3.17
N LEU A 46 -1.91 -4.69 2.00
CA LEU A 46 -2.32 -3.28 1.74
C LEU A 46 -3.51 -2.88 2.65
N TYR A 47 -4.31 -3.89 3.02
CA TYR A 47 -5.52 -3.74 3.86
C TYR A 47 -5.21 -2.99 5.20
N THR A 48 -4.37 -3.60 6.07
CA THR A 48 -3.98 -3.01 7.38
C THR A 48 -3.18 -1.69 7.20
N LEU A 49 -2.38 -1.62 6.12
CA LEU A 49 -1.56 -0.44 5.79
C LEU A 49 -2.45 0.82 5.55
N HIS A 50 -3.59 0.60 4.89
CA HIS A 50 -4.58 1.67 4.59
C HIS A 50 -5.28 2.20 5.87
N ARG A 51 -5.43 1.33 6.89
CA ARG A 51 -5.91 1.75 8.24
C ARG A 51 -4.87 2.67 8.92
N ILE A 52 -3.60 2.24 8.92
CA ILE A 52 -2.48 2.93 9.62
C ILE A 52 -2.23 4.37 9.08
N VAL A 53 -2.12 4.49 7.74
CA VAL A 53 -1.94 5.80 7.07
C VAL A 53 -3.15 6.74 7.32
N GLN A 54 -4.36 6.15 7.38
CA GLN A 54 -5.60 6.89 7.69
C GLN A 54 -5.56 7.49 9.12
N GLU A 55 -5.00 6.71 10.08
CA GLU A 55 -4.77 7.16 11.49
C GLU A 55 -3.79 8.35 11.54
N GLU A 56 -2.82 8.36 10.60
CA GLU A 56 -1.81 9.43 10.48
C GLU A 56 -2.29 10.59 9.55
N GLY A 57 -3.60 10.61 9.23
CA GLY A 57 -4.24 11.76 8.54
C GLY A 57 -4.66 11.51 7.09
N GLY A 58 -4.35 10.32 6.54
CA GLY A 58 -4.62 10.01 5.11
C GLY A 58 -3.46 10.44 4.20
N MET A 59 -3.26 9.74 3.05
CA MET A 59 -2.00 9.76 2.23
C MET A 59 -1.33 11.16 2.09
N GLU A 60 -2.10 12.15 1.60
CA GLU A 60 -1.57 13.50 1.31
C GLU A 60 -1.21 14.30 2.58
N GLN A 61 -2.05 14.16 3.62
CA GLN A 61 -1.81 14.82 4.93
C GLN A 61 -0.66 14.13 5.70
N THR A 62 -0.53 12.80 5.50
CA THR A 62 0.59 12.00 6.07
C THR A 62 1.95 12.43 5.43
N THR A 63 1.90 12.88 4.15
CA THR A 63 3.06 13.47 3.45
C THR A 63 3.41 14.87 4.04
N LYS A 64 2.37 15.71 4.23
CA LYS A 64 2.50 17.07 4.79
C LYS A 64 3.00 17.03 6.27
N ASP A 65 2.50 16.05 7.02
CA ASP A 65 2.87 15.82 8.45
C ASP A 65 4.19 14.97 8.54
N ARG A 66 4.58 14.35 7.39
CA ARG A 66 5.82 13.53 7.22
C ARG A 66 5.78 12.20 8.04
N LYS A 67 4.55 11.79 8.43
CA LYS A 67 4.32 10.63 9.34
C LYS A 67 4.44 9.24 8.66
N TRP A 68 5.04 9.18 7.46
CA TRP A 68 5.33 7.90 6.77
C TRP A 68 6.36 7.02 7.53
N ALA A 69 7.29 7.68 8.24
CA ALA A 69 8.22 7.01 9.17
C ALA A 69 7.43 6.34 10.33
N LYS A 70 6.45 7.09 10.86
CA LYS A 70 5.57 6.64 11.96
C LYS A 70 4.75 5.39 11.52
N VAL A 71 4.25 5.42 10.26
CA VAL A 71 3.56 4.28 9.61
C VAL A 71 4.45 3.00 9.62
N ALA A 72 5.75 3.20 9.30
CA ALA A 72 6.76 2.11 9.29
C ALA A 72 7.00 1.53 10.73
N ASN A 73 6.99 2.40 11.78
CA ASN A 73 7.11 1.95 13.20
C ASN A 73 5.95 1.00 13.62
N ARG A 74 4.75 1.27 13.10
CA ARG A 74 3.52 0.47 13.38
C ARG A 74 3.66 -1.00 12.92
N MET A 75 4.50 -1.23 11.88
CA MET A 75 4.76 -2.58 11.32
C MET A 75 6.19 -3.09 11.64
N GLN A 76 6.87 -2.46 12.63
CA GLN A 76 8.21 -2.89 13.14
C GLN A 76 9.36 -2.76 12.08
N TYR A 77 9.18 -1.89 11.07
CA TYR A 77 10.26 -1.56 10.10
C TYR A 77 11.48 -0.87 10.79
N PRO A 78 12.70 -0.91 10.16
CA PRO A 78 13.83 -0.05 10.59
C PRO A 78 13.58 1.42 10.15
N SER A 79 12.66 2.08 10.89
CA SER A 79 12.04 3.36 10.50
C SER A 79 13.07 4.49 10.25
N SER A 80 13.38 4.69 8.97
CA SER A 80 14.28 5.76 8.48
C SER A 80 13.52 6.67 7.48
N LYS A 81 14.16 7.75 7.01
CA LYS A 81 13.54 8.70 6.05
C LYS A 81 13.31 8.05 4.68
N SER A 82 14.25 7.19 4.24
CA SER A 82 14.14 6.41 2.99
C SER A 82 13.08 5.29 3.11
N VAL A 83 13.05 4.62 4.27
CA VAL A 83 12.09 3.53 4.56
C VAL A 83 10.62 4.06 4.55
N GLY A 84 10.41 5.23 5.20
CA GLY A 84 9.13 5.92 5.16
C GLY A 84 8.76 6.42 3.75
N ALA A 85 9.77 6.98 3.04
CA ALA A 85 9.61 7.48 1.64
C ALA A 85 9.30 6.34 0.63
N THR A 86 9.72 5.11 0.96
CA THR A 86 9.39 3.88 0.17
C THR A 86 7.85 3.61 0.22
N LEU A 87 7.28 3.65 1.44
CA LEU A 87 5.82 3.43 1.66
C LEU A 87 4.99 4.64 1.12
N LYS A 88 5.60 5.84 1.18
CA LYS A 88 5.03 7.08 0.62
C LYS A 88 4.86 6.97 -0.91
N ALA A 89 5.94 6.56 -1.59
CA ALA A 89 5.96 6.35 -3.03
C ALA A 89 5.02 5.19 -3.44
N HIS A 90 4.91 4.14 -2.57
CA HIS A 90 3.94 3.03 -2.76
C HIS A 90 2.49 3.57 -2.88
N TYR A 91 2.10 4.50 -2.00
CA TYR A 91 0.76 5.10 -2.04
C TYR A 91 0.56 6.03 -3.26
N GLU A 92 1.56 6.86 -3.55
CA GLU A 92 1.46 7.84 -4.65
C GLU A 92 1.41 7.17 -6.05
N ARG A 93 1.99 5.96 -6.19
CA ARG A 93 1.88 5.19 -7.44
C ARG A 93 0.54 4.43 -7.54
N ILE A 94 0.08 3.85 -6.43
CA ILE A 94 -1.09 2.92 -6.44
C ILE A 94 -2.44 3.68 -6.39
N LEU A 95 -2.55 4.67 -5.50
CA LEU A 95 -3.83 5.37 -5.22
C LEU A 95 -4.17 6.42 -6.32
N HIS A 96 -3.13 7.01 -6.97
CA HIS A 96 -3.32 8.09 -7.98
C HIS A 96 -4.14 7.61 -9.24
N PRO A 97 -3.81 6.42 -9.89
CA PRO A 97 -4.65 5.85 -10.98
C PRO A 97 -5.87 5.04 -10.47
N PHE A 98 -5.95 4.78 -9.14
CA PHE A 98 -7.16 4.17 -8.53
C PHE A 98 -8.31 5.20 -8.51
N GLU A 99 -7.94 6.49 -8.46
CA GLU A 99 -8.86 7.62 -8.67
C GLU A 99 -9.52 7.57 -10.07
N VAL A 100 -8.72 7.15 -11.08
CA VAL A 100 -9.21 6.94 -12.47
C VAL A 100 -10.23 5.77 -12.51
N TYR A 101 -9.90 4.66 -11.81
CA TYR A 101 -10.77 3.46 -11.72
C TYR A 101 -12.15 3.80 -11.09
N THR A 102 -12.11 4.44 -9.91
CA THR A 102 -13.31 4.72 -9.09
C THR A 102 -14.20 5.85 -9.67
N SER A 103 -13.56 6.84 -10.35
CA SER A 103 -14.28 7.99 -10.95
C SER A 103 -14.91 7.61 -12.32
N GLY A 104 -14.06 7.41 -13.35
CA GLY A 104 -14.52 7.15 -14.73
C GLY A 104 -14.57 8.40 -15.63
N LYS A 105 -14.18 9.59 -15.08
CA LYS A 105 -14.08 10.85 -15.85
C LYS A 105 -12.91 10.77 -16.88
N VAL A 106 -13.27 10.58 -18.18
CA VAL A 106 -12.31 10.24 -19.27
C VAL A 106 -11.64 8.88 -18.97
N LEU A 107 -12.19 7.80 -19.56
CA LEU A 107 -11.75 6.38 -19.37
C LEU A 107 -12.00 5.91 -17.89
N PRO A 1 10.99 -18.97 -4.61
CA PRO A 1 10.32 -17.68 -4.26
C PRO A 1 9.28 -17.83 -3.12
N ARG A 2 8.74 -19.07 -2.91
CA ARG A 2 7.65 -19.32 -1.90
C ARG A 2 8.15 -19.27 -0.43
N VAL A 3 9.47 -19.09 -0.24
CA VAL A 3 10.08 -18.90 1.11
C VAL A 3 9.84 -17.46 1.65
N GLN A 4 9.27 -16.59 0.80
CA GLN A 4 9.01 -15.17 1.13
C GLN A 4 7.50 -14.84 0.94
N ARG A 5 6.97 -13.96 1.83
CA ARG A 5 5.54 -13.50 1.84
C ARG A 5 4.53 -14.63 2.21
N LEU A 6 3.92 -14.49 3.41
CA LEU A 6 2.89 -15.44 3.92
C LEU A 6 1.48 -15.02 3.43
N ASN A 7 1.02 -15.69 2.35
CA ASN A 7 -0.32 -15.44 1.75
C ASN A 7 -0.77 -16.69 0.93
N GLU A 8 -2.09 -16.75 0.57
CA GLU A 8 -2.72 -17.84 -0.22
C GLU A 8 -2.86 -19.16 0.57
N LEU A 9 -1.71 -19.80 0.90
CA LEU A 9 -1.66 -21.02 1.76
C LEU A 9 -2.28 -20.68 3.14
N GLU A 10 -1.64 -19.75 3.86
CA GLU A 10 -2.19 -19.16 5.09
C GLU A 10 -3.07 -17.95 4.72
N ALA A 11 -4.39 -18.19 4.61
CA ALA A 11 -5.37 -17.16 4.21
C ALA A 11 -6.66 -17.26 5.06
N LYS A 12 -7.35 -16.11 5.19
CA LYS A 12 -8.60 -15.98 5.98
C LYS A 12 -9.47 -14.81 5.43
N THR A 13 -9.03 -14.23 4.29
CA THR A 13 -9.57 -12.98 3.73
C THR A 13 -9.76 -13.10 2.21
N ARG A 14 -11.01 -13.20 1.74
CA ARG A 14 -11.34 -13.14 0.29
C ARG A 14 -11.56 -11.67 -0.13
N VAL A 15 -12.73 -11.10 0.24
CA VAL A 15 -13.17 -9.74 -0.19
C VAL A 15 -12.21 -8.61 0.30
N LYS A 16 -11.58 -8.83 1.46
CA LYS A 16 -10.69 -7.84 2.10
C LYS A 16 -9.40 -7.58 1.29
N LEU A 17 -8.70 -8.65 0.88
CA LEU A 17 -7.54 -8.54 -0.07
C LEU A 17 -8.00 -8.52 -1.55
N ASN A 18 -9.31 -8.71 -1.81
CA ASN A 18 -9.90 -8.64 -3.18
C ASN A 18 -9.90 -7.19 -3.73
N PHE A 19 -9.80 -6.19 -2.82
CA PHE A 19 -9.63 -4.77 -3.21
C PHE A 19 -8.36 -4.60 -4.09
N LEU A 20 -7.28 -5.29 -3.68
CA LEU A 20 -6.02 -5.36 -4.42
C LEU A 20 -6.14 -6.23 -5.69
N ASP A 21 -6.95 -7.29 -5.63
CA ASP A 21 -7.24 -8.18 -6.80
C ASP A 21 -7.96 -7.41 -7.95
N GLN A 22 -8.88 -6.50 -7.57
CA GLN A 22 -9.64 -5.64 -8.52
C GLN A 22 -8.71 -4.68 -9.29
N ILE A 23 -7.93 -3.88 -8.53
CA ILE A 23 -6.98 -2.89 -9.11
C ILE A 23 -5.79 -3.60 -9.83
N ALA A 24 -5.48 -4.85 -9.42
CA ALA A 24 -4.45 -5.69 -10.11
C ALA A 24 -4.77 -5.87 -11.59
N LYS A 25 -6.07 -6.08 -11.90
CA LYS A 25 -6.59 -6.21 -13.28
C LYS A 25 -6.24 -4.97 -14.16
N PHE A 26 -6.32 -3.77 -13.54
CA PHE A 26 -5.87 -2.51 -14.17
C PHE A 26 -4.35 -2.54 -14.46
N TRP A 27 -3.55 -2.97 -13.47
CA TRP A 27 -2.07 -3.03 -13.57
C TRP A 27 -1.54 -4.29 -14.30
N GLU A 28 -2.43 -5.20 -14.72
CA GLU A 28 -2.07 -6.27 -15.69
C GLU A 28 -1.93 -5.65 -17.09
N LEU A 29 -2.77 -4.63 -17.35
CA LEU A 29 -2.81 -3.88 -18.62
C LEU A 29 -1.59 -2.93 -18.68
N GLN A 30 -1.33 -2.21 -17.56
CA GLN A 30 -0.26 -1.18 -17.48
C GLN A 30 1.13 -1.81 -17.25
N GLY A 31 1.17 -2.91 -16.48
CA GLY A 31 2.42 -3.67 -16.21
C GLY A 31 3.36 -2.98 -15.20
N SER A 32 3.06 -3.14 -13.89
CA SER A 32 3.89 -2.56 -12.79
C SER A 32 3.63 -3.32 -11.45
N SER A 33 4.44 -2.98 -10.42
CA SER A 33 4.38 -3.65 -9.09
C SER A 33 3.13 -3.21 -8.28
N LEU A 34 2.02 -3.93 -8.46
CA LEU A 34 0.78 -3.76 -7.66
C LEU A 34 0.78 -4.77 -6.49
N LYS A 35 0.10 -4.39 -5.39
CA LYS A 35 -0.04 -5.20 -4.15
C LYS A 35 1.35 -5.40 -3.48
N ILE A 36 2.20 -4.35 -3.52
CA ILE A 36 3.49 -4.34 -2.80
C ILE A 36 3.48 -3.25 -1.68
N PRO A 37 2.76 -3.48 -0.52
CA PRO A 37 2.87 -2.58 0.66
C PRO A 37 4.22 -2.73 1.42
N MET A 38 4.50 -3.95 1.93
CA MET A 38 5.65 -4.23 2.81
C MET A 38 6.95 -4.40 2.01
N VAL A 39 7.90 -3.47 2.23
CA VAL A 39 9.25 -3.50 1.61
C VAL A 39 10.23 -4.36 2.45
N GLU A 40 10.02 -4.38 3.78
CA GLU A 40 10.94 -5.00 4.76
C GLU A 40 10.61 -6.51 4.98
N ARG A 41 10.10 -7.18 3.92
CA ARG A 41 9.86 -8.65 3.91
C ARG A 41 8.74 -9.11 4.89
N LYS A 42 7.87 -8.18 5.33
CA LYS A 42 6.82 -8.46 6.37
C LYS A 42 5.48 -8.92 5.72
N ALA A 43 5.56 -9.90 4.79
CA ALA A 43 4.41 -10.34 3.92
C ALA A 43 3.94 -9.16 3.02
N LEU A 44 2.65 -9.14 2.61
CA LEU A 44 2.04 -8.01 1.86
C LEU A 44 0.56 -7.85 2.31
N ASP A 45 0.31 -6.91 3.21
CA ASP A 45 -1.02 -6.65 3.81
C ASP A 45 -1.39 -5.15 3.67
N LEU A 46 -1.78 -4.77 2.45
CA LEU A 46 -2.19 -3.39 2.11
C LEU A 46 -3.51 -3.04 2.86
N TYR A 47 -4.36 -4.06 3.10
CA TYR A 47 -5.63 -3.92 3.83
C TYR A 47 -5.47 -3.21 5.21
N THR A 48 -4.62 -3.79 6.09
CA THR A 48 -4.35 -3.22 7.44
C THR A 48 -3.52 -1.93 7.38
N LEU A 49 -2.55 -1.87 6.44
CA LEU A 49 -1.66 -0.69 6.27
C LEU A 49 -2.45 0.54 5.78
N HIS A 50 -3.53 0.30 5.00
CA HIS A 50 -4.44 1.34 4.48
C HIS A 50 -5.20 2.03 5.65
N ARG A 51 -5.56 1.22 6.68
CA ARG A 51 -6.14 1.73 7.94
C ARG A 51 -5.10 2.54 8.74
N ILE A 52 -3.86 2.02 8.82
CA ILE A 52 -2.74 2.66 9.57
C ILE A 52 -2.43 4.10 9.08
N VAL A 53 -2.31 4.26 7.76
CA VAL A 53 -2.07 5.59 7.14
C VAL A 53 -3.30 6.52 7.32
N GLN A 54 -4.50 5.89 7.38
CA GLN A 54 -5.79 6.57 7.64
C GLN A 54 -5.87 7.07 9.12
N GLU A 55 -5.22 6.34 10.06
CA GLU A 55 -5.12 6.77 11.49
C GLU A 55 -4.38 8.13 11.60
N GLU A 56 -3.42 8.36 10.69
CA GLU A 56 -2.67 9.63 10.57
C GLU A 56 -3.43 10.68 9.70
N GLY A 57 -4.68 10.38 9.31
CA GLY A 57 -5.52 11.31 8.54
C GLY A 57 -5.42 11.14 7.01
N GLY A 58 -5.12 9.91 6.56
CA GLY A 58 -5.04 9.60 5.12
C GLY A 58 -3.65 9.82 4.52
N MET A 59 -3.39 9.19 3.36
CA MET A 59 -2.04 9.20 2.71
C MET A 59 -1.61 10.60 2.23
N GLU A 60 -2.58 11.41 1.78
CA GLU A 60 -2.34 12.79 1.29
C GLU A 60 -1.79 13.70 2.42
N GLN A 61 -2.47 13.67 3.59
CA GLN A 61 -2.06 14.49 4.76
C GLN A 61 -0.76 13.94 5.41
N THR A 62 -0.59 12.60 5.38
CA THR A 62 0.64 11.94 5.86
C THR A 62 1.88 12.33 5.01
N THR A 63 1.64 12.56 3.70
CA THR A 63 2.66 13.11 2.77
C THR A 63 3.00 14.59 3.10
N LYS A 64 1.95 15.40 3.36
CA LYS A 64 2.08 16.84 3.69
C LYS A 64 2.87 17.06 5.00
N ASP A 65 2.57 16.24 6.03
CA ASP A 65 3.29 16.24 7.31
C ASP A 65 4.65 15.49 7.21
N ARG A 66 4.82 14.66 6.16
CA ARG A 66 6.01 13.79 5.94
C ARG A 66 6.16 12.71 7.05
N LYS A 67 5.03 12.37 7.72
CA LYS A 67 5.00 11.47 8.90
C LYS A 67 4.80 9.98 8.49
N TRP A 68 5.19 9.63 7.24
CA TRP A 68 5.28 8.21 6.78
C TRP A 68 6.28 7.39 7.63
N ALA A 69 7.19 8.11 8.31
CA ALA A 69 8.07 7.57 9.36
C ALA A 69 7.26 6.81 10.44
N LYS A 70 6.20 7.47 10.96
CA LYS A 70 5.33 6.92 12.04
C LYS A 70 4.48 5.72 11.55
N VAL A 71 4.14 5.72 10.25
CA VAL A 71 3.47 4.59 9.56
C VAL A 71 4.39 3.33 9.54
N ALA A 72 5.70 3.55 9.31
CA ALA A 72 6.72 2.48 9.32
C ALA A 72 6.99 1.97 10.77
N ASN A 73 7.24 2.89 11.71
CA ASN A 73 7.45 2.56 13.15
C ASN A 73 6.23 1.82 13.77
N ARG A 74 5.03 2.07 13.23
CA ARG A 74 3.77 1.36 13.62
C ARG A 74 3.92 -0.19 13.55
N MET A 75 4.63 -0.69 12.50
CA MET A 75 4.95 -2.14 12.33
C MET A 75 6.44 -2.44 12.63
N GLN A 76 7.12 -1.52 13.35
CA GLN A 76 8.52 -1.68 13.83
C GLN A 76 9.54 -1.83 12.66
N TYR A 77 9.34 -1.10 11.55
CA TYR A 77 10.34 -0.99 10.45
C TYR A 77 11.64 -0.29 10.98
N PRO A 78 12.86 -0.79 10.60
CA PRO A 78 14.16 -0.32 11.19
C PRO A 78 14.66 1.08 10.70
N SER A 79 13.85 1.81 9.91
CA SER A 79 14.20 3.21 9.50
C SER A 79 12.92 4.08 9.32
N SER A 80 13.12 5.41 9.38
CA SER A 80 12.02 6.39 9.37
C SER A 80 11.81 7.06 7.98
N LYS A 81 12.78 7.90 7.52
CA LYS A 81 12.64 8.69 6.27
C LYS A 81 12.76 7.80 5.00
N SER A 82 13.84 6.99 4.92
CA SER A 82 14.14 6.15 3.73
C SER A 82 13.02 5.09 3.47
N VAL A 83 12.77 4.25 4.48
CA VAL A 83 11.71 3.22 4.45
C VAL A 83 10.29 3.85 4.31
N GLY A 84 10.03 4.92 5.08
CA GLY A 84 8.74 5.63 5.03
C GLY A 84 8.41 6.21 3.65
N ALA A 85 9.45 6.74 2.97
CA ALA A 85 9.34 7.28 1.59
C ALA A 85 9.14 6.15 0.55
N THR A 86 9.64 4.94 0.86
CA THR A 86 9.45 3.74 0.01
C THR A 86 7.99 3.22 0.13
N LEU A 87 7.43 3.22 1.36
CA LEU A 87 6.01 2.88 1.61
C LEU A 87 5.08 3.88 0.93
N LYS A 88 5.43 5.18 1.07
CA LYS A 88 4.78 6.30 0.36
C LYS A 88 4.78 6.05 -1.15
N ALA A 89 5.97 5.74 -1.70
CA ALA A 89 6.18 5.51 -3.15
C ALA A 89 5.27 4.39 -3.69
N HIS A 90 5.08 3.32 -2.87
CA HIS A 90 4.18 2.20 -3.22
C HIS A 90 2.73 2.69 -3.40
N TYR A 91 2.27 3.54 -2.47
CA TYR A 91 0.93 4.17 -2.55
C TYR A 91 0.83 5.15 -3.75
N GLU A 92 1.83 6.03 -3.91
CA GLU A 92 1.81 7.16 -4.88
C GLU A 92 1.74 6.69 -6.36
N ARG A 93 2.59 5.72 -6.75
CA ARG A 93 2.58 5.14 -8.13
C ARG A 93 1.22 4.50 -8.50
N ILE A 94 0.54 3.97 -7.48
CA ILE A 94 -0.70 3.19 -7.64
C ILE A 94 -1.98 4.07 -7.46
N LEU A 95 -1.87 5.16 -6.68
CA LEU A 95 -3.03 6.02 -6.33
C LEU A 95 -3.29 7.08 -7.43
N HIS A 96 -2.21 7.64 -8.01
CA HIS A 96 -2.29 8.78 -8.97
C HIS A 96 -3.07 8.45 -10.30
N PRO A 97 -2.99 7.20 -10.89
CA PRO A 97 -3.91 6.79 -12.00
C PRO A 97 -5.17 6.00 -11.53
N PHE A 98 -5.47 6.02 -10.22
CA PHE A 98 -6.63 5.31 -9.62
C PHE A 98 -7.47 6.26 -8.70
N GLU A 99 -7.13 7.56 -8.73
CA GLU A 99 -7.84 8.61 -7.97
C GLU A 99 -9.29 8.87 -8.50
N VAL A 100 -9.63 8.27 -9.65
CA VAL A 100 -11.01 8.23 -10.19
C VAL A 100 -11.98 7.54 -9.19
N TYR A 101 -11.50 6.46 -8.56
CA TYR A 101 -12.24 5.70 -7.53
C TYR A 101 -12.21 6.41 -6.15
N THR A 102 -10.99 6.74 -5.66
CA THR A 102 -10.77 7.24 -4.28
C THR A 102 -11.37 8.64 -4.05
N SER A 103 -11.22 9.52 -5.04
CA SER A 103 -11.92 10.83 -5.07
C SER A 103 -13.31 10.67 -5.75
N GLY A 104 -14.22 11.64 -5.54
CA GLY A 104 -15.59 11.61 -6.12
C GLY A 104 -15.61 12.15 -7.55
N LYS A 105 -14.77 11.55 -8.40
CA LYS A 105 -14.44 12.05 -9.75
C LYS A 105 -15.40 11.47 -10.83
N VAL A 106 -16.10 12.38 -11.56
CA VAL A 106 -16.94 12.00 -12.73
C VAL A 106 -16.04 11.67 -13.96
N LEU A 107 -16.50 10.76 -14.82
CA LEU A 107 -15.75 10.30 -16.01
C LEU A 107 -16.75 9.70 -17.04
N PRO A 1 9.76 -4.18 -14.17
CA PRO A 1 8.78 -4.89 -15.05
C PRO A 1 7.99 -6.01 -14.31
N ARG A 2 8.65 -6.69 -13.35
CA ARG A 2 8.06 -7.86 -12.64
C ARG A 2 7.70 -7.54 -11.17
N VAL A 3 7.12 -8.54 -10.49
CA VAL A 3 6.88 -8.54 -9.04
C VAL A 3 8.21 -8.49 -8.24
N GLN A 4 8.25 -7.65 -7.18
CA GLN A 4 9.42 -7.56 -6.28
C GLN A 4 9.51 -8.78 -5.34
N ARG A 5 8.49 -8.97 -4.48
CA ARG A 5 8.49 -10.06 -3.46
C ARG A 5 7.06 -10.43 -3.02
N LEU A 6 6.86 -11.73 -2.76
CA LEU A 6 5.57 -12.30 -2.33
C LEU A 6 5.73 -13.68 -1.64
N ASN A 7 4.68 -14.09 -0.90
CA ASN A 7 4.49 -15.48 -0.42
C ASN A 7 5.57 -16.02 0.56
N GLU A 8 5.26 -17.22 1.12
CA GLU A 8 6.17 -18.03 1.95
C GLU A 8 5.49 -19.39 2.26
N LEU A 9 4.34 -19.32 2.95
CA LEU A 9 3.48 -20.49 3.25
C LEU A 9 2.03 -20.22 2.82
N GLU A 10 1.38 -19.25 3.49
CA GLU A 10 -0.06 -18.93 3.27
C GLU A 10 -0.42 -17.54 3.86
N ALA A 11 -1.46 -16.91 3.27
CA ALA A 11 -2.09 -15.68 3.79
C ALA A 11 -3.60 -15.72 3.45
N LYS A 12 -4.40 -15.95 4.50
CA LYS A 12 -5.89 -16.14 4.41
C LYS A 12 -6.68 -14.80 4.26
N THR A 13 -6.01 -13.74 3.80
CA THR A 13 -6.59 -12.39 3.68
C THR A 13 -7.30 -12.17 2.32
N ARG A 14 -8.27 -13.05 1.98
CA ARG A 14 -8.94 -13.03 0.66
C ARG A 14 -9.83 -11.76 0.48
N VAL A 15 -10.96 -11.69 1.21
CA VAL A 15 -11.93 -10.56 1.09
C VAL A 15 -11.30 -9.21 1.56
N LYS A 16 -10.26 -9.31 2.41
CA LYS A 16 -9.47 -8.18 2.91
C LYS A 16 -8.63 -7.50 1.79
N LEU A 17 -7.81 -8.30 1.09
CA LEU A 17 -6.96 -7.84 -0.04
C LEU A 17 -7.73 -7.78 -1.39
N ASN A 18 -9.00 -8.22 -1.38
CA ASN A 18 -9.90 -8.21 -2.59
C ASN A 18 -10.04 -6.79 -3.22
N PHE A 19 -9.91 -5.74 -2.37
CA PHE A 19 -9.90 -4.33 -2.82
C PHE A 19 -8.76 -4.06 -3.83
N LEU A 20 -7.60 -4.66 -3.55
CA LEU A 20 -6.40 -4.57 -4.40
C LEU A 20 -6.55 -5.38 -5.71
N ASP A 21 -7.39 -6.43 -5.67
CA ASP A 21 -7.76 -7.21 -6.87
C ASP A 21 -8.75 -6.44 -7.80
N GLN A 22 -9.58 -5.53 -7.22
CA GLN A 22 -10.49 -4.65 -7.99
C GLN A 22 -9.68 -3.66 -8.86
N ILE A 23 -8.71 -2.99 -8.21
CA ILE A 23 -7.78 -2.06 -8.89
C ILE A 23 -6.76 -2.84 -9.79
N ALA A 24 -6.44 -4.12 -9.44
CA ALA A 24 -5.60 -5.02 -10.32
C ALA A 24 -6.27 -5.29 -11.69
N LYS A 25 -7.61 -5.29 -11.69
CA LYS A 25 -8.43 -5.38 -12.91
C LYS A 25 -8.26 -4.12 -13.80
N PHE A 26 -8.09 -2.94 -13.15
CA PHE A 26 -7.74 -1.67 -13.85
C PHE A 26 -6.27 -1.72 -14.37
N TRP A 27 -5.35 -2.29 -13.56
CA TRP A 27 -3.91 -2.38 -13.92
C TRP A 27 -3.67 -3.43 -15.03
N GLU A 28 -3.53 -4.71 -14.62
CA GLU A 28 -3.11 -5.82 -15.50
C GLU A 28 -1.61 -5.69 -15.97
N LEU A 29 -1.29 -4.58 -16.67
CA LEU A 29 0.06 -4.34 -17.25
C LEU A 29 0.46 -2.82 -17.24
N GLN A 30 -0.36 -1.95 -16.62
CA GLN A 30 -0.19 -0.45 -16.69
C GLN A 30 1.10 0.11 -16.02
N GLY A 31 1.98 -0.76 -15.52
CA GLY A 31 3.28 -0.36 -14.97
C GLY A 31 3.77 -1.35 -13.90
N SER A 32 4.21 -2.54 -14.37
CA SER A 32 4.64 -3.68 -13.49
C SER A 32 3.45 -4.30 -12.71
N SER A 33 3.73 -5.31 -11.85
CA SER A 33 2.71 -6.01 -11.05
C SER A 33 2.19 -5.13 -9.87
N LEU A 34 0.87 -5.19 -9.63
CA LEU A 34 0.21 -4.46 -8.52
C LEU A 34 0.21 -5.31 -7.21
N LYS A 35 -0.15 -4.66 -6.07
CA LYS A 35 -0.40 -5.31 -4.76
C LYS A 35 0.92 -5.82 -4.15
N ILE A 36 1.88 -4.88 -3.97
CA ILE A 36 3.17 -5.13 -3.29
C ILE A 36 3.32 -4.20 -2.06
N PRO A 37 2.71 -4.57 -0.88
CA PRO A 37 2.99 -3.91 0.41
C PRO A 37 4.13 -4.63 1.18
N MET A 38 4.43 -4.10 2.37
CA MET A 38 5.36 -4.71 3.34
C MET A 38 6.73 -5.08 2.75
N VAL A 39 7.50 -4.05 2.42
CA VAL A 39 8.88 -4.19 1.89
C VAL A 39 9.82 -4.78 2.99
N GLU A 40 9.54 -4.43 4.27
CA GLU A 40 10.38 -4.83 5.42
C GLU A 40 9.69 -5.83 6.39
N ARG A 41 8.50 -6.34 5.99
CA ARG A 41 7.83 -7.46 6.72
C ARG A 41 7.67 -8.70 5.80
N LYS A 42 7.58 -8.43 4.48
CA LYS A 42 7.54 -9.45 3.39
C LYS A 42 6.16 -10.17 3.26
N ALA A 43 5.45 -10.36 4.37
CA ALA A 43 4.04 -10.83 4.35
C ALA A 43 3.11 -9.66 3.98
N LEU A 44 2.37 -9.82 2.88
CA LEU A 44 1.67 -8.73 2.19
C LEU A 44 0.32 -8.39 2.88
N ASP A 45 0.29 -7.26 3.57
CA ASP A 45 -0.91 -6.77 4.29
C ASP A 45 -1.18 -5.28 3.96
N LEU A 46 -1.62 -5.00 2.72
CA LEU A 46 -2.02 -3.62 2.30
C LEU A 46 -3.32 -3.20 3.03
N TYR A 47 -4.18 -4.19 3.34
CA TYR A 47 -5.44 -4.00 4.09
C TYR A 47 -5.22 -3.21 5.41
N THR A 48 -4.40 -3.77 6.32
CA THR A 48 -4.10 -3.12 7.63
C THR A 48 -3.19 -1.87 7.45
N LEU A 49 -2.29 -1.91 6.43
CA LEU A 49 -1.36 -0.80 6.10
C LEU A 49 -2.14 0.50 5.77
N HIS A 50 -3.19 0.38 4.94
CA HIS A 50 -4.04 1.52 4.54
C HIS A 50 -4.82 2.08 5.74
N ARG A 51 -5.16 1.20 6.69
CA ARG A 51 -5.87 1.54 7.94
C ARG A 51 -4.94 2.27 8.95
N ILE A 52 -3.65 1.88 8.98
CA ILE A 52 -2.59 2.60 9.76
C ILE A 52 -2.35 4.02 9.20
N VAL A 53 -2.26 4.13 7.86
CA VAL A 53 -2.13 5.43 7.16
C VAL A 53 -3.41 6.29 7.36
N GLN A 54 -4.58 5.61 7.45
CA GLN A 54 -5.90 6.24 7.74
C GLN A 54 -5.91 6.88 9.15
N GLU A 55 -5.39 6.14 10.15
CA GLU A 55 -5.16 6.65 11.53
C GLU A 55 -4.26 7.93 11.54
N GLU A 56 -3.30 7.98 10.61
CA GLU A 56 -2.43 9.17 10.41
C GLU A 56 -3.13 10.29 9.59
N GLY A 57 -4.19 9.93 8.83
CA GLY A 57 -5.06 10.92 8.14
C GLY A 57 -5.33 10.63 6.65
N GLY A 58 -5.09 9.37 6.21
CA GLY A 58 -5.14 9.03 4.76
C GLY A 58 -3.82 9.36 4.06
N MET A 59 -3.56 8.72 2.89
CA MET A 59 -2.26 8.83 2.16
C MET A 59 -1.87 10.31 1.89
N GLU A 60 -2.87 11.10 1.52
CA GLU A 60 -2.69 12.49 1.06
C GLU A 60 -2.30 13.44 2.23
N GLN A 61 -3.04 13.34 3.36
CA GLN A 61 -2.77 14.16 4.57
C GLN A 61 -1.49 13.67 5.31
N THR A 62 -1.22 12.36 5.26
CA THR A 62 0.02 11.76 5.81
C THR A 62 1.27 12.21 5.01
N THR A 63 1.09 12.47 3.70
CA THR A 63 2.14 13.08 2.84
C THR A 63 2.30 14.60 3.14
N LYS A 64 1.19 15.27 3.47
CA LYS A 64 1.16 16.71 3.85
C LYS A 64 1.92 16.94 5.19
N ASP A 65 1.61 16.08 6.17
CA ASP A 65 2.26 16.08 7.49
C ASP A 65 3.65 15.38 7.44
N ARG A 66 3.88 14.57 6.37
CA ARG A 66 5.14 13.80 6.14
C ARG A 66 5.39 12.73 7.25
N LYS A 67 4.28 12.17 7.80
CA LYS A 67 4.32 11.19 8.92
C LYS A 67 4.46 9.72 8.45
N TRP A 68 5.07 9.51 7.27
CA TRP A 68 5.36 8.16 6.74
C TRP A 68 6.42 7.41 7.58
N ALA A 69 7.32 8.18 8.21
CA ALA A 69 8.31 7.65 9.19
C ALA A 69 7.59 6.99 10.40
N LYS A 70 6.47 7.62 10.83
CA LYS A 70 5.58 7.07 11.87
C LYS A 70 4.85 5.78 11.39
N VAL A 71 4.27 5.81 10.18
CA VAL A 71 3.56 4.62 9.59
C VAL A 71 4.48 3.38 9.58
N ALA A 72 5.74 3.60 9.18
CA ALA A 72 6.80 2.57 9.13
C ALA A 72 7.12 1.96 10.53
N ASN A 73 7.36 2.83 11.53
CA ASN A 73 7.79 2.41 12.89
C ASN A 73 6.67 1.64 13.65
N ARG A 74 5.39 1.98 13.35
CA ARG A 74 4.20 1.27 13.90
C ARG A 74 4.13 -0.22 13.45
N MET A 75 4.76 -0.52 12.31
CA MET A 75 4.88 -1.90 11.76
C MET A 75 6.29 -2.49 12.03
N GLN A 76 7.04 -1.84 12.95
CA GLN A 76 8.37 -2.31 13.45
C GLN A 76 9.47 -2.31 12.33
N TYR A 77 9.36 -1.37 11.38
CA TYR A 77 10.36 -1.19 10.29
C TYR A 77 11.73 -0.67 10.85
N PRO A 78 12.89 -1.13 10.25
CA PRO A 78 14.27 -0.88 10.80
C PRO A 78 14.64 0.61 11.04
N SER A 79 14.76 1.40 9.94
CA SER A 79 15.28 2.80 10.01
C SER A 79 14.28 3.77 10.66
N SER A 80 12.97 3.41 10.63
CA SER A 80 11.85 4.24 11.18
C SER A 80 11.76 5.65 10.51
N LYS A 81 12.35 5.81 9.30
CA LYS A 81 12.39 7.11 8.58
C LYS A 81 12.55 6.86 7.05
N SER A 82 13.71 6.29 6.64
CA SER A 82 14.01 5.99 5.20
C SER A 82 12.99 5.01 4.61
N VAL A 83 12.62 4.01 5.42
CA VAL A 83 11.52 3.05 5.14
C VAL A 83 10.16 3.76 4.84
N GLY A 84 9.91 4.91 5.50
CA GLY A 84 8.70 5.70 5.27
C GLY A 84 8.62 6.29 3.85
N ALA A 85 9.77 6.77 3.33
CA ALA A 85 9.87 7.29 1.94
C ALA A 85 9.59 6.18 0.89
N THR A 86 10.00 4.93 1.22
CA THR A 86 9.73 3.73 0.38
C THR A 86 8.21 3.42 0.32
N LEU A 87 7.54 3.45 1.49
CA LEU A 87 6.07 3.24 1.61
C LEU A 87 5.28 4.33 0.86
N LYS A 88 5.75 5.59 0.98
CA LYS A 88 5.13 6.76 0.31
C LYS A 88 5.16 6.60 -1.22
N ALA A 89 6.34 6.24 -1.75
CA ALA A 89 6.55 6.05 -3.20
C ALA A 89 5.71 4.87 -3.75
N HIS A 90 5.63 3.76 -2.96
CA HIS A 90 4.74 2.60 -3.27
C HIS A 90 3.25 3.03 -3.41
N TYR A 91 2.76 3.80 -2.43
CA TYR A 91 1.38 4.34 -2.42
C TYR A 91 1.11 5.26 -3.64
N GLU A 92 2.05 6.18 -3.89
CA GLU A 92 1.97 7.17 -5.00
C GLU A 92 1.80 6.51 -6.39
N ARG A 93 2.69 5.56 -6.74
CA ARG A 93 2.65 4.87 -8.06
C ARG A 93 1.43 3.92 -8.24
N ILE A 94 0.65 3.71 -7.17
CA ILE A 94 -0.57 2.87 -7.19
C ILE A 94 -1.86 3.73 -7.10
N LEU A 95 -1.79 4.87 -6.40
CA LEU A 95 -2.95 5.77 -6.21
C LEU A 95 -3.11 6.74 -7.41
N HIS A 96 -1.99 7.09 -8.08
CA HIS A 96 -2.00 8.00 -9.26
C HIS A 96 -2.79 7.42 -10.49
N PRO A 97 -2.72 6.10 -10.82
CA PRO A 97 -3.70 5.47 -11.76
C PRO A 97 -5.13 5.33 -11.15
N PHE A 98 -5.22 5.17 -9.82
CA PHE A 98 -6.51 4.90 -9.12
C PHE A 98 -7.29 6.21 -8.78
N GLU A 99 -6.64 7.39 -8.98
CA GLU A 99 -7.29 8.70 -8.77
C GLU A 99 -8.38 8.98 -9.84
N VAL A 100 -8.37 8.18 -10.93
CA VAL A 100 -9.46 8.14 -11.92
C VAL A 100 -10.81 7.74 -11.24
N TYR A 101 -10.72 6.81 -10.27
CA TYR A 101 -11.86 6.36 -9.46
C TYR A 101 -12.24 7.41 -8.38
N THR A 102 -11.27 7.72 -7.48
CA THR A 102 -11.52 8.48 -6.22
C THR A 102 -11.07 9.96 -6.28
N SER A 103 -9.88 10.19 -6.88
CA SER A 103 -9.09 11.47 -6.83
C SER A 103 -8.57 11.77 -5.40
N GLY A 104 -7.39 12.44 -5.33
CA GLY A 104 -6.78 12.85 -4.05
C GLY A 104 -6.66 14.37 -3.91
N LYS A 105 -7.33 15.11 -4.82
CA LYS A 105 -7.27 16.60 -4.89
C LYS A 105 -8.68 17.22 -4.88
N VAL A 106 -8.77 18.48 -4.41
CA VAL A 106 -10.03 19.27 -4.45
C VAL A 106 -10.34 19.76 -5.89
N LEU A 107 -11.56 19.44 -6.37
CA LEU A 107 -12.01 19.81 -7.74
C LEU A 107 -12.54 21.28 -7.77
N PRO A 1 3.86 -14.81 0.27
CA PRO A 1 4.66 -15.03 -0.98
C PRO A 1 6.17 -15.30 -0.69
N ARG A 2 6.49 -15.59 0.60
CA ARG A 2 7.87 -15.76 1.11
C ARG A 2 8.69 -14.45 0.93
N VAL A 3 9.13 -14.17 -0.32
CA VAL A 3 9.81 -12.91 -0.73
C VAL A 3 10.14 -12.96 -2.25
N GLN A 4 10.70 -14.11 -2.68
CA GLN A 4 11.33 -14.26 -4.02
C GLN A 4 10.38 -14.86 -5.08
N ARG A 5 9.22 -15.40 -4.66
CA ARG A 5 8.34 -16.17 -5.57
C ARG A 5 6.84 -15.80 -5.46
N LEU A 6 6.08 -16.26 -6.47
CA LEU A 6 4.61 -16.11 -6.55
C LEU A 6 3.93 -17.34 -5.89
N ASN A 7 2.70 -17.14 -5.36
CA ASN A 7 1.94 -18.22 -4.68
C ASN A 7 0.46 -17.84 -4.49
N GLU A 8 -0.33 -18.79 -3.98
CA GLU A 8 -1.74 -18.57 -3.58
C GLU A 8 -1.99 -19.06 -2.13
N LEU A 9 -0.92 -19.50 -1.45
CA LEU A 9 -0.99 -20.09 -0.10
C LEU A 9 -0.90 -18.97 0.99
N GLU A 10 0.29 -18.35 1.11
CA GLU A 10 0.56 -17.33 2.15
C GLU A 10 -0.21 -16.01 1.89
N ALA A 11 -1.36 -15.91 2.56
CA ALA A 11 -2.32 -14.79 2.47
C ALA A 11 -3.41 -15.00 3.55
N LYS A 12 -4.14 -13.93 3.94
CA LYS A 12 -5.08 -13.98 5.07
C LYS A 12 -6.35 -13.17 4.79
N THR A 13 -7.39 -13.93 4.42
CA THR A 13 -8.79 -13.49 4.28
C THR A 13 -9.02 -12.71 2.96
N ARG A 14 -9.94 -13.22 2.14
CA ARG A 14 -10.14 -12.76 0.77
C ARG A 14 -10.85 -11.37 0.69
N VAL A 15 -11.81 -11.11 1.61
CA VAL A 15 -12.53 -9.81 1.67
C VAL A 15 -11.59 -8.65 2.10
N LYS A 16 -10.56 -8.99 2.92
CA LYS A 16 -9.55 -8.02 3.40
C LYS A 16 -8.59 -7.60 2.26
N LEU A 17 -8.15 -8.58 1.48
CA LEU A 17 -7.28 -8.35 0.29
C LEU A 17 -8.09 -7.97 -0.97
N ASN A 18 -9.44 -8.09 -0.92
CA ASN A 18 -10.33 -7.82 -2.07
C ASN A 18 -10.14 -6.39 -2.64
N PHE A 19 -9.87 -5.40 -1.75
CA PHE A 19 -9.58 -4.00 -2.14
C PHE A 19 -8.44 -3.96 -3.20
N LEU A 20 -7.40 -4.77 -2.92
CA LEU A 20 -6.20 -4.90 -3.75
C LEU A 20 -6.51 -5.68 -5.05
N ASP A 21 -7.35 -6.72 -4.95
CA ASP A 21 -7.74 -7.55 -6.13
C ASP A 21 -8.66 -6.78 -7.12
N GLN A 22 -9.42 -5.79 -6.61
CA GLN A 22 -10.27 -4.89 -7.43
C GLN A 22 -9.39 -3.98 -8.31
N ILE A 23 -8.44 -3.28 -7.67
CA ILE A 23 -7.50 -2.37 -8.35
C ILE A 23 -6.45 -3.17 -9.19
N ALA A 24 -6.19 -4.44 -8.81
CA ALA A 24 -5.32 -5.35 -9.61
C ALA A 24 -5.90 -5.60 -11.02
N LYS A 25 -7.25 -5.70 -11.07
CA LYS A 25 -8.00 -5.83 -12.34
C LYS A 25 -7.80 -4.58 -13.24
N PHE A 26 -7.77 -3.40 -12.60
CA PHE A 26 -7.44 -2.10 -13.25
C PHE A 26 -5.98 -2.12 -13.80
N TRP A 27 -5.04 -2.67 -13.00
CA TRP A 27 -3.59 -2.71 -13.36
C TRP A 27 -3.23 -3.81 -14.38
N GLU A 28 -4.16 -4.74 -14.66
CA GLU A 28 -4.03 -5.67 -15.82
C GLU A 28 -4.13 -4.87 -17.15
N LEU A 29 -4.97 -3.81 -17.12
CA LEU A 29 -5.18 -2.91 -18.27
C LEU A 29 -4.00 -1.91 -18.42
N GLN A 30 -3.34 -1.57 -17.29
CA GLN A 30 -2.19 -0.61 -17.27
C GLN A 30 -0.85 -1.34 -17.54
N GLY A 31 -0.44 -2.19 -16.58
CA GLY A 31 0.81 -2.96 -16.67
C GLY A 31 1.59 -3.00 -15.36
N SER A 32 2.56 -3.93 -15.28
CA SER A 32 3.46 -4.13 -14.11
C SER A 32 2.70 -4.68 -12.86
N SER A 33 3.46 -4.89 -11.75
CA SER A 33 2.95 -5.55 -10.52
C SER A 33 2.14 -4.61 -9.61
N LEU A 34 0.92 -5.05 -9.26
CA LEU A 34 0.10 -4.45 -8.18
C LEU A 34 0.26 -5.35 -6.90
N LYS A 35 -0.09 -4.80 -5.71
CA LYS A 35 -0.04 -5.50 -4.40
C LYS A 35 1.43 -5.71 -3.96
N ILE A 36 2.14 -4.58 -3.71
CA ILE A 36 3.54 -4.59 -3.21
C ILE A 36 3.67 -3.75 -1.89
N PRO A 37 3.26 -4.31 -0.72
CA PRO A 37 3.62 -3.77 0.60
C PRO A 37 4.90 -4.41 1.17
N MET A 38 5.19 -4.09 2.45
CA MET A 38 6.14 -4.83 3.32
C MET A 38 7.48 -5.16 2.64
N VAL A 39 8.09 -4.12 2.09
CA VAL A 39 9.39 -4.20 1.35
C VAL A 39 10.53 -4.78 2.23
N GLU A 40 10.41 -4.57 3.56
CA GLU A 40 11.39 -5.05 4.57
C GLU A 40 10.85 -6.24 5.40
N ARG A 41 9.52 -6.45 5.41
CA ARG A 41 8.89 -7.52 6.21
C ARG A 41 8.66 -8.83 5.41
N LYS A 42 8.75 -8.71 4.06
CA LYS A 42 8.67 -9.86 3.10
C LYS A 42 7.23 -10.39 2.88
N ALA A 43 6.55 -10.82 3.96
CA ALA A 43 5.12 -11.24 3.90
C ALA A 43 4.20 -10.01 3.76
N LEU A 44 3.21 -10.09 2.86
CA LEU A 44 2.46 -8.91 2.38
C LEU A 44 1.16 -8.65 3.19
N ASP A 45 1.15 -7.54 3.95
CA ASP A 45 0.01 -7.10 4.78
C ASP A 45 -0.38 -5.63 4.45
N LEU A 46 -0.72 -5.38 3.17
CA LEU A 46 -1.15 -4.02 2.70
C LEU A 46 -2.52 -3.63 3.33
N TYR A 47 -3.34 -4.65 3.67
CA TYR A 47 -4.65 -4.44 4.36
C TYR A 47 -4.51 -3.50 5.59
N THR A 48 -3.65 -3.89 6.55
CA THR A 48 -3.41 -3.09 7.78
C THR A 48 -2.56 -1.84 7.47
N LEU A 49 -1.66 -1.94 6.47
CA LEU A 49 -0.74 -0.84 6.09
C LEU A 49 -1.54 0.39 5.58
N HIS A 50 -2.46 0.17 4.60
CA HIS A 50 -3.33 1.24 4.05
C HIS A 50 -4.32 1.75 5.09
N ARG A 51 -4.76 0.84 5.98
CA ARG A 51 -5.68 1.17 7.08
C ARG A 51 -5.04 2.21 8.02
N ILE A 52 -3.81 1.95 8.48
CA ILE A 52 -3.04 2.86 9.38
C ILE A 52 -2.92 4.26 8.77
N VAL A 53 -2.50 4.33 7.48
CA VAL A 53 -2.36 5.60 6.73
C VAL A 53 -3.70 6.38 6.66
N GLN A 54 -4.81 5.63 6.51
CA GLN A 54 -6.18 6.20 6.44
C GLN A 54 -6.64 6.68 7.85
N GLU A 55 -6.31 5.91 8.91
CA GLU A 55 -6.62 6.26 10.31
C GLU A 55 -5.76 7.44 10.81
N GLU A 56 -4.62 7.67 10.13
CA GLU A 56 -3.80 8.89 10.31
C GLU A 56 -4.54 10.12 9.73
N GLY A 57 -5.26 9.92 8.61
CA GLY A 57 -6.04 10.99 7.96
C GLY A 57 -6.10 10.85 6.42
N GLY A 58 -5.31 9.92 5.86
CA GLY A 58 -5.24 9.68 4.40
C GLY A 58 -3.80 9.64 3.88
N MET A 59 -3.61 9.22 2.62
CA MET A 59 -2.26 9.08 2.00
C MET A 59 -1.57 10.46 1.85
N GLU A 60 -2.29 11.37 1.17
CA GLU A 60 -1.85 12.76 0.90
C GLU A 60 -1.74 13.62 2.19
N GLN A 61 -2.58 13.31 3.20
CA GLN A 61 -2.52 13.97 4.51
C GLN A 61 -1.25 13.52 5.28
N THR A 62 -1.05 12.20 5.36
CA THR A 62 0.16 11.56 5.97
C THR A 62 1.47 12.03 5.27
N THR A 63 1.37 12.34 3.96
CA THR A 63 2.45 12.96 3.18
C THR A 63 2.83 14.37 3.72
N LYS A 64 1.82 15.25 3.83
CA LYS A 64 2.00 16.67 4.26
C LYS A 64 2.40 16.78 5.75
N ASP A 65 1.83 15.89 6.57
CA ASP A 65 2.16 15.77 8.01
C ASP A 65 3.44 14.91 8.26
N ARG A 66 4.01 14.34 7.17
CA ARG A 66 5.33 13.64 7.16
C ARG A 66 5.30 12.31 7.99
N LYS A 67 4.08 11.82 8.30
CA LYS A 67 3.86 10.69 9.24
C LYS A 67 4.15 9.30 8.63
N TRP A 68 4.70 9.26 7.40
CA TRP A 68 5.16 8.00 6.77
C TRP A 68 6.25 7.30 7.61
N ALA A 69 7.06 8.10 8.31
CA ALA A 69 8.04 7.60 9.30
C ALA A 69 7.33 6.82 10.44
N LYS A 70 6.18 7.35 10.89
CA LYS A 70 5.31 6.69 11.91
C LYS A 70 4.63 5.42 11.35
N VAL A 71 4.25 5.43 10.06
CA VAL A 71 3.63 4.26 9.39
C VAL A 71 4.61 3.05 9.36
N ALA A 72 5.88 3.34 9.00
CA ALA A 72 6.98 2.35 9.02
C ALA A 72 7.27 1.87 10.48
N ASN A 73 7.25 2.80 11.44
CA ASN A 73 7.51 2.51 12.88
C ASN A 73 6.38 1.64 13.49
N ARG A 74 5.12 1.88 13.08
CA ARG A 74 3.94 1.08 13.50
C ARG A 74 4.07 -0.38 13.02
N MET A 75 4.47 -0.55 11.75
CA MET A 75 4.65 -1.88 11.13
C MET A 75 6.07 -2.47 11.37
N GLN A 76 6.80 -1.91 12.36
CA GLN A 76 8.03 -2.50 12.95
C GLN A 76 9.24 -2.55 11.96
N TYR A 77 9.24 -1.68 10.93
CA TYR A 77 10.36 -1.58 9.95
C TYR A 77 11.73 -1.24 10.65
N PRO A 78 12.91 -1.65 10.03
CA PRO A 78 14.27 -1.40 10.61
C PRO A 78 14.58 0.09 10.89
N SER A 79 13.96 0.98 10.09
CA SER A 79 14.11 2.44 10.20
C SER A 79 12.71 3.11 10.31
N SER A 80 12.69 4.44 10.24
CA SER A 80 11.46 5.24 10.09
C SER A 80 11.61 6.20 8.87
N LYS A 81 12.78 6.88 8.84
CA LYS A 81 13.14 7.91 7.83
C LYS A 81 13.01 7.41 6.36
N SER A 82 13.87 6.44 5.98
CA SER A 82 14.01 5.99 4.56
C SER A 82 12.82 5.12 4.11
N VAL A 83 12.50 4.08 4.91
CA VAL A 83 11.36 3.16 4.65
C VAL A 83 10.00 3.89 4.60
N GLY A 84 9.87 4.99 5.35
CA GLY A 84 8.68 5.84 5.29
C GLY A 84 8.44 6.43 3.89
N ALA A 85 9.49 7.03 3.32
CA ALA A 85 9.46 7.64 1.97
C ALA A 85 9.31 6.55 0.87
N THR A 86 9.85 5.34 1.16
CA THR A 86 9.73 4.15 0.28
C THR A 86 8.26 3.66 0.22
N LEU A 87 7.58 3.63 1.39
CA LEU A 87 6.15 3.25 1.49
C LEU A 87 5.28 4.27 0.73
N LYS A 88 5.56 5.57 0.90
CA LYS A 88 4.87 6.65 0.16
C LYS A 88 4.96 6.41 -1.36
N ALA A 89 6.18 6.08 -1.85
CA ALA A 89 6.43 5.82 -3.28
C ALA A 89 5.59 4.66 -3.83
N HIS A 90 5.44 3.58 -3.03
CA HIS A 90 4.57 2.42 -3.38
C HIS A 90 3.09 2.84 -3.58
N TYR A 91 2.62 3.80 -2.76
CA TYR A 91 1.24 4.34 -2.89
C TYR A 91 1.12 5.31 -4.09
N GLU A 92 2.06 6.27 -4.19
CA GLU A 92 2.05 7.33 -5.22
C GLU A 92 2.03 6.77 -6.68
N ARG A 93 2.85 5.75 -6.95
CA ARG A 93 2.88 5.09 -8.29
C ARG A 93 1.55 4.41 -8.66
N ILE A 94 0.79 3.99 -7.64
CA ILE A 94 -0.46 3.23 -7.80
C ILE A 94 -1.71 4.13 -7.70
N LEU A 95 -1.61 5.22 -6.94
CA LEU A 95 -2.73 6.14 -6.65
C LEU A 95 -2.92 7.15 -7.81
N HIS A 96 -1.80 7.57 -8.44
CA HIS A 96 -1.79 8.64 -9.49
C HIS A 96 -2.73 8.34 -10.72
N PRO A 97 -2.76 7.09 -11.31
CA PRO A 97 -3.75 6.75 -12.38
C PRO A 97 -5.14 6.32 -11.83
N PHE A 98 -5.22 5.95 -10.55
CA PHE A 98 -6.46 5.39 -9.94
C PHE A 98 -7.29 6.48 -9.22
N GLU A 99 -6.70 7.68 -9.00
CA GLU A 99 -7.41 8.80 -8.32
C GLU A 99 -8.55 9.39 -9.20
N VAL A 100 -8.56 9.03 -10.50
CA VAL A 100 -9.70 9.31 -11.41
C VAL A 100 -11.02 8.71 -10.84
N TYR A 101 -10.90 7.51 -10.26
CA TYR A 101 -12.00 6.82 -9.57
C TYR A 101 -12.31 7.46 -8.19
N THR A 102 -11.25 7.64 -7.36
CA THR A 102 -11.38 7.99 -5.92
C THR A 102 -11.75 9.49 -5.69
N SER A 103 -11.48 10.35 -6.67
CA SER A 103 -11.81 11.80 -6.57
C SER A 103 -13.31 12.06 -6.87
N GLY A 104 -14.03 12.63 -5.88
CA GLY A 104 -15.44 13.04 -6.06
C GLY A 104 -15.59 14.57 -6.18
N LYS A 105 -14.49 15.27 -6.52
CA LYS A 105 -14.45 16.75 -6.60
C LYS A 105 -14.23 17.25 -8.06
N VAL A 106 -14.66 18.50 -8.32
CA VAL A 106 -14.50 19.15 -9.65
C VAL A 106 -13.61 20.42 -9.53
N LEU A 107 -12.91 20.77 -10.63
CA LEU A 107 -11.93 21.89 -10.64
C LEU A 107 -12.40 23.03 -11.59
N PRO A 1 8.11 -8.95 -7.31
CA PRO A 1 7.19 -9.81 -6.53
C PRO A 1 7.14 -11.25 -7.11
N ARG A 2 7.93 -12.16 -6.52
CA ARG A 2 7.91 -13.59 -6.88
C ARG A 2 6.59 -14.24 -6.40
N VAL A 3 5.87 -14.88 -7.35
CA VAL A 3 4.52 -15.47 -7.12
C VAL A 3 3.49 -14.36 -6.77
N GLN A 4 3.20 -13.51 -7.78
CA GLN A 4 2.05 -12.56 -7.76
C GLN A 4 0.88 -13.14 -8.58
N ARG A 5 -0.35 -12.60 -8.37
CA ARG A 5 -1.61 -13.09 -9.06
C ARG A 5 -2.02 -14.51 -8.59
N LEU A 6 -3.34 -14.70 -8.37
CA LEU A 6 -3.97 -15.98 -7.90
C LEU A 6 -3.71 -16.25 -6.38
N ASN A 7 -2.44 -16.04 -5.92
CA ASN A 7 -1.96 -16.37 -4.56
C ASN A 7 -1.87 -17.90 -4.35
N GLU A 8 -0.64 -18.40 -4.12
CA GLU A 8 -0.34 -19.85 -3.98
C GLU A 8 -1.13 -20.53 -2.84
N LEU A 9 -0.97 -20.01 -1.60
CA LEU A 9 -1.58 -20.62 -0.39
C LEU A 9 -3.02 -20.11 -0.13
N GLU A 10 -3.19 -19.09 0.75
CA GLU A 10 -4.54 -18.59 1.15
C GLU A 10 -4.60 -17.04 1.17
N ALA A 11 -5.54 -16.48 0.41
CA ALA A 11 -6.01 -15.09 0.58
C ALA A 11 -7.47 -15.16 1.09
N LYS A 12 -7.58 -15.64 2.34
CA LYS A 12 -8.83 -16.20 2.93
C LYS A 12 -9.81 -15.12 3.49
N THR A 13 -9.85 -13.95 2.83
CA THR A 13 -10.86 -12.90 3.10
C THR A 13 -11.58 -12.53 1.78
N ARG A 14 -12.71 -11.79 1.87
CA ARG A 14 -13.40 -11.28 0.66
C ARG A 14 -13.21 -9.74 0.55
N VAL A 15 -13.77 -8.97 1.51
CA VAL A 15 -13.75 -7.47 1.47
C VAL A 15 -12.35 -6.88 1.80
N LYS A 16 -11.56 -7.59 2.64
CA LYS A 16 -10.23 -7.10 3.08
C LYS A 16 -9.19 -7.15 1.93
N LEU A 17 -9.15 -8.29 1.23
CA LEU A 17 -8.30 -8.47 0.02
C LEU A 17 -8.99 -7.92 -1.26
N ASN A 18 -10.26 -7.48 -1.15
CA ASN A 18 -11.02 -6.81 -2.25
C ASN A 18 -10.31 -5.50 -2.69
N PHE A 19 -9.66 -4.81 -1.74
CA PHE A 19 -8.88 -3.58 -2.03
C PHE A 19 -7.68 -3.87 -2.96
N LEU A 20 -6.99 -4.99 -2.70
CA LEU A 20 -5.87 -5.45 -3.55
C LEU A 20 -6.39 -6.00 -4.90
N ASP A 21 -7.57 -6.62 -4.88
CA ASP A 21 -8.19 -7.29 -6.05
C ASP A 21 -8.76 -6.25 -7.08
N GLN A 22 -9.41 -5.20 -6.56
CA GLN A 22 -10.07 -4.17 -7.40
C GLN A 22 -9.03 -3.35 -8.20
N ILE A 23 -7.90 -3.02 -7.55
CA ILE A 23 -6.79 -2.31 -8.20
C ILE A 23 -5.93 -3.26 -9.08
N ALA A 24 -5.78 -4.55 -8.66
CA ALA A 24 -5.15 -5.60 -9.51
C ALA A 24 -5.86 -5.73 -10.86
N LYS A 25 -7.20 -5.71 -10.82
CA LYS A 25 -8.09 -5.70 -12.03
C LYS A 25 -7.69 -4.58 -13.03
N PHE A 26 -7.34 -3.39 -12.49
CA PHE A 26 -6.85 -2.23 -13.26
C PHE A 26 -5.47 -2.54 -13.92
N TRP A 27 -4.54 -3.13 -13.14
CA TRP A 27 -3.18 -3.46 -13.63
C TRP A 27 -3.12 -4.80 -14.42
N GLU A 28 -4.21 -5.58 -14.43
CA GLU A 28 -4.33 -6.78 -15.31
C GLU A 28 -4.48 -6.34 -16.78
N LEU A 29 -5.06 -5.14 -16.98
CA LEU A 29 -5.20 -4.51 -18.31
C LEU A 29 -3.84 -3.89 -18.76
N GLN A 30 -3.22 -3.12 -17.86
CA GLN A 30 -1.95 -2.38 -18.13
C GLN A 30 -0.72 -3.32 -18.20
N GLY A 31 -0.47 -4.03 -17.10
CA GLY A 31 0.69 -4.90 -16.93
C GLY A 31 1.31 -4.69 -15.54
N SER A 32 2.60 -4.28 -15.51
CA SER A 32 3.28 -3.84 -14.26
C SER A 32 3.40 -4.97 -13.18
N SER A 33 3.97 -4.64 -12.02
CA SER A 33 4.05 -5.55 -10.87
C SER A 33 3.39 -4.92 -9.62
N LEU A 34 2.09 -5.23 -9.41
CA LEU A 34 1.34 -4.73 -8.24
C LEU A 34 1.59 -5.64 -7.00
N LYS A 35 1.18 -5.15 -5.81
CA LYS A 35 1.33 -5.81 -4.50
C LYS A 35 2.78 -5.65 -3.98
N ILE A 36 3.18 -4.37 -3.81
CA ILE A 36 4.42 -3.97 -3.10
C ILE A 36 4.05 -3.09 -1.87
N PRO A 37 3.63 -3.72 -0.73
CA PRO A 37 3.39 -3.02 0.55
C PRO A 37 4.67 -3.01 1.42
N MET A 38 4.99 -4.17 2.02
CA MET A 38 6.20 -4.37 2.81
C MET A 38 7.39 -4.65 1.87
N VAL A 39 8.08 -3.59 1.48
CA VAL A 39 9.18 -3.63 0.50
C VAL A 39 10.51 -3.95 1.20
N GLU A 40 10.53 -3.68 2.51
CA GLU A 40 11.71 -3.85 3.35
C GLU A 40 11.97 -5.37 3.60
N ARG A 41 11.29 -6.01 4.59
CA ARG A 41 11.47 -7.46 4.91
C ARG A 41 10.22 -8.14 5.52
N LYS A 42 9.08 -7.44 5.63
CA LYS A 42 7.87 -8.05 6.26
C LYS A 42 6.96 -8.71 5.20
N ALA A 43 5.95 -9.48 5.67
CA ALA A 43 4.95 -10.15 4.82
C ALA A 43 4.02 -9.11 4.13
N LEU A 44 3.68 -9.35 2.84
CA LEU A 44 2.96 -8.38 1.99
C LEU A 44 1.47 -8.29 2.36
N ASP A 45 1.17 -7.42 3.32
CA ASP A 45 -0.20 -7.14 3.78
C ASP A 45 -0.58 -5.67 3.50
N LEU A 46 -0.94 -5.40 2.22
CA LEU A 46 -1.32 -4.04 1.75
C LEU A 46 -2.57 -3.54 2.50
N TYR A 47 -3.47 -4.46 2.85
CA TYR A 47 -4.70 -4.17 3.62
C TYR A 47 -4.41 -3.37 4.93
N THR A 48 -3.61 -3.98 5.84
CA THR A 48 -3.31 -3.37 7.17
C THR A 48 -2.43 -2.11 7.04
N LEU A 49 -1.43 -2.15 6.13
CA LEU A 49 -0.50 -1.00 5.91
C LEU A 49 -1.28 0.24 5.42
N HIS A 50 -2.22 0.01 4.47
CA HIS A 50 -3.11 1.06 3.91
C HIS A 50 -4.08 1.60 4.99
N ARG A 51 -4.49 0.72 5.95
CA ARG A 51 -5.33 1.14 7.08
C ARG A 51 -4.55 2.09 8.02
N ILE A 52 -3.28 1.74 8.32
CA ILE A 52 -2.40 2.54 9.21
C ILE A 52 -2.24 3.99 8.68
N VAL A 53 -2.10 4.12 7.36
CA VAL A 53 -2.03 5.43 6.67
C VAL A 53 -3.40 6.18 6.77
N GLN A 54 -4.51 5.41 6.69
CA GLN A 54 -5.90 5.92 6.84
C GLN A 54 -6.16 6.49 8.26
N GLU A 55 -5.59 5.82 9.29
CA GLU A 55 -5.68 6.25 10.72
C GLU A 55 -4.96 7.61 10.91
N GLU A 56 -3.89 7.81 10.12
CA GLU A 56 -3.13 9.08 10.08
C GLU A 56 -3.82 10.17 9.19
N GLY A 57 -5.04 9.87 8.70
CA GLY A 57 -5.85 10.83 7.92
C GLY A 57 -5.76 10.63 6.40
N GLY A 58 -5.39 9.40 5.96
CA GLY A 58 -5.23 9.08 4.53
C GLY A 58 -3.87 9.51 3.97
N MET A 59 -3.45 8.89 2.85
CA MET A 59 -2.09 9.07 2.28
C MET A 59 -1.74 10.52 1.90
N GLU A 60 -2.74 11.28 1.41
CA GLU A 60 -2.56 12.69 0.99
C GLU A 60 -2.18 13.59 2.20
N GLN A 61 -2.96 13.45 3.28
CA GLN A 61 -2.75 14.20 4.55
C GLN A 61 -1.49 13.69 5.31
N THR A 62 -1.22 12.38 5.22
CA THR A 62 -0.02 11.75 5.86
C THR A 62 1.29 12.26 5.18
N THR A 63 1.22 12.57 3.87
CA THR A 63 2.33 13.22 3.12
C THR A 63 2.51 14.70 3.57
N LYS A 64 1.38 15.40 3.79
CA LYS A 64 1.38 16.81 4.29
C LYS A 64 1.99 16.92 5.70
N ASP A 65 1.66 15.94 6.56
CA ASP A 65 2.18 15.86 7.95
C ASP A 65 3.53 15.07 8.01
N ARG A 66 3.92 14.44 6.89
CA ARG A 66 5.19 13.67 6.75
C ARG A 66 5.25 12.40 7.66
N LYS A 67 4.07 11.94 8.15
CA LYS A 67 3.96 10.84 9.17
C LYS A 67 4.14 9.42 8.58
N TRP A 68 4.75 9.30 7.39
CA TRP A 68 5.10 7.99 6.78
C TRP A 68 6.14 7.21 7.62
N ALA A 69 6.93 7.94 8.43
CA ALA A 69 7.82 7.33 9.44
C ALA A 69 7.01 6.50 10.47
N LYS A 70 5.87 7.07 10.93
CA LYS A 70 4.91 6.38 11.85
C LYS A 70 4.31 5.11 11.19
N VAL A 71 3.93 5.22 9.90
CA VAL A 71 3.41 4.08 9.10
C VAL A 71 4.42 2.89 9.09
N ALA A 72 5.73 3.23 9.00
CA ALA A 72 6.84 2.27 9.09
C ALA A 72 7.00 1.71 10.54
N ASN A 73 6.85 2.59 11.56
CA ASN A 73 7.01 2.23 13.00
C ASN A 73 5.95 1.20 13.47
N ARG A 74 4.70 1.36 12.98
CA ARG A 74 3.57 0.43 13.31
C ARG A 74 3.86 -1.02 12.82
N MET A 75 4.55 -1.16 11.68
CA MET A 75 4.94 -2.48 11.12
C MET A 75 6.40 -2.88 11.47
N GLN A 76 7.00 -2.19 12.47
CA GLN A 76 8.31 -2.54 13.07
C GLN A 76 9.50 -2.52 12.06
N TYR A 77 9.48 -1.54 11.14
CA TYR A 77 10.61 -1.27 10.21
C TYR A 77 11.87 -0.71 10.96
N PRO A 78 13.08 -0.72 10.31
CA PRO A 78 14.23 0.09 10.78
C PRO A 78 13.87 1.60 10.70
N SER A 79 13.64 2.22 11.88
CA SER A 79 12.95 3.53 11.99
C SER A 79 13.72 4.70 11.33
N SER A 80 13.45 4.92 10.05
CA SER A 80 13.88 6.11 9.31
C SER A 80 12.67 6.67 8.53
N LYS A 81 12.60 7.98 8.37
CA LYS A 81 11.55 8.63 7.56
C LYS A 81 11.80 8.39 6.04
N SER A 82 13.04 7.94 5.72
CA SER A 82 13.43 7.46 4.37
C SER A 82 12.73 6.13 4.03
N VAL A 83 12.73 5.16 4.98
CA VAL A 83 12.08 3.83 4.78
C VAL A 83 10.54 4.00 4.62
N GLY A 84 9.98 5.01 5.33
CA GLY A 84 8.57 5.39 5.20
C GLY A 84 8.26 6.17 3.92
N ALA A 85 9.22 7.01 3.47
CA ALA A 85 9.12 7.78 2.20
C ALA A 85 9.21 6.84 0.96
N THR A 86 9.90 5.69 1.14
CA THR A 86 9.94 4.60 0.14
C THR A 86 8.53 3.99 -0.04
N LEU A 87 7.86 3.72 1.12
CA LEU A 87 6.43 3.27 1.13
C LEU A 87 5.54 4.32 0.42
N LYS A 88 5.76 5.60 0.77
CA LYS A 88 5.06 6.75 0.16
C LYS A 88 5.16 6.74 -1.37
N ALA A 89 6.38 6.58 -1.88
CA ALA A 89 6.67 6.56 -3.33
C ALA A 89 5.95 5.41 -4.06
N HIS A 90 5.80 4.25 -3.39
CA HIS A 90 5.00 3.12 -3.90
C HIS A 90 3.49 3.50 -3.96
N TYR A 91 2.97 4.04 -2.85
CA TYR A 91 1.55 4.50 -2.73
C TYR A 91 1.20 5.57 -3.79
N GLU A 92 2.17 6.44 -4.11
CA GLU A 92 2.02 7.46 -5.17
C GLU A 92 1.79 6.82 -6.56
N ARG A 93 2.71 5.94 -6.99
CA ARG A 93 2.65 5.30 -8.33
C ARG A 93 1.58 4.19 -8.45
N ILE A 94 0.95 3.82 -7.34
CA ILE A 94 -0.05 2.74 -7.31
C ILE A 94 -1.49 3.30 -7.14
N LEU A 95 -1.66 4.29 -6.23
CA LEU A 95 -2.99 4.87 -5.94
C LEU A 95 -3.34 6.03 -6.91
N HIS A 96 -2.36 6.88 -7.28
CA HIS A 96 -2.62 8.07 -8.15
C HIS A 96 -3.02 7.74 -9.63
N PRO A 97 -2.53 6.66 -10.30
CA PRO A 97 -3.17 6.16 -11.56
C PRO A 97 -4.59 5.54 -11.32
N PHE A 98 -4.86 5.11 -10.09
CA PHE A 98 -6.15 4.46 -9.72
C PHE A 98 -7.14 5.45 -9.04
N GLU A 99 -6.67 6.69 -8.73
CA GLU A 99 -7.51 7.70 -7.99
C GLU A 99 -8.72 8.18 -8.82
N VAL A 100 -8.69 7.90 -10.15
CA VAL A 100 -9.83 8.13 -11.06
C VAL A 100 -11.14 7.51 -10.49
N TYR A 101 -11.00 6.28 -9.97
CA TYR A 101 -12.08 5.56 -9.26
C TYR A 101 -12.34 6.19 -7.86
N THR A 102 -11.27 6.32 -7.05
CA THR A 102 -11.36 6.71 -5.61
C THR A 102 -11.64 8.22 -5.40
N SER A 103 -11.68 9.00 -6.50
CA SER A 103 -11.99 10.46 -6.47
C SER A 103 -13.52 10.71 -6.31
N GLY A 104 -14.32 9.65 -6.50
CA GLY A 104 -15.79 9.72 -6.38
C GLY A 104 -16.53 9.35 -7.67
N LYS A 105 -15.76 8.95 -8.71
CA LYS A 105 -16.34 8.55 -10.01
C LYS A 105 -16.89 7.10 -9.98
N VAL A 106 -18.23 6.97 -10.06
CA VAL A 106 -18.89 5.67 -10.33
C VAL A 106 -18.73 5.32 -11.84
N LEU A 107 -17.56 4.79 -12.20
CA LEU A 107 -17.13 4.54 -13.61
C LEU A 107 -18.04 3.47 -14.30
N PRO A 1 -8.30 -10.17 -13.31
CA PRO A 1 -8.22 -11.43 -12.53
C PRO A 1 -7.30 -12.46 -13.23
N ARG A 2 -6.03 -12.52 -12.79
CA ARG A 2 -5.05 -13.55 -13.27
C ARG A 2 -4.52 -14.41 -12.10
N VAL A 3 -4.07 -15.63 -12.46
CA VAL A 3 -3.43 -16.58 -11.55
C VAL A 3 -1.96 -16.15 -11.25
N GLN A 4 -1.71 -15.63 -10.03
CA GLN A 4 -0.37 -15.16 -9.60
C GLN A 4 0.65 -16.33 -9.53
N ARG A 5 0.42 -17.27 -8.60
CA ARG A 5 1.22 -18.52 -8.49
C ARG A 5 0.33 -19.72 -8.91
N LEU A 6 -0.72 -19.97 -8.11
CA LEU A 6 -1.76 -20.98 -8.41
C LEU A 6 -3.05 -20.64 -7.60
N ASN A 7 -2.91 -20.65 -6.25
CA ASN A 7 -3.99 -20.35 -5.28
C ASN A 7 -5.09 -21.46 -5.22
N GLU A 8 -5.29 -22.02 -4.01
CA GLU A 8 -6.33 -23.05 -3.74
C GLU A 8 -6.53 -23.25 -2.20
N LEU A 9 -5.43 -23.17 -1.42
CA LEU A 9 -5.44 -23.44 0.03
C LEU A 9 -5.93 -22.20 0.84
N GLU A 10 -5.28 -21.04 0.61
CA GLU A 10 -5.61 -19.77 1.30
C GLU A 10 -6.62 -18.92 0.46
N ALA A 11 -7.76 -18.56 1.09
CA ALA A 11 -8.83 -17.75 0.46
C ALA A 11 -9.84 -17.24 1.53
N LYS A 12 -9.33 -16.90 2.71
CA LYS A 12 -10.13 -16.34 3.83
C LYS A 12 -10.25 -14.81 3.71
N THR A 13 -9.11 -14.13 3.50
CA THR A 13 -9.02 -12.65 3.50
C THR A 13 -9.34 -12.02 2.12
N ARG A 14 -10.35 -12.58 1.41
CA ARG A 14 -10.70 -12.15 0.02
C ARG A 14 -11.33 -10.73 0.00
N VAL A 15 -12.31 -10.48 0.89
CA VAL A 15 -12.99 -9.15 1.00
C VAL A 15 -12.00 -8.04 1.48
N LYS A 16 -10.99 -8.46 2.26
CA LYS A 16 -9.95 -7.56 2.80
C LYS A 16 -8.95 -7.14 1.67
N LEU A 17 -8.38 -8.13 0.99
CA LEU A 17 -7.47 -7.92 -0.17
C LEU A 17 -8.22 -7.61 -1.49
N ASN A 18 -9.58 -7.59 -1.45
CA ASN A 18 -10.45 -7.15 -2.60
C ASN A 18 -10.06 -5.74 -3.12
N PHE A 19 -9.63 -4.86 -2.20
CA PHE A 19 -9.15 -3.49 -2.55
C PHE A 19 -7.88 -3.54 -3.42
N LEU A 20 -6.97 -4.49 -3.10
CA LEU A 20 -5.76 -4.75 -3.91
C LEU A 20 -6.14 -5.45 -5.24
N ASP A 21 -7.13 -6.35 -5.18
CA ASP A 21 -7.52 -7.21 -6.32
C ASP A 21 -8.28 -6.41 -7.42
N GLN A 22 -9.08 -5.41 -7.00
CA GLN A 22 -9.87 -4.57 -7.93
C GLN A 22 -8.94 -3.64 -8.77
N ILE A 23 -7.91 -3.08 -8.12
CA ILE A 23 -6.87 -2.29 -8.79
C ILE A 23 -5.84 -3.22 -9.54
N ALA A 24 -5.69 -4.49 -9.09
CA ALA A 24 -4.87 -5.50 -9.82
C ALA A 24 -5.41 -5.75 -11.25
N LYS A 25 -6.74 -5.80 -11.38
CA LYS A 25 -7.44 -5.92 -12.69
C LYS A 25 -7.03 -4.76 -13.65
N PHE A 26 -6.84 -3.55 -13.07
CA PHE A 26 -6.31 -2.37 -13.78
C PHE A 26 -4.83 -2.58 -14.22
N TRP A 27 -3.94 -2.92 -13.25
CA TRP A 27 -2.48 -3.07 -13.51
C TRP A 27 -2.11 -4.20 -14.49
N GLU A 28 -2.94 -5.26 -14.55
CA GLU A 28 -2.72 -6.42 -15.47
C GLU A 28 -2.46 -6.00 -16.94
N LEU A 29 -3.08 -4.89 -17.37
CA LEU A 29 -2.83 -4.26 -18.69
C LEU A 29 -1.64 -3.27 -18.61
N GLN A 30 -1.63 -2.42 -17.57
CA GLN A 30 -0.73 -1.23 -17.46
C GLN A 30 0.78 -1.57 -17.32
N GLY A 31 1.10 -2.65 -16.59
CA GLY A 31 2.50 -3.00 -16.28
C GLY A 31 2.63 -4.11 -15.24
N SER A 32 1.55 -4.34 -14.48
CA SER A 32 1.39 -5.46 -13.50
C SER A 32 2.29 -5.29 -12.25
N SER A 33 2.79 -4.06 -12.03
CA SER A 33 3.64 -3.72 -10.87
C SER A 33 2.77 -3.38 -9.64
N LEU A 34 2.05 -4.40 -9.12
CA LEU A 34 1.20 -4.27 -7.92
C LEU A 34 1.46 -5.44 -6.92
N LYS A 35 0.88 -5.33 -5.71
CA LYS A 35 1.07 -6.27 -4.57
C LYS A 35 2.54 -6.23 -4.09
N ILE A 36 3.09 -5.00 -4.03
CA ILE A 36 4.38 -4.70 -3.35
C ILE A 36 4.15 -3.63 -2.22
N PRO A 37 3.51 -4.02 -1.05
CA PRO A 37 3.35 -3.14 0.12
C PRO A 37 4.54 -3.24 1.11
N MET A 38 4.72 -4.44 1.70
CA MET A 38 5.64 -4.66 2.83
C MET A 38 7.06 -5.00 2.35
N VAL A 39 7.91 -3.97 2.29
CA VAL A 39 9.33 -4.12 1.89
C VAL A 39 10.17 -4.84 2.98
N GLU A 40 9.86 -4.56 4.26
CA GLU A 40 10.65 -5.05 5.42
C GLU A 40 10.24 -6.48 5.88
N ARG A 41 8.93 -6.78 5.94
CA ARG A 41 8.42 -8.10 6.44
C ARG A 41 8.23 -9.15 5.32
N LYS A 42 8.12 -8.68 4.05
CA LYS A 42 7.97 -9.54 2.82
C LYS A 42 6.56 -10.18 2.66
N ALA A 43 5.78 -10.26 3.74
CA ALA A 43 4.35 -10.65 3.66
C ALA A 43 3.53 -9.46 3.14
N LEU A 44 2.98 -9.61 1.93
CA LEU A 44 2.37 -8.50 1.19
C LEU A 44 0.93 -8.23 1.69
N ASP A 45 0.83 -7.33 2.68
CA ASP A 45 -0.43 -6.94 3.33
C ASP A 45 -0.72 -5.45 3.07
N LEU A 46 -1.29 -5.18 1.87
CA LEU A 46 -1.71 -3.82 1.46
C LEU A 46 -2.86 -3.34 2.35
N TYR A 47 -3.79 -4.27 2.67
CA TYR A 47 -5.00 -3.98 3.47
C TYR A 47 -4.67 -3.30 4.82
N THR A 48 -3.90 -3.99 5.70
CA THR A 48 -3.59 -3.48 7.06
C THR A 48 -2.74 -2.20 7.04
N LEU A 49 -1.81 -2.10 6.06
CA LEU A 49 -0.91 -0.93 5.91
C LEU A 49 -1.73 0.30 5.44
N HIS A 50 -2.69 0.06 4.54
CA HIS A 50 -3.63 1.09 4.02
C HIS A 50 -4.52 1.67 5.14
N ARG A 51 -4.89 0.79 6.09
CA ARG A 51 -5.63 1.19 7.31
C ARG A 51 -4.74 2.08 8.21
N ILE A 52 -3.48 1.65 8.45
CA ILE A 52 -2.48 2.41 9.22
C ILE A 52 -2.32 3.87 8.67
N VAL A 53 -2.06 3.99 7.35
CA VAL A 53 -1.90 5.29 6.65
C VAL A 53 -3.12 6.23 6.86
N GLN A 54 -4.34 5.63 6.74
CA GLN A 54 -5.61 6.36 6.90
C GLN A 54 -5.82 6.85 8.35
N GLU A 55 -5.44 6.00 9.32
CA GLU A 55 -5.54 6.28 10.77
C GLU A 55 -4.43 7.27 11.24
N GLU A 56 -3.35 7.42 10.46
CA GLU A 56 -2.36 8.51 10.66
C GLU A 56 -2.91 9.86 10.12
N GLY A 57 -3.93 9.79 9.22
CA GLY A 57 -4.63 10.98 8.72
C GLY A 57 -5.06 10.92 7.25
N GLY A 58 -4.76 9.80 6.55
CA GLY A 58 -5.01 9.67 5.10
C GLY A 58 -3.70 9.68 4.30
N MET A 59 -3.70 9.23 3.03
CA MET A 59 -2.45 9.05 2.25
C MET A 59 -1.80 10.40 1.89
N GLU A 60 -2.54 11.23 1.14
CA GLU A 60 -2.06 12.55 0.68
C GLU A 60 -1.88 13.54 1.85
N GLN A 61 -2.70 13.40 2.91
CA GLN A 61 -2.54 14.19 4.14
C GLN A 61 -1.21 13.85 4.84
N THR A 62 -0.94 12.54 5.02
CA THR A 62 0.34 12.02 5.58
C THR A 62 1.55 12.37 4.66
N THR A 63 1.29 12.53 3.34
CA THR A 63 2.31 13.00 2.36
C THR A 63 2.61 14.52 2.52
N LYS A 64 1.56 15.33 2.79
CA LYS A 64 1.73 16.79 3.08
C LYS A 64 2.41 16.98 4.47
N ASP A 65 1.95 16.20 5.45
CA ASP A 65 2.48 16.20 6.82
C ASP A 65 3.90 15.59 6.86
N ARG A 66 4.19 14.72 5.86
CA ARG A 66 5.49 14.01 5.70
C ARG A 66 5.81 13.09 6.91
N LYS A 67 4.75 12.50 7.52
CA LYS A 67 4.89 11.58 8.71
C LYS A 67 4.79 10.08 8.30
N TRP A 68 5.43 9.70 7.19
CA TRP A 68 5.48 8.28 6.73
C TRP A 68 6.39 7.38 7.60
N ALA A 69 7.26 8.02 8.41
CA ALA A 69 8.06 7.33 9.45
C ALA A 69 7.14 6.78 10.58
N LYS A 70 6.03 7.51 10.85
CA LYS A 70 4.98 7.06 11.79
C LYS A 70 4.21 5.83 11.24
N VAL A 71 3.83 5.89 9.96
CA VAL A 71 3.18 4.76 9.23
C VAL A 71 4.04 3.46 9.34
N ALA A 72 5.34 3.63 9.06
CA ALA A 72 6.34 2.54 9.19
C ALA A 72 6.46 2.04 10.65
N ASN A 73 6.47 2.98 11.61
CA ASN A 73 6.64 2.69 13.06
C ASN A 73 5.48 1.83 13.63
N ARG A 74 4.24 2.07 13.13
CA ARG A 74 3.05 1.26 13.53
C ARG A 74 3.22 -0.22 13.10
N MET A 75 3.84 -0.43 11.92
CA MET A 75 4.15 -1.78 11.37
C MET A 75 5.51 -2.30 11.92
N GLN A 76 6.10 -1.56 12.89
CA GLN A 76 7.33 -1.94 13.64
C GLN A 76 8.61 -1.96 12.74
N TYR A 77 8.57 -1.24 11.61
CA TYR A 77 9.73 -1.02 10.71
C TYR A 77 10.97 -0.42 11.45
N PRO A 78 12.22 -0.57 10.90
CA PRO A 78 13.44 0.07 11.48
C PRO A 78 13.41 1.62 11.46
N SER A 79 14.52 2.23 11.90
CA SER A 79 14.69 3.71 11.89
C SER A 79 15.04 4.20 10.46
N SER A 80 15.36 5.52 10.33
CA SER A 80 15.56 6.23 9.03
C SER A 80 14.20 6.49 8.32
N LYS A 81 13.99 7.77 7.93
CA LYS A 81 12.75 8.23 7.26
C LYS A 81 12.54 7.51 5.89
N SER A 82 13.65 7.05 5.30
CA SER A 82 13.65 6.31 4.01
C SER A 82 12.81 5.01 4.05
N VAL A 83 12.73 4.37 5.24
CA VAL A 83 11.98 3.09 5.42
C VAL A 83 10.45 3.30 5.22
N GLY A 84 9.95 4.48 5.66
CA GLY A 84 8.55 4.88 5.46
C GLY A 84 8.31 5.61 4.14
N ALA A 85 9.36 6.27 3.63
CA ALA A 85 9.35 6.94 2.31
C ALA A 85 9.29 5.91 1.16
N THR A 86 9.78 4.67 1.42
CA THR A 86 9.59 3.50 0.52
C THR A 86 8.09 3.17 0.36
N LEU A 87 7.36 3.16 1.51
CA LEU A 87 5.88 2.97 1.53
C LEU A 87 5.17 4.12 0.78
N LYS A 88 5.63 5.36 1.02
CA LYS A 88 5.12 6.58 0.36
C LYS A 88 5.18 6.43 -1.17
N ALA A 89 6.38 6.10 -1.68
CA ALA A 89 6.64 5.97 -3.13
C ALA A 89 5.77 4.87 -3.78
N HIS A 90 5.48 3.78 -3.05
CA HIS A 90 4.53 2.73 -3.50
C HIS A 90 3.10 3.29 -3.58
N TYR A 91 2.62 3.93 -2.50
CA TYR A 91 1.25 4.48 -2.41
C TYR A 91 0.99 5.61 -3.43
N GLU A 92 2.04 6.34 -3.78
CA GLU A 92 1.99 7.39 -4.81
C GLU A 92 1.73 6.79 -6.22
N ARG A 93 2.58 5.84 -6.65
CA ARG A 93 2.45 5.20 -7.99
C ARG A 93 1.22 4.27 -8.12
N ILE A 94 0.63 3.87 -7.00
CA ILE A 94 -0.49 2.89 -6.97
C ILE A 94 -1.85 3.58 -6.78
N LEU A 95 -1.94 4.58 -5.88
CA LEU A 95 -3.24 5.24 -5.56
C LEU A 95 -3.55 6.38 -6.55
N HIS A 96 -2.53 7.10 -7.07
CA HIS A 96 -2.75 8.22 -8.02
C HIS A 96 -3.40 7.77 -9.39
N PRO A 97 -3.05 6.59 -10.02
CA PRO A 97 -3.81 6.06 -11.20
C PRO A 97 -5.16 5.37 -10.82
N PHE A 98 -5.50 5.33 -9.52
CA PHE A 98 -6.76 4.72 -9.00
C PHE A 98 -7.66 5.77 -8.28
N GLU A 99 -7.14 7.01 -8.11
CA GLU A 99 -7.84 8.08 -7.33
C GLU A 99 -9.12 8.60 -8.04
N VAL A 100 -9.31 8.23 -9.32
CA VAL A 100 -10.56 8.54 -10.06
C VAL A 100 -11.78 7.83 -9.38
N TYR A 101 -11.53 6.60 -8.90
CA TYR A 101 -12.50 5.83 -8.09
C TYR A 101 -12.72 6.50 -6.70
N THR A 102 -11.62 6.74 -5.96
CA THR A 102 -11.66 7.24 -4.56
C THR A 102 -12.18 8.70 -4.47
N SER A 103 -12.06 9.46 -5.57
CA SER A 103 -12.66 10.81 -5.70
C SER A 103 -14.17 10.69 -6.02
N GLY A 104 -14.48 9.92 -7.07
CA GLY A 104 -15.87 9.77 -7.56
C GLY A 104 -16.23 10.76 -8.67
N LYS A 105 -15.42 11.82 -8.85
CA LYS A 105 -15.61 12.82 -9.92
C LYS A 105 -14.89 12.34 -11.20
N VAL A 106 -15.66 12.11 -12.29
CA VAL A 106 -15.13 11.59 -13.58
C VAL A 106 -14.56 12.74 -14.45
N LEU A 107 -13.43 12.48 -15.14
CA LEU A 107 -12.79 13.45 -16.08
C LEU A 107 -12.36 12.70 -17.37
N PRO A 1 9.08 -24.21 -6.26
CA PRO A 1 7.69 -23.69 -6.30
C PRO A 1 7.60 -22.39 -7.14
N ARG A 2 6.43 -22.16 -7.78
CA ARG A 2 6.14 -20.92 -8.54
C ARG A 2 5.00 -20.11 -7.86
N VAL A 3 3.72 -20.47 -8.12
CA VAL A 3 2.55 -19.78 -7.51
C VAL A 3 2.35 -20.23 -6.04
N GLN A 4 2.25 -19.25 -5.10
CA GLN A 4 2.11 -19.53 -3.65
C GLN A 4 1.25 -18.47 -2.91
N ARG A 5 1.16 -18.68 -1.59
CA ARG A 5 0.30 -17.91 -0.65
C ARG A 5 1.16 -17.03 0.28
N LEU A 6 0.62 -15.85 0.66
CA LEU A 6 1.34 -14.85 1.51
C LEU A 6 0.68 -14.71 2.91
N ASN A 7 -0.10 -15.72 3.31
CA ASN A 7 -0.82 -15.71 4.60
C ASN A 7 0.13 -16.07 5.76
N GLU A 8 0.22 -15.18 6.74
CA GLU A 8 1.13 -15.31 7.90
C GLU A 8 0.35 -15.57 9.21
N LEU A 9 -0.51 -14.61 9.60
CA LEU A 9 -1.16 -14.60 10.92
C LEU A 9 -2.33 -15.63 10.98
N GLU A 10 -3.58 -15.17 10.71
CA GLU A 10 -4.80 -16.00 10.75
C GLU A 10 -6.02 -15.11 10.40
N ALA A 11 -7.03 -15.72 9.74
CA ALA A 11 -8.29 -15.04 9.34
C ALA A 11 -8.01 -13.79 8.45
N LYS A 12 -7.78 -14.07 7.17
CA LYS A 12 -7.36 -13.06 6.16
C LYS A 12 -8.58 -12.35 5.52
N THR A 13 -9.61 -13.16 5.17
CA THR A 13 -10.89 -12.73 4.54
C THR A 13 -10.67 -12.10 3.12
N ARG A 14 -11.39 -12.63 2.12
CA ARG A 14 -11.20 -12.23 0.71
C ARG A 14 -11.84 -10.87 0.38
N VAL A 15 -12.89 -10.45 1.10
CA VAL A 15 -13.52 -9.10 0.89
C VAL A 15 -12.61 -7.97 1.45
N LYS A 16 -11.75 -8.31 2.43
CA LYS A 16 -10.70 -7.40 2.94
C LYS A 16 -9.59 -7.19 1.89
N LEU A 17 -9.14 -8.31 1.30
CA LEU A 17 -8.13 -8.30 0.22
C LEU A 17 -8.72 -7.98 -1.17
N ASN A 18 -10.06 -7.79 -1.26
CA ASN A 18 -10.77 -7.48 -2.52
C ASN A 18 -10.27 -6.16 -3.17
N PHE A 19 -9.76 -5.23 -2.34
CA PHE A 19 -9.12 -3.97 -2.83
C PHE A 19 -7.87 -4.28 -3.69
N LEU A 20 -7.09 -5.31 -3.26
CA LEU A 20 -5.91 -5.80 -4.01
C LEU A 20 -6.37 -6.38 -5.38
N ASP A 21 -7.50 -7.12 -5.38
CA ASP A 21 -8.09 -7.69 -6.63
C ASP A 21 -8.53 -6.58 -7.62
N GLN A 22 -9.17 -5.52 -7.08
CA GLN A 22 -9.65 -4.36 -7.88
C GLN A 22 -8.49 -3.60 -8.57
N ILE A 23 -7.44 -3.29 -7.79
CA ILE A 23 -6.31 -2.49 -8.27
C ILE A 23 -5.37 -3.33 -9.19
N ALA A 24 -5.12 -4.61 -8.84
CA ALA A 24 -4.27 -5.52 -9.63
C ALA A 24 -4.85 -5.75 -11.04
N LYS A 25 -6.17 -5.92 -11.10
CA LYS A 25 -6.93 -6.12 -12.36
C LYS A 25 -6.74 -4.92 -13.34
N PHE A 26 -6.70 -3.70 -12.77
CA PHE A 26 -6.41 -2.46 -13.53
C PHE A 26 -4.95 -2.44 -14.06
N TRP A 27 -4.00 -2.76 -13.18
CA TRP A 27 -2.54 -2.71 -13.49
C TRP A 27 -2.05 -3.85 -14.42
N GLU A 28 -2.82 -4.95 -14.53
CA GLU A 28 -2.56 -6.01 -15.54
C GLU A 28 -2.76 -5.47 -16.98
N LEU A 29 -3.59 -4.42 -17.11
CA LEU A 29 -3.80 -3.69 -18.38
C LEU A 29 -2.78 -2.52 -18.53
N GLN A 30 -2.22 -2.03 -17.41
CA GLN A 30 -1.20 -0.95 -17.43
C GLN A 30 0.21 -1.51 -17.78
N GLY A 31 0.47 -2.76 -17.38
CA GLY A 31 1.76 -3.43 -17.65
C GLY A 31 2.77 -3.32 -16.49
N SER A 32 2.87 -2.13 -15.89
CA SER A 32 3.78 -1.85 -14.75
C SER A 32 3.42 -2.71 -13.49
N SER A 33 4.45 -3.09 -12.72
CA SER A 33 4.34 -4.07 -11.61
C SER A 33 3.58 -3.53 -10.37
N LEU A 34 2.39 -4.12 -10.12
CA LEU A 34 1.56 -3.84 -8.92
C LEU A 34 1.94 -4.81 -7.76
N LYS A 35 1.31 -4.61 -6.60
CA LYS A 35 1.36 -5.51 -5.43
C LYS A 35 2.71 -5.34 -4.69
N ILE A 36 3.18 -4.07 -4.60
CA ILE A 36 4.34 -3.70 -3.74
C ILE A 36 3.94 -2.57 -2.72
N PRO A 37 3.11 -2.90 -1.67
CA PRO A 37 2.92 -2.02 -0.48
C PRO A 37 4.22 -1.93 0.37
N MET A 38 4.81 -3.11 0.60
CA MET A 38 5.83 -3.35 1.64
C MET A 38 7.21 -3.71 1.05
N VAL A 39 8.27 -3.63 1.90
CA VAL A 39 9.69 -3.73 1.44
C VAL A 39 10.61 -4.44 2.48
N GLU A 40 10.53 -4.03 3.76
CA GLU A 40 11.42 -4.57 4.84
C GLU A 40 10.76 -5.76 5.59
N ARG A 41 9.73 -6.36 4.98
CA ARG A 41 8.90 -7.40 5.61
C ARG A 41 9.11 -8.76 4.89
N LYS A 42 8.25 -9.06 3.88
CA LYS A 42 8.25 -10.29 3.03
C LYS A 42 6.88 -10.38 2.33
N ALA A 43 5.82 -10.08 3.11
CA ALA A 43 4.43 -10.11 2.68
C ALA A 43 3.96 -8.68 2.31
N LEU A 44 3.05 -8.63 1.35
CA LEU A 44 2.51 -7.40 0.77
C LEU A 44 1.03 -7.23 1.16
N ASP A 45 0.81 -6.57 2.30
CA ASP A 45 -0.52 -6.40 2.92
C ASP A 45 -1.03 -4.95 2.69
N LEU A 46 -1.60 -4.73 1.49
CA LEU A 46 -2.11 -3.40 1.05
C LEU A 46 -3.29 -2.94 1.94
N TYR A 47 -4.15 -3.90 2.32
CA TYR A 47 -5.36 -3.66 3.13
C TYR A 47 -5.05 -2.97 4.50
N THR A 48 -4.25 -3.65 5.36
CA THR A 48 -3.93 -3.14 6.71
C THR A 48 -3.04 -1.88 6.65
N LEU A 49 -2.11 -1.83 5.67
CA LEU A 49 -1.22 -0.67 5.48
C LEU A 49 -2.04 0.60 5.11
N HIS A 50 -3.06 0.41 4.26
CA HIS A 50 -4.01 1.50 3.85
C HIS A 50 -4.77 2.07 5.07
N ARG A 51 -5.17 1.18 5.99
CA ARG A 51 -5.86 1.55 7.25
C ARG A 51 -4.95 2.35 8.20
N ILE A 52 -3.68 1.93 8.33
CA ILE A 52 -2.66 2.67 9.13
C ILE A 52 -2.51 4.14 8.62
N VAL A 53 -2.35 4.27 7.29
CA VAL A 53 -2.26 5.58 6.62
C VAL A 53 -3.57 6.40 6.82
N GLN A 54 -4.73 5.71 6.81
CA GLN A 54 -6.06 6.31 7.04
C GLN A 54 -6.18 6.92 8.46
N GLU A 55 -5.72 6.17 9.49
CA GLU A 55 -5.74 6.63 10.91
C GLU A 55 -4.75 7.79 11.13
N GLU A 56 -3.67 7.80 10.34
CA GLU A 56 -2.66 8.86 10.36
C GLU A 56 -3.20 10.20 9.79
N GLY A 57 -3.81 10.14 8.61
CA GLY A 57 -4.46 11.34 8.00
C GLY A 57 -4.75 11.19 6.50
N GLY A 58 -4.69 9.95 5.98
CA GLY A 58 -4.75 9.69 4.53
C GLY A 58 -3.43 10.05 3.82
N MET A 59 -3.07 9.31 2.75
CA MET A 59 -1.74 9.43 2.06
C MET A 59 -1.44 10.87 1.57
N GLU A 60 -2.51 11.62 1.29
CA GLU A 60 -2.44 13.00 0.76
C GLU A 60 -1.86 13.95 1.84
N GLN A 61 -2.53 13.98 3.01
CA GLN A 61 -2.10 14.76 4.19
C GLN A 61 -0.77 14.21 4.77
N THR A 62 -0.65 12.88 4.85
CA THR A 62 0.55 12.18 5.40
C THR A 62 1.83 12.49 4.58
N THR A 63 1.68 12.63 3.26
CA THR A 63 2.79 13.04 2.34
C THR A 63 3.19 14.50 2.56
N LYS A 64 2.20 15.40 2.74
CA LYS A 64 2.46 16.83 3.07
C LYS A 64 3.21 16.95 4.42
N ASP A 65 2.63 16.31 5.44
CA ASP A 65 3.04 16.44 6.86
C ASP A 65 4.25 15.51 7.19
N ARG A 66 4.64 14.66 6.19
CA ARG A 66 5.85 13.79 6.24
C ARG A 66 5.78 12.72 7.38
N LYS A 67 4.55 12.32 7.72
CA LYS A 67 4.26 11.41 8.88
C LYS A 67 4.37 9.90 8.51
N TRP A 68 5.08 9.58 7.42
CA TRP A 68 5.26 8.19 6.94
C TRP A 68 6.18 7.34 7.87
N ALA A 69 6.98 8.01 8.73
CA ALA A 69 7.76 7.32 9.79
C ALA A 69 6.80 6.70 10.85
N LYS A 70 5.68 7.39 11.10
CA LYS A 70 4.58 6.91 11.97
C LYS A 70 3.76 5.75 11.32
N VAL A 71 3.67 5.76 9.98
CA VAL A 71 3.05 4.66 9.22
C VAL A 71 3.92 3.37 9.27
N ALA A 72 5.24 3.58 9.12
CA ALA A 72 6.24 2.49 9.09
C ALA A 72 6.35 1.73 10.44
N ASN A 73 6.41 2.49 11.56
CA ASN A 73 6.62 1.89 12.92
C ASN A 73 5.50 0.88 13.32
N ARG A 74 4.27 1.12 12.80
CA ARG A 74 3.08 0.26 13.04
C ARG A 74 3.23 -1.17 12.46
N MET A 75 4.03 -1.33 11.39
CA MET A 75 4.35 -2.65 10.77
C MET A 75 5.75 -3.16 11.19
N GLN A 76 6.28 -2.55 12.28
CA GLN A 76 7.58 -2.92 12.91
C GLN A 76 8.79 -2.71 11.98
N TYR A 77 8.67 -1.74 11.05
CA TYR A 77 9.82 -1.21 10.28
C TYR A 77 10.86 -0.56 11.24
N PRO A 78 12.20 -0.63 10.93
CA PRO A 78 13.26 -0.06 11.81
C PRO A 78 13.17 1.50 11.97
N SER A 79 13.99 2.04 12.90
CA SER A 79 13.97 3.49 13.27
C SER A 79 14.58 4.42 12.20
N SER A 80 14.82 3.89 10.97
CA SER A 80 15.25 4.69 9.81
C SER A 80 14.10 5.58 9.28
N LYS A 81 14.44 6.57 8.45
CA LYS A 81 13.45 7.45 7.78
C LYS A 81 13.18 6.97 6.33
N SER A 82 14.13 6.18 5.78
CA SER A 82 14.02 5.58 4.43
C SER A 82 12.77 4.68 4.30
N VAL A 83 12.44 3.93 5.38
CA VAL A 83 11.22 3.08 5.43
C VAL A 83 9.93 3.88 5.13
N GLY A 84 9.81 5.08 5.72
CA GLY A 84 8.66 5.95 5.48
C GLY A 84 8.59 6.48 4.04
N ALA A 85 9.73 6.97 3.54
CA ALA A 85 9.86 7.52 2.17
C ALA A 85 9.59 6.45 1.06
N THR A 86 9.89 5.17 1.39
CA THR A 86 9.66 4.02 0.48
C THR A 86 8.14 3.72 0.35
N LEU A 87 7.43 3.71 1.50
CA LEU A 87 5.96 3.50 1.55
C LEU A 87 5.22 4.69 0.87
N LYS A 88 5.75 5.90 1.08
CA LYS A 88 5.25 7.14 0.43
C LYS A 88 5.30 7.04 -1.09
N ALA A 89 6.48 6.68 -1.61
CA ALA A 89 6.73 6.56 -3.06
C ALA A 89 5.81 5.50 -3.71
N HIS A 90 5.57 4.38 -2.99
CA HIS A 90 4.63 3.33 -3.42
C HIS A 90 3.19 3.85 -3.55
N TYR A 91 2.69 4.57 -2.53
CA TYR A 91 1.32 5.16 -2.56
C TYR A 91 1.16 6.23 -3.66
N GLU A 92 2.24 6.98 -3.91
CA GLU A 92 2.27 8.00 -4.97
C GLU A 92 2.14 7.39 -6.39
N ARG A 93 2.73 6.21 -6.60
CA ARG A 93 2.69 5.52 -7.93
C ARG A 93 1.53 4.52 -8.08
N ILE A 94 1.02 4.00 -6.95
CA ILE A 94 0.03 2.89 -6.95
C ILE A 94 -1.41 3.38 -6.66
N LEU A 95 -1.56 4.34 -5.73
CA LEU A 95 -2.92 4.83 -5.32
C LEU A 95 -3.43 5.96 -6.24
N HIS A 96 -2.53 6.76 -6.86
CA HIS A 96 -2.95 7.87 -7.78
C HIS A 96 -3.64 7.35 -9.10
N PRO A 97 -3.18 6.23 -9.74
CA PRO A 97 -3.99 5.54 -10.80
C PRO A 97 -5.29 4.85 -10.26
N PHE A 98 -5.39 4.70 -8.92
CA PHE A 98 -6.54 4.02 -8.25
C PHE A 98 -7.48 5.04 -7.53
N GLU A 99 -7.11 6.35 -7.56
CA GLU A 99 -7.91 7.42 -6.89
C GLU A 99 -9.24 7.71 -7.63
N VAL A 100 -9.41 7.16 -8.84
CA VAL A 100 -10.69 7.19 -9.57
C VAL A 100 -11.78 6.37 -8.80
N TYR A 101 -11.30 5.35 -8.07
CA TYR A 101 -12.14 4.54 -7.14
C TYR A 101 -12.27 5.22 -5.74
N THR A 102 -11.13 5.37 -5.03
CA THR A 102 -11.12 5.75 -3.58
C THR A 102 -10.96 7.27 -3.32
N SER A 103 -10.38 8.01 -4.29
CA SER A 103 -10.16 9.50 -4.21
C SER A 103 -9.17 9.92 -3.09
N GLY A 104 -8.95 11.25 -2.95
CA GLY A 104 -8.03 11.78 -1.94
C GLY A 104 -8.38 13.20 -1.50
N LYS A 105 -9.48 13.34 -0.71
CA LYS A 105 -9.99 14.65 -0.23
C LYS A 105 -9.61 14.96 1.24
N VAL A 106 -8.49 14.39 1.74
CA VAL A 106 -7.95 14.74 3.09
C VAL A 106 -6.46 15.12 2.97
N LEU A 107 -6.22 16.44 2.81
CA LEU A 107 -4.87 17.02 2.71
C LEU A 107 -4.77 18.39 3.46
N PRO A 1 14.85 -9.73 -5.51
CA PRO A 1 13.39 -9.96 -5.28
C PRO A 1 13.11 -10.56 -3.88
N ARG A 2 13.65 -11.79 -3.65
CA ARG A 2 13.41 -12.60 -2.44
C ARG A 2 11.89 -12.90 -2.23
N VAL A 3 11.23 -13.34 -3.32
CA VAL A 3 9.82 -13.76 -3.29
C VAL A 3 9.70 -15.20 -2.70
N GLN A 4 9.77 -15.25 -1.36
CA GLN A 4 9.77 -16.50 -0.55
C GLN A 4 8.47 -17.34 -0.70
N ARG A 5 7.34 -16.67 -0.99
CA ARG A 5 6.02 -17.33 -1.05
C ARG A 5 5.03 -16.53 -1.92
N LEU A 6 4.01 -17.24 -2.43
CA LEU A 6 2.89 -16.66 -3.19
C LEU A 6 1.59 -16.82 -2.37
N ASN A 7 1.08 -18.09 -2.32
CA ASN A 7 -0.10 -18.50 -1.50
C ASN A 7 -1.31 -17.54 -1.71
N GLU A 8 -1.93 -17.63 -2.90
CA GLU A 8 -2.97 -16.67 -3.33
C GLU A 8 -4.42 -17.17 -3.08
N LEU A 9 -4.55 -18.45 -2.69
CA LEU A 9 -5.86 -19.09 -2.46
C LEU A 9 -6.50 -18.57 -1.15
N GLU A 10 -5.79 -18.80 -0.01
CA GLU A 10 -6.20 -18.33 1.33
C GLU A 10 -5.06 -18.49 2.35
N ALA A 11 -4.95 -17.53 3.27
CA ALA A 11 -3.98 -17.56 4.38
C ALA A 11 -4.60 -16.96 5.66
N LYS A 12 -5.43 -15.91 5.49
CA LYS A 12 -6.15 -15.25 6.61
C LYS A 12 -7.50 -14.65 6.11
N THR A 13 -7.43 -13.76 5.08
CA THR A 13 -8.60 -13.02 4.55
C THR A 13 -8.53 -12.93 3.01
N ARG A 14 -9.68 -13.10 2.33
CA ARG A 14 -9.78 -13.01 0.86
C ARG A 14 -10.39 -11.65 0.45
N VAL A 15 -11.69 -11.43 0.77
CA VAL A 15 -12.45 -10.22 0.36
C VAL A 15 -11.78 -8.90 0.81
N LYS A 16 -11.06 -8.94 1.94
CA LYS A 16 -10.34 -7.77 2.49
C LYS A 16 -9.20 -7.32 1.55
N LEU A 17 -8.31 -8.26 1.22
CA LEU A 17 -7.16 -8.02 0.28
C LEU A 17 -7.57 -8.12 -1.21
N ASN A 18 -8.83 -8.51 -1.48
CA ASN A 18 -9.35 -8.70 -2.86
C ASN A 18 -9.46 -7.36 -3.62
N PHE A 19 -9.47 -6.23 -2.89
CA PHE A 19 -9.47 -4.88 -3.50
C PHE A 19 -8.18 -4.65 -4.32
N LEU A 20 -7.05 -5.25 -3.84
CA LEU A 20 -5.77 -5.28 -4.57
C LEU A 20 -5.86 -6.15 -5.83
N ASP A 21 -6.48 -7.34 -5.69
CA ASP A 21 -6.76 -8.24 -6.84
C ASP A 21 -7.62 -7.56 -7.94
N GLN A 22 -8.50 -6.62 -7.55
CA GLN A 22 -9.35 -5.84 -8.48
C GLN A 22 -8.54 -4.76 -9.26
N ILE A 23 -7.80 -3.90 -8.53
CA ILE A 23 -6.93 -2.85 -9.15
C ILE A 23 -5.74 -3.48 -9.94
N ALA A 24 -5.33 -4.71 -9.55
CA ALA A 24 -4.26 -5.48 -10.24
C ALA A 24 -4.57 -5.71 -11.73
N LYS A 25 -5.88 -5.88 -12.04
CA LYS A 25 -6.40 -6.03 -13.43
C LYS A 25 -5.96 -4.86 -14.35
N PHE A 26 -5.95 -3.64 -13.78
CA PHE A 26 -5.44 -2.43 -14.46
C PHE A 26 -3.90 -2.50 -14.65
N TRP A 27 -3.19 -2.93 -13.58
CA TRP A 27 -1.72 -3.00 -13.56
C TRP A 27 -1.12 -4.19 -14.36
N GLU A 28 -1.97 -5.16 -14.76
CA GLU A 28 -1.55 -6.24 -15.68
C GLU A 28 -1.20 -5.70 -17.10
N LEU A 29 -1.60 -4.45 -17.39
CA LEU A 29 -1.25 -3.72 -18.64
C LEU A 29 -0.22 -2.57 -18.35
N GLN A 30 0.15 -2.39 -17.07
CA GLN A 30 1.04 -1.26 -16.62
C GLN A 30 2.42 -1.76 -16.11
N GLY A 31 2.76 -3.03 -16.37
CA GLY A 31 4.09 -3.58 -16.03
C GLY A 31 4.15 -4.24 -14.65
N SER A 32 3.80 -3.49 -13.59
CA SER A 32 3.81 -4.01 -12.19
C SER A 32 2.71 -5.06 -11.95
N SER A 33 3.04 -6.14 -11.20
CA SER A 33 2.07 -7.19 -10.80
C SER A 33 1.04 -6.67 -9.77
N LEU A 34 1.35 -5.50 -9.16
CA LEU A 34 0.54 -4.85 -8.10
C LEU A 34 0.60 -5.70 -6.79
N LYS A 35 0.13 -5.11 -5.67
CA LYS A 35 -0.02 -5.81 -4.36
C LYS A 35 1.38 -6.05 -3.71
N ILE A 36 2.21 -4.98 -3.72
CA ILE A 36 3.50 -4.92 -2.98
C ILE A 36 3.45 -3.77 -1.92
N PRO A 37 2.87 -4.05 -0.70
CA PRO A 37 2.93 -3.12 0.45
C PRO A 37 4.20 -3.34 1.32
N MET A 38 4.25 -4.49 2.04
CA MET A 38 5.36 -4.83 2.94
C MET A 38 6.57 -5.37 2.16
N VAL A 39 7.46 -4.44 1.80
CA VAL A 39 8.66 -4.71 1.00
C VAL A 39 9.86 -5.19 1.89
N GLU A 40 10.13 -4.49 3.01
CA GLU A 40 11.23 -4.87 3.95
C GLU A 40 10.84 -6.05 4.87
N ARG A 41 9.69 -5.93 5.55
CA ARG A 41 9.27 -6.90 6.60
C ARG A 41 8.43 -8.09 6.08
N LYS A 42 8.01 -8.03 4.79
CA LYS A 42 7.21 -9.10 4.12
C LYS A 42 5.77 -9.22 4.73
N ALA A 43 4.96 -10.15 4.17
CA ALA A 43 3.52 -10.33 4.51
C ALA A 43 2.67 -9.12 4.10
N LEU A 44 2.02 -9.27 2.95
CA LEU A 44 1.42 -8.17 2.21
C LEU A 44 -0.02 -7.86 2.68
N ASP A 45 -0.19 -6.73 3.37
CA ASP A 45 -1.50 -6.26 3.92
C ASP A 45 -1.71 -4.75 3.68
N LEU A 46 -1.95 -4.37 2.41
CA LEU A 46 -2.25 -2.95 2.03
C LEU A 46 -3.64 -2.54 2.56
N TYR A 47 -4.50 -3.53 2.86
CA TYR A 47 -5.83 -3.30 3.48
C TYR A 47 -5.71 -2.53 4.82
N THR A 48 -4.95 -3.12 5.78
CA THR A 48 -4.69 -2.48 7.09
C THR A 48 -3.72 -1.29 6.97
N LEU A 49 -2.77 -1.35 6.00
CA LEU A 49 -1.77 -0.28 5.76
C LEU A 49 -2.49 1.03 5.33
N HIS A 50 -3.56 0.89 4.52
CA HIS A 50 -4.45 2.01 4.11
C HIS A 50 -5.05 2.70 5.35
N ARG A 51 -5.51 1.88 6.31
CA ARG A 51 -6.07 2.34 7.59
C ARG A 51 -5.02 3.03 8.48
N ILE A 52 -3.79 2.49 8.48
CA ILE A 52 -2.62 3.05 9.23
C ILE A 52 -2.27 4.49 8.76
N VAL A 53 -2.25 4.70 7.44
CA VAL A 53 -2.02 6.04 6.85
C VAL A 53 -3.24 6.96 7.13
N GLN A 54 -4.44 6.35 7.15
CA GLN A 54 -5.72 7.02 7.46
C GLN A 54 -5.81 7.46 8.95
N GLU A 55 -5.12 6.71 9.86
CA GLU A 55 -4.95 7.10 11.29
C GLU A 55 -4.27 8.49 11.40
N GLU A 56 -3.39 8.80 10.42
CA GLU A 56 -2.64 10.06 10.34
C GLU A 56 -3.32 11.09 9.39
N GLY A 57 -4.49 10.74 8.82
CA GLY A 57 -5.33 11.68 8.04
C GLY A 57 -5.36 11.47 6.52
N GLY A 58 -4.70 10.41 6.03
CA GLY A 58 -4.65 10.11 4.58
C GLY A 58 -3.33 10.53 3.93
N MET A 59 -2.95 9.82 2.84
CA MET A 59 -1.58 9.85 2.23
C MET A 59 -1.01 11.27 1.96
N GLU A 60 -1.86 12.19 1.48
CA GLU A 60 -1.44 13.54 1.05
C GLU A 60 -1.12 14.45 2.25
N GLN A 61 -2.00 14.43 3.26
CA GLN A 61 -1.79 15.19 4.52
C GLN A 61 -0.66 14.56 5.37
N THR A 62 -0.52 13.21 5.26
CA THR A 62 0.57 12.44 5.90
C THR A 62 1.96 12.82 5.31
N THR A 63 2.00 13.12 3.99
CA THR A 63 3.22 13.61 3.29
C THR A 63 3.64 15.02 3.81
N LYS A 64 2.67 15.96 3.84
CA LYS A 64 2.91 17.35 4.30
C LYS A 64 3.26 17.43 5.80
N ASP A 65 2.75 16.47 6.60
CA ASP A 65 3.04 16.39 8.05
C ASP A 65 4.19 15.43 8.41
N ARG A 66 4.83 14.81 7.38
CA ARG A 66 6.02 13.92 7.52
C ARG A 66 5.70 12.62 8.34
N LYS A 67 4.40 12.29 8.46
CA LYS A 67 3.89 11.18 9.31
C LYS A 67 4.17 9.75 8.73
N TRP A 68 4.79 9.66 7.53
CA TRP A 68 5.18 8.36 6.90
C TRP A 68 6.22 7.59 7.74
N ALA A 69 6.98 8.32 8.58
CA ALA A 69 7.90 7.73 9.58
C ALA A 69 7.14 6.77 10.54
N LYS A 70 5.94 7.22 10.98
CA LYS A 70 5.05 6.42 11.86
C LYS A 70 4.49 5.18 11.14
N VAL A 71 4.14 5.34 9.85
CA VAL A 71 3.55 4.26 9.01
C VAL A 71 4.47 3.00 8.94
N ALA A 72 5.77 3.25 8.83
CA ALA A 72 6.81 2.20 8.86
C ALA A 72 6.97 1.58 10.28
N ASN A 73 7.11 2.44 11.29
CA ASN A 73 7.26 2.03 12.72
C ASN A 73 6.02 1.26 13.25
N ARG A 74 4.84 1.58 12.69
CA ARG A 74 3.56 0.93 13.04
C ARG A 74 3.58 -0.58 12.67
N MET A 75 4.07 -0.87 11.45
CA MET A 75 4.18 -2.26 10.93
C MET A 75 5.50 -2.95 11.31
N GLN A 76 6.36 -2.24 12.09
CA GLN A 76 7.69 -2.74 12.56
C GLN A 76 8.69 -2.88 11.37
N TYR A 77 9.07 -1.73 10.80
CA TYR A 77 10.16 -1.64 9.79
C TYR A 77 11.52 -1.28 10.47
N PRO A 78 12.70 -1.61 9.83
CA PRO A 78 14.05 -1.37 10.41
C PRO A 78 14.31 0.11 10.81
N SER A 79 14.06 1.03 9.85
CA SER A 79 14.26 2.50 10.06
C SER A 79 12.90 3.23 10.14
N SER A 80 12.90 4.56 9.95
CA SER A 80 11.67 5.39 9.90
C SER A 80 11.54 6.12 8.54
N LYS A 81 12.65 6.79 8.12
CA LYS A 81 12.66 7.71 6.95
C LYS A 81 12.66 6.97 5.59
N SER A 82 13.69 6.12 5.35
CA SER A 82 13.88 5.40 4.05
C SER A 82 12.69 4.48 3.73
N VAL A 83 12.38 3.59 4.68
CA VAL A 83 11.22 2.67 4.63
C VAL A 83 9.86 3.40 4.50
N GLY A 84 9.68 4.49 5.27
CA GLY A 84 8.45 5.30 5.22
C GLY A 84 8.24 6.01 3.89
N ALA A 85 9.35 6.44 3.27
CA ALA A 85 9.37 7.07 1.93
C ALA A 85 9.11 6.03 0.82
N THR A 86 9.54 4.77 1.06
CA THR A 86 9.26 3.62 0.15
C THR A 86 7.76 3.28 0.14
N LEU A 87 7.14 3.30 1.33
CA LEU A 87 5.69 3.08 1.50
C LEU A 87 4.89 4.25 0.90
N LYS A 88 5.40 5.49 1.06
CA LYS A 88 4.85 6.68 0.39
C LYS A 88 4.84 6.48 -1.14
N ALA A 89 6.00 6.07 -1.67
CA ALA A 89 6.21 5.86 -3.13
C ALA A 89 5.23 4.83 -3.71
N HIS A 90 4.94 3.75 -2.95
CA HIS A 90 3.95 2.74 -3.35
C HIS A 90 2.53 3.36 -3.48
N TYR A 91 2.14 4.26 -2.56
CA TYR A 91 0.85 5.02 -2.65
C TYR A 91 0.87 6.04 -3.82
N GLU A 92 2.02 6.69 -4.01
CA GLU A 92 2.23 7.71 -5.07
C GLU A 92 2.05 7.12 -6.49
N ARG A 93 2.40 5.83 -6.66
CA ARG A 93 2.23 5.14 -7.96
C ARG A 93 0.89 4.39 -8.10
N ILE A 94 0.41 3.77 -7.02
CA ILE A 94 -0.74 2.81 -7.07
C ILE A 94 -2.11 3.53 -6.91
N LEU A 95 -2.17 4.51 -6.00
CA LEU A 95 -3.46 5.17 -5.65
C LEU A 95 -3.87 6.22 -6.73
N HIS A 96 -2.88 6.90 -7.34
CA HIS A 96 -3.13 8.04 -8.28
C HIS A 96 -3.77 7.65 -9.66
N PRO A 97 -3.43 6.49 -10.34
CA PRO A 97 -4.15 6.04 -11.58
C PRO A 97 -5.44 5.24 -11.28
N PHE A 98 -5.82 5.18 -9.99
CA PHE A 98 -7.07 4.53 -9.53
C PHE A 98 -7.84 5.50 -8.58
N GLU A 99 -7.49 6.81 -8.64
CA GLU A 99 -8.04 7.85 -7.75
C GLU A 99 -9.53 8.12 -7.98
N VAL A 100 -10.04 7.74 -9.17
CA VAL A 100 -11.49 7.86 -9.52
C VAL A 100 -12.35 7.06 -8.50
N TYR A 101 -11.83 5.88 -8.09
CA TYR A 101 -12.43 5.04 -7.05
C TYR A 101 -12.02 5.52 -5.61
N THR A 102 -10.69 5.62 -5.36
CA THR A 102 -10.12 5.83 -3.99
C THR A 102 -10.48 7.20 -3.39
N SER A 103 -10.38 8.28 -4.20
CA SER A 103 -10.84 9.64 -3.81
C SER A 103 -12.39 9.72 -3.82
N GLY A 104 -13.03 8.86 -4.62
CA GLY A 104 -14.51 8.77 -4.68
C GLY A 104 -15.18 9.88 -5.50
N LYS A 105 -14.38 10.66 -6.24
CA LYS A 105 -14.87 11.77 -7.08
C LYS A 105 -14.85 11.39 -8.59
N VAL A 106 -15.33 12.32 -9.44
CA VAL A 106 -15.23 12.25 -10.90
C VAL A 106 -14.90 13.65 -11.46
N LEU A 107 -13.88 13.72 -12.33
CA LEU A 107 -13.40 15.00 -12.92
C LEU A 107 -12.69 14.70 -14.28
N PRO A 1 19.57 -11.19 13.74
CA PRO A 1 18.95 -12.44 14.24
C PRO A 1 17.62 -12.75 13.49
N ARG A 2 17.39 -14.03 13.14
CA ARG A 2 16.14 -14.47 12.50
C ARG A 2 15.02 -14.67 13.55
N VAL A 3 13.95 -13.87 13.45
CA VAL A 3 12.75 -14.06 14.29
C VAL A 3 12.00 -15.36 13.87
N GLN A 4 11.95 -16.33 14.81
CA GLN A 4 11.31 -17.65 14.57
C GLN A 4 9.78 -17.50 14.36
N ARG A 5 9.21 -18.32 13.44
CA ARG A 5 7.78 -18.24 13.09
C ARG A 5 6.86 -18.62 14.27
N LEU A 6 5.66 -18.04 14.26
CA LEU A 6 4.69 -18.09 15.40
C LEU A 6 3.24 -17.98 14.88
N ASN A 7 3.05 -17.17 13.80
CA ASN A 7 1.73 -16.71 13.31
C ASN A 7 1.04 -15.85 14.39
N GLU A 8 1.16 -14.52 14.24
CA GLU A 8 0.58 -13.55 15.18
C GLU A 8 -0.46 -12.65 14.48
N LEU A 9 -0.01 -11.88 13.47
CA LEU A 9 -0.90 -10.99 12.69
C LEU A 9 -1.51 -11.80 11.51
N GLU A 10 -0.88 -11.70 10.29
CA GLU A 10 -1.26 -12.44 9.07
C GLU A 10 -2.74 -12.25 8.67
N ALA A 11 -2.98 -11.45 7.63
CA ALA A 11 -4.32 -11.10 7.13
C ALA A 11 -4.50 -11.60 5.69
N LYS A 12 -3.89 -12.78 5.38
CA LYS A 12 -3.86 -13.39 4.02
C LYS A 12 -5.27 -13.68 3.41
N THR A 13 -6.32 -13.53 4.26
CA THR A 13 -7.75 -13.60 3.87
C THR A 13 -8.06 -12.93 2.51
N ARG A 14 -8.76 -13.68 1.67
CA ARG A 14 -9.00 -13.35 0.25
C ARG A 14 -10.06 -12.23 0.09
N VAL A 15 -11.08 -12.22 0.98
CA VAL A 15 -12.17 -11.22 0.97
C VAL A 15 -11.71 -9.84 1.53
N LYS A 16 -10.88 -9.88 2.60
CA LYS A 16 -10.36 -8.65 3.28
C LYS A 16 -9.26 -7.96 2.45
N LEU A 17 -8.32 -8.75 1.90
CA LEU A 17 -7.26 -8.22 0.97
C LEU A 17 -7.84 -7.84 -0.43
N ASN A 18 -9.09 -8.24 -0.72
CA ASN A 18 -9.73 -8.07 -2.06
C ASN A 18 -9.81 -6.58 -2.51
N PHE A 19 -9.78 -5.63 -1.55
CA PHE A 19 -9.73 -4.16 -1.87
C PHE A 19 -8.49 -3.82 -2.75
N LEU A 20 -7.38 -4.50 -2.45
CA LEU A 20 -6.15 -4.42 -3.26
C LEU A 20 -6.35 -5.18 -4.60
N ASP A 21 -7.03 -6.35 -4.55
CA ASP A 21 -7.25 -7.20 -5.74
C ASP A 21 -8.20 -6.55 -6.79
N GLN A 22 -9.05 -5.60 -6.33
CA GLN A 22 -9.90 -4.76 -7.21
C GLN A 22 -9.04 -3.88 -8.14
N ILE A 23 -8.17 -3.06 -7.52
CA ILE A 23 -7.21 -2.19 -8.24
C ILE A 23 -6.09 -3.03 -8.94
N ALA A 24 -5.81 -4.25 -8.42
CA ALA A 24 -4.84 -5.19 -9.07
C ALA A 24 -5.42 -5.74 -10.40
N LYS A 25 -6.75 -5.85 -10.47
CA LYS A 25 -7.48 -6.18 -11.72
C LYS A 25 -7.39 -5.00 -12.73
N PHE A 26 -7.42 -3.76 -12.19
CA PHE A 26 -7.23 -2.52 -12.99
C PHE A 26 -5.82 -2.47 -13.63
N TRP A 27 -4.78 -2.83 -12.84
CA TRP A 27 -3.38 -2.87 -13.32
C TRP A 27 -3.12 -4.15 -14.16
N GLU A 28 -2.93 -5.29 -13.46
CA GLU A 28 -2.43 -6.56 -14.02
C GLU A 28 -0.96 -6.38 -14.51
N LEU A 29 -0.78 -5.58 -15.58
CA LEU A 29 0.55 -5.22 -16.13
C LEU A 29 0.45 -3.92 -16.99
N GLN A 30 -0.38 -2.94 -16.56
CA GLN A 30 -0.50 -1.62 -17.26
C GLN A 30 0.62 -0.64 -16.79
N GLY A 31 1.88 -1.07 -16.90
CA GLY A 31 3.04 -0.33 -16.38
C GLY A 31 3.27 -0.59 -14.90
N SER A 32 4.28 -1.44 -14.59
CA SER A 32 4.66 -1.88 -13.21
C SER A 32 3.63 -2.86 -12.58
N SER A 33 4.08 -3.61 -11.56
CA SER A 33 3.27 -4.64 -10.86
C SER A 33 2.61 -4.06 -9.58
N LEU A 34 1.47 -4.66 -9.18
CA LEU A 34 0.79 -4.33 -7.90
C LEU A 34 0.85 -5.56 -6.95
N LYS A 35 0.36 -5.40 -5.69
CA LYS A 35 0.40 -6.38 -4.60
C LYS A 35 1.82 -6.42 -3.99
N ILE A 36 2.39 -5.19 -3.84
CA ILE A 36 3.61 -4.95 -3.02
C ILE A 36 3.32 -3.84 -1.94
N PRO A 37 2.51 -4.13 -0.88
CA PRO A 37 2.42 -3.26 0.32
C PRO A 37 3.69 -3.36 1.19
N MET A 38 4.13 -4.59 1.49
CA MET A 38 5.14 -4.85 2.53
C MET A 38 6.45 -5.40 1.93
N VAL A 39 7.37 -4.46 1.65
CA VAL A 39 8.71 -4.76 1.09
C VAL A 39 9.63 -5.48 2.13
N GLU A 40 9.54 -5.06 3.40
CA GLU A 40 10.46 -5.51 4.48
C GLU A 40 10.01 -6.85 5.13
N ARG A 41 8.69 -7.07 5.25
CA ARG A 41 8.13 -8.33 5.84
C ARG A 41 7.90 -9.43 4.77
N LYS A 42 7.77 -9.02 3.48
CA LYS A 42 7.54 -9.93 2.31
C LYS A 42 6.07 -10.40 2.19
N ALA A 43 5.38 -10.61 3.32
CA ALA A 43 3.92 -10.95 3.34
C ALA A 43 3.09 -9.70 3.00
N LEU A 44 2.19 -9.82 2.01
CA LEU A 44 1.52 -8.67 1.41
C LEU A 44 0.15 -8.38 2.08
N ASP A 45 0.20 -7.55 3.11
CA ASP A 45 -0.98 -7.21 3.96
C ASP A 45 -1.35 -5.72 3.76
N LEU A 46 -1.95 -5.42 2.60
CA LEU A 46 -2.41 -4.04 2.28
C LEU A 46 -3.62 -3.65 3.18
N TYR A 47 -4.38 -4.68 3.62
CA TYR A 47 -5.50 -4.51 4.57
C TYR A 47 -5.10 -3.69 5.82
N THR A 48 -4.03 -4.11 6.51
CA THR A 48 -3.52 -3.41 7.72
C THR A 48 -2.76 -2.10 7.36
N LEU A 49 -1.91 -2.14 6.31
CA LEU A 49 -1.01 -1.01 5.96
C LEU A 49 -1.80 0.24 5.50
N HIS A 50 -2.84 0.02 4.67
CA HIS A 50 -3.75 1.10 4.19
C HIS A 50 -4.58 1.69 5.35
N ARG A 51 -4.86 0.88 6.39
CA ARG A 51 -5.52 1.32 7.63
C ARG A 51 -4.60 2.19 8.52
N ILE A 52 -3.29 1.91 8.50
CA ILE A 52 -2.26 2.76 9.16
C ILE A 52 -2.14 4.14 8.44
N VAL A 53 -2.31 4.12 7.11
CA VAL A 53 -2.36 5.35 6.30
C VAL A 53 -3.74 6.07 6.44
N GLN A 54 -4.80 5.29 6.70
CA GLN A 54 -6.18 5.81 6.87
C GLN A 54 -6.29 6.61 8.20
N GLU A 55 -5.74 6.05 9.30
CA GLU A 55 -5.70 6.73 10.64
C GLU A 55 -4.81 8.00 10.60
N GLU A 56 -3.85 8.02 9.66
CA GLU A 56 -3.00 9.21 9.34
C GLU A 56 -3.78 10.30 8.53
N GLY A 57 -5.05 10.01 8.20
CA GLY A 57 -5.93 10.93 7.47
C GLY A 57 -5.89 10.75 5.95
N GLY A 58 -5.41 9.58 5.49
CA GLY A 58 -5.20 9.31 4.05
C GLY A 58 -3.81 9.76 3.59
N MET A 59 -3.29 9.13 2.51
CA MET A 59 -1.89 9.32 2.02
C MET A 59 -1.56 10.79 1.67
N GLU A 60 -2.58 11.54 1.27
CA GLU A 60 -2.46 12.97 0.89
C GLU A 60 -2.11 13.82 2.14
N GLN A 61 -2.84 13.57 3.23
CA GLN A 61 -2.64 14.18 4.55
C GLN A 61 -1.28 13.76 5.15
N THR A 62 -0.97 12.45 5.04
CA THR A 62 0.29 11.85 5.53
C THR A 62 1.54 12.48 4.87
N THR A 63 1.41 12.85 3.57
CA THR A 63 2.46 13.54 2.79
C THR A 63 2.67 15.00 3.26
N LYS A 64 1.56 15.73 3.49
CA LYS A 64 1.60 17.14 4.01
C LYS A 64 2.26 17.21 5.41
N ASP A 65 1.82 16.27 6.28
CA ASP A 65 2.36 16.11 7.64
C ASP A 65 3.80 15.52 7.62
N ARG A 66 4.11 14.77 6.53
CA ARG A 66 5.40 14.06 6.31
C ARG A 66 5.63 12.95 7.39
N LYS A 67 4.52 12.45 7.97
CA LYS A 67 4.56 11.39 9.02
C LYS A 67 4.42 9.97 8.40
N TRP A 68 4.97 9.79 7.19
CA TRP A 68 5.20 8.45 6.59
C TRP A 68 6.18 7.61 7.42
N ALA A 69 7.02 8.30 8.21
CA ALA A 69 7.87 7.70 9.25
C ALA A 69 7.06 6.79 10.21
N LYS A 70 5.86 7.29 10.59
CA LYS A 70 4.94 6.57 11.50
C LYS A 70 4.29 5.33 10.83
N VAL A 71 4.12 5.37 9.49
CA VAL A 71 3.54 4.24 8.73
C VAL A 71 4.47 2.99 8.75
N ALA A 72 5.78 3.22 8.55
CA ALA A 72 6.82 2.15 8.65
C ALA A 72 7.00 1.66 10.10
N ASN A 73 7.12 2.63 11.03
CA ASN A 73 7.39 2.36 12.47
C ASN A 73 6.21 1.58 13.14
N ARG A 74 4.96 1.93 12.77
CA ARG A 74 3.73 1.25 13.26
C ARG A 74 3.63 -0.19 12.69
N MET A 75 4.06 -0.38 11.42
CA MET A 75 4.09 -1.72 10.79
C MET A 75 5.36 -2.53 11.22
N GLN A 76 6.15 -1.93 12.16
CA GLN A 76 7.33 -2.57 12.81
C GLN A 76 8.44 -2.91 11.77
N TYR A 77 8.78 -1.92 10.95
CA TYR A 77 9.88 -1.98 9.97
C TYR A 77 11.27 -1.80 10.66
N PRO A 78 12.42 -2.21 9.98
CA PRO A 78 13.80 -2.15 10.56
C PRO A 78 14.21 -0.74 11.10
N SER A 79 13.60 0.31 10.52
CA SER A 79 13.79 1.71 10.94
C SER A 79 12.47 2.49 10.77
N SER A 80 12.53 3.82 10.90
CA SER A 80 11.38 4.73 10.72
C SER A 80 11.64 5.74 9.56
N LYS A 81 12.90 5.84 9.09
CA LYS A 81 13.33 6.93 8.17
C LYS A 81 13.11 6.55 6.65
N SER A 82 14.07 5.82 6.06
CA SER A 82 14.10 5.52 4.60
C SER A 82 12.91 4.65 4.16
N VAL A 83 12.61 3.62 4.96
CA VAL A 83 11.43 2.74 4.79
C VAL A 83 10.08 3.52 4.75
N GLY A 84 9.98 4.61 5.53
CA GLY A 84 8.78 5.48 5.53
C GLY A 84 8.55 6.15 4.18
N ALA A 85 9.63 6.69 3.60
CA ALA A 85 9.62 7.34 2.27
C ALA A 85 9.43 6.31 1.12
N THR A 86 9.86 5.05 1.35
CA THR A 86 9.67 3.91 0.41
C THR A 86 8.16 3.53 0.33
N LEU A 87 7.49 3.48 1.50
CA LEU A 87 6.03 3.22 1.59
C LEU A 87 5.23 4.35 0.94
N LYS A 88 5.70 5.62 1.11
CA LYS A 88 5.13 6.78 0.39
C LYS A 88 5.18 6.53 -1.13
N ALA A 89 6.38 6.17 -1.62
CA ALA A 89 6.66 5.95 -3.05
C ALA A 89 5.68 4.95 -3.68
N HIS A 90 5.39 3.85 -2.95
CA HIS A 90 4.40 2.83 -3.38
C HIS A 90 2.98 3.46 -3.55
N TYR A 91 2.46 4.14 -2.51
CA TYR A 91 1.12 4.79 -2.56
C TYR A 91 1.03 5.89 -3.65
N GLU A 92 2.13 6.60 -3.85
CA GLU A 92 2.25 7.66 -4.87
C GLU A 92 2.09 7.09 -6.31
N ARG A 93 2.90 6.09 -6.67
CA ARG A 93 2.89 5.48 -8.04
C ARG A 93 1.59 4.72 -8.36
N ILE A 94 0.95 4.17 -7.32
CA ILE A 94 -0.23 3.28 -7.48
C ILE A 94 -1.57 4.06 -7.46
N LEU A 95 -1.70 5.05 -6.54
CA LEU A 95 -3.00 5.75 -6.33
C LEU A 95 -3.15 7.04 -7.18
N HIS A 96 -2.04 7.70 -7.62
CA HIS A 96 -2.16 8.93 -8.48
C HIS A 96 -2.84 8.69 -9.87
N PRO A 97 -2.56 7.55 -10.62
CA PRO A 97 -3.35 7.18 -11.83
C PRO A 97 -4.74 6.56 -11.52
N PHE A 98 -5.05 6.33 -10.23
CA PHE A 98 -6.32 5.68 -9.79
C PHE A 98 -7.21 6.66 -8.96
N GLU A 99 -6.67 7.85 -8.62
CA GLU A 99 -7.38 8.84 -7.77
C GLU A 99 -8.61 9.46 -8.47
N VAL A 100 -8.62 9.44 -9.82
CA VAL A 100 -9.77 9.92 -10.62
C VAL A 100 -11.03 9.07 -10.33
N TYR A 101 -10.81 7.79 -9.99
CA TYR A 101 -11.87 6.86 -9.55
C TYR A 101 -12.31 7.14 -8.09
N THR A 102 -11.33 7.26 -7.17
CA THR A 102 -11.60 7.32 -5.70
C THR A 102 -11.96 8.74 -5.21
N SER A 103 -11.13 9.72 -5.57
CA SER A 103 -11.34 11.16 -5.24
C SER A 103 -12.41 11.78 -6.17
N GLY A 104 -12.49 11.29 -7.42
CA GLY A 104 -13.45 11.77 -8.41
C GLY A 104 -12.88 12.91 -9.26
N LYS A 105 -12.60 14.04 -8.60
CA LYS A 105 -12.02 15.25 -9.24
C LYS A 105 -10.69 15.68 -8.59
N VAL A 106 -9.90 16.41 -9.40
CA VAL A 106 -8.65 17.06 -8.99
C VAL A 106 -8.38 18.23 -9.97
N LEU A 107 -8.73 19.47 -9.53
CA LEU A 107 -8.75 20.70 -10.37
C LEU A 107 -9.73 20.56 -11.58
N PRO A 1 13.65 -7.01 -1.75
CA PRO A 1 12.42 -7.82 -1.96
C PRO A 1 11.68 -7.41 -3.25
N ARG A 2 11.06 -8.40 -3.93
CA ARG A 2 10.23 -8.18 -5.14
C ARG A 2 8.94 -9.03 -5.05
N VAL A 3 8.58 -9.42 -3.80
CA VAL A 3 7.45 -10.33 -3.51
C VAL A 3 6.07 -9.64 -3.71
N GLN A 4 5.52 -9.79 -4.93
CA GLN A 4 4.10 -9.50 -5.24
C GLN A 4 3.25 -10.78 -5.00
N ARG A 5 3.87 -11.93 -5.30
CA ARG A 5 3.31 -13.27 -5.07
C ARG A 5 4.24 -14.04 -4.12
N LEU A 6 3.70 -14.48 -2.98
CA LEU A 6 4.47 -15.17 -1.92
C LEU A 6 3.51 -16.00 -1.03
N ASN A 7 2.48 -15.31 -0.47
CA ASN A 7 1.49 -15.88 0.48
C ASN A 7 2.13 -16.09 1.87
N GLU A 8 1.44 -15.65 2.94
CA GLU A 8 1.93 -15.81 4.32
C GLU A 8 1.83 -17.30 4.77
N LEU A 9 0.59 -17.77 5.02
CA LEU A 9 0.32 -19.18 5.34
C LEU A 9 -0.71 -19.73 4.33
N GLU A 10 -1.93 -19.15 4.36
CA GLU A 10 -3.01 -19.41 3.37
C GLU A 10 -3.83 -18.12 3.12
N ALA A 11 -4.70 -18.18 2.11
CA ALA A 11 -5.51 -17.03 1.66
C ALA A 11 -6.89 -17.04 2.36
N LYS A 12 -6.84 -16.77 3.66
CA LYS A 12 -8.05 -16.52 4.48
C LYS A 12 -8.64 -15.13 4.10
N THR A 13 -7.74 -14.13 4.03
CA THR A 13 -8.10 -12.74 3.71
C THR A 13 -8.37 -12.56 2.19
N ARG A 14 -9.58 -12.93 1.74
CA ARG A 14 -10.02 -12.85 0.33
C ARG A 14 -10.86 -11.57 0.08
N VAL A 15 -11.99 -11.44 0.82
CA VAL A 15 -12.92 -10.29 0.66
C VAL A 15 -12.29 -8.95 1.13
N LYS A 16 -11.37 -9.04 2.11
CA LYS A 16 -10.60 -7.87 2.61
C LYS A 16 -9.59 -7.37 1.54
N LEU A 17 -8.86 -8.30 0.93
CA LEU A 17 -7.83 -8.00 -0.12
C LEU A 17 -8.45 -7.83 -1.54
N ASN A 18 -9.78 -8.00 -1.67
CA ASN A 18 -10.51 -7.82 -2.97
C ASN A 18 -10.22 -6.43 -3.63
N PHE A 19 -9.91 -5.42 -2.81
CA PHE A 19 -9.55 -4.06 -3.29
C PHE A 19 -8.27 -4.07 -4.18
N LEU A 20 -7.24 -4.85 -3.76
CA LEU A 20 -6.02 -5.07 -4.57
C LEU A 20 -6.32 -5.91 -5.83
N ASP A 21 -7.30 -6.83 -5.74
CA ASP A 21 -7.71 -7.69 -6.89
C ASP A 21 -8.35 -6.84 -8.03
N GLN A 22 -9.16 -5.82 -7.64
CA GLN A 22 -9.81 -4.87 -8.57
C GLN A 22 -8.78 -4.06 -9.39
N ILE A 23 -7.79 -3.47 -8.68
CA ILE A 23 -6.72 -2.66 -9.32
C ILE A 23 -5.62 -3.54 -10.00
N ALA A 24 -5.45 -4.82 -9.56
CA ALA A 24 -4.54 -5.81 -10.24
C ALA A 24 -4.93 -6.07 -11.70
N LYS A 25 -6.21 -5.84 -12.03
CA LYS A 25 -6.73 -5.80 -13.42
C LYS A 25 -6.01 -4.71 -14.27
N PHE A 26 -5.80 -3.54 -13.65
CA PHE A 26 -5.14 -2.38 -14.30
C PHE A 26 -3.62 -2.62 -14.53
N TRP A 27 -2.89 -2.97 -13.44
CA TRP A 27 -1.42 -3.15 -13.47
C TRP A 27 -0.97 -4.44 -14.19
N GLU A 28 -1.94 -5.35 -14.44
CA GLU A 28 -1.73 -6.53 -15.31
C GLU A 28 -1.32 -6.10 -16.74
N LEU A 29 -1.91 -4.97 -17.20
CA LEU A 29 -1.65 -4.38 -18.54
C LEU A 29 -0.49 -3.34 -18.50
N GLN A 30 -0.16 -2.80 -17.30
CA GLN A 30 0.98 -1.86 -17.14
C GLN A 30 2.33 -2.63 -17.14
N GLY A 31 2.32 -3.85 -16.56
CA GLY A 31 3.54 -4.70 -16.48
C GLY A 31 4.37 -4.47 -15.21
N SER A 32 4.26 -3.27 -14.63
CA SER A 32 4.95 -2.89 -13.37
C SER A 32 4.28 -3.56 -12.13
N SER A 33 5.08 -3.82 -11.08
CA SER A 33 4.63 -4.59 -9.90
C SER A 33 3.62 -3.82 -9.01
N LEU A 34 2.40 -4.39 -8.89
CA LEU A 34 1.39 -3.97 -7.90
C LEU A 34 1.46 -4.92 -6.68
N LYS A 35 0.67 -4.62 -5.63
CA LYS A 35 0.55 -5.48 -4.43
C LYS A 35 1.90 -5.52 -3.68
N ILE A 36 2.58 -4.35 -3.61
CA ILE A 36 3.81 -4.18 -2.81
C ILE A 36 3.56 -3.14 -1.66
N PRO A 37 2.90 -3.55 -0.52
CA PRO A 37 2.87 -2.72 0.70
C PRO A 37 4.11 -2.95 1.61
N MET A 38 4.42 -4.23 1.89
CA MET A 38 5.40 -4.64 2.93
C MET A 38 6.73 -5.10 2.31
N VAL A 39 7.78 -4.26 2.50
CA VAL A 39 9.16 -4.58 2.07
C VAL A 39 9.94 -5.36 3.17
N GLU A 40 9.81 -4.91 4.44
CA GLU A 40 10.55 -5.53 5.58
C GLU A 40 9.81 -6.78 6.15
N ARG A 41 8.48 -6.84 6.02
CA ARG A 41 7.66 -8.00 6.50
C ARG A 41 7.66 -9.20 5.52
N LYS A 42 7.79 -8.90 4.20
CA LYS A 42 7.63 -9.88 3.09
C LYS A 42 6.15 -10.31 2.86
N ALA A 43 5.45 -10.66 3.95
CA ALA A 43 3.98 -10.87 3.93
C ALA A 43 3.24 -9.53 3.75
N LEU A 44 2.38 -9.47 2.74
CA LEU A 44 1.82 -8.21 2.21
C LEU A 44 0.47 -7.87 2.85
N ASP A 45 0.40 -6.72 3.54
CA ASP A 45 -0.78 -6.31 4.33
C ASP A 45 -1.25 -4.88 3.97
N LEU A 46 -1.64 -4.67 2.69
CA LEU A 46 -2.11 -3.34 2.20
C LEU A 46 -3.49 -2.97 2.81
N TYR A 47 -4.35 -3.99 3.05
CA TYR A 47 -5.67 -3.81 3.71
C TYR A 47 -5.53 -3.05 5.06
N THR A 48 -4.76 -3.63 6.01
CA THR A 48 -4.55 -3.03 7.35
C THR A 48 -3.65 -1.78 7.27
N LEU A 49 -2.70 -1.75 6.30
CA LEU A 49 -1.81 -0.59 6.07
C LEU A 49 -2.61 0.66 5.63
N HIS A 50 -3.67 0.43 4.84
CA HIS A 50 -4.60 1.51 4.37
C HIS A 50 -5.37 2.14 5.56
N ARG A 51 -5.64 1.31 6.59
CA ARG A 51 -6.14 1.80 7.90
C ARG A 51 -5.06 2.61 8.64
N ILE A 52 -3.84 2.04 8.76
CA ILE A 52 -2.69 2.62 9.50
C ILE A 52 -2.35 4.07 9.05
N VAL A 53 -2.24 4.27 7.72
CA VAL A 53 -1.95 5.58 7.12
C VAL A 53 -3.12 6.58 7.39
N GLN A 54 -4.37 6.07 7.28
CA GLN A 54 -5.61 6.85 7.54
C GLN A 54 -5.72 7.30 9.02
N GLU A 55 -5.24 6.45 9.94
CA GLU A 55 -5.21 6.77 11.40
C GLU A 55 -4.30 8.00 11.67
N GLU A 56 -3.21 8.11 10.88
CA GLU A 56 -2.27 9.26 10.93
C GLU A 56 -2.53 10.25 9.76
N GLY A 57 -3.80 10.31 9.30
CA GLY A 57 -4.25 11.30 8.31
C GLY A 57 -4.91 10.68 7.07
N GLY A 58 -4.13 9.88 6.34
CA GLY A 58 -4.49 9.41 4.97
C GLY A 58 -3.44 9.89 3.99
N MET A 59 -2.99 9.02 3.04
CA MET A 59 -1.71 9.19 2.29
C MET A 59 -1.40 10.61 1.76
N GLU A 60 -2.44 11.36 1.34
CA GLU A 60 -2.30 12.73 0.80
C GLU A 60 -1.93 13.74 1.92
N GLN A 61 -2.61 13.63 3.06
CA GLN A 61 -2.30 14.43 4.28
C GLN A 61 -0.99 13.95 4.91
N THR A 62 -0.80 12.61 5.01
CA THR A 62 0.38 11.98 5.65
C THR A 62 1.70 12.35 4.92
N THR A 63 1.63 12.47 3.57
CA THR A 63 2.74 13.01 2.73
C THR A 63 3.03 14.48 3.08
N LYS A 64 1.97 15.29 3.13
CA LYS A 64 2.05 16.74 3.43
C LYS A 64 2.53 16.98 4.90
N ASP A 65 2.22 16.02 5.79
CA ASP A 65 2.64 16.05 7.21
C ASP A 65 4.12 15.57 7.35
N ARG A 66 4.51 14.60 6.47
CA ARG A 66 5.80 13.85 6.52
C ARG A 66 5.79 12.71 7.59
N LYS A 67 4.60 12.27 8.06
CA LYS A 67 4.48 11.20 9.12
C LYS A 67 4.64 9.74 8.58
N TRP A 68 5.20 9.57 7.36
CA TRP A 68 5.43 8.22 6.76
C TRP A 68 6.45 7.38 7.57
N ALA A 69 7.43 8.05 8.20
CA ALA A 69 8.39 7.39 9.11
C ALA A 69 7.64 6.73 10.30
N LYS A 70 6.66 7.46 10.88
CA LYS A 70 5.80 6.93 11.96
C LYS A 70 4.87 5.79 11.48
N VAL A 71 4.30 5.92 10.26
CA VAL A 71 3.47 4.86 9.63
C VAL A 71 4.24 3.50 9.60
N ALA A 72 5.53 3.57 9.28
CA ALA A 72 6.44 2.40 9.28
C ALA A 72 6.66 1.80 10.70
N ASN A 73 6.63 2.67 11.74
CA ASN A 73 6.82 2.26 13.17
C ASN A 73 5.71 1.29 13.67
N ARG A 74 4.48 1.40 13.12
CA ARG A 74 3.35 0.49 13.44
C ARG A 74 3.70 -1.00 13.19
N MET A 75 4.31 -1.29 12.02
CA MET A 75 4.76 -2.66 11.65
C MET A 75 6.24 -2.91 12.03
N GLN A 76 6.80 -2.01 12.88
CA GLN A 76 8.15 -2.15 13.50
C GLN A 76 9.32 -2.08 12.48
N TYR A 77 9.09 -1.41 11.33
CA TYR A 77 10.17 -1.07 10.36
C TYR A 77 11.28 -0.20 11.03
N PRO A 78 12.57 -0.26 10.55
CA PRO A 78 13.62 0.70 10.97
C PRO A 78 13.20 2.18 10.71
N SER A 79 13.04 2.96 11.80
CA SER A 79 12.51 4.35 11.74
C SER A 79 13.48 5.28 10.96
N SER A 80 13.18 5.47 9.66
CA SER A 80 14.07 6.20 8.71
C SER A 80 13.26 6.90 7.61
N LYS A 81 13.84 7.99 7.05
CA LYS A 81 13.26 8.75 5.91
C LYS A 81 13.15 7.87 4.65
N SER A 82 14.20 7.06 4.39
CA SER A 82 14.25 6.14 3.21
C SER A 82 13.14 5.07 3.28
N VAL A 83 12.94 4.53 4.49
CA VAL A 83 11.95 3.46 4.76
C VAL A 83 10.49 3.99 4.67
N GLY A 84 10.24 5.16 5.29
CA GLY A 84 8.92 5.81 5.20
C GLY A 84 8.57 6.25 3.76
N ALA A 85 9.59 6.75 3.03
CA ALA A 85 9.46 7.18 1.63
C ALA A 85 9.24 5.99 0.66
N THR A 86 9.71 4.80 1.07
CA THR A 86 9.42 3.52 0.35
C THR A 86 7.89 3.24 0.36
N LEU A 87 7.27 3.34 1.56
CA LEU A 87 5.82 3.14 1.74
C LEU A 87 4.99 4.26 1.06
N LYS A 88 5.52 5.50 1.12
CA LYS A 88 4.95 6.66 0.42
C LYS A 88 4.91 6.43 -1.10
N ALA A 89 6.08 6.04 -1.65
CA ALA A 89 6.27 5.81 -3.10
C ALA A 89 5.33 4.72 -3.63
N HIS A 90 5.05 3.71 -2.79
CA HIS A 90 4.04 2.66 -3.08
C HIS A 90 2.64 3.30 -3.26
N TYR A 91 2.19 4.08 -2.27
CA TYR A 91 0.87 4.77 -2.33
C TYR A 91 0.79 5.80 -3.49
N GLU A 92 1.92 6.42 -3.81
CA GLU A 92 2.03 7.41 -4.89
C GLU A 92 1.82 6.77 -6.28
N ARG A 93 2.52 5.66 -6.58
CA ARG A 93 2.35 4.93 -7.86
C ARG A 93 0.95 4.29 -7.98
N ILE A 94 0.43 3.76 -6.87
CA ILE A 94 -0.78 2.92 -6.86
C ILE A 94 -2.09 3.76 -6.87
N LEU A 95 -2.15 4.87 -6.11
CA LEU A 95 -3.41 5.67 -6.01
C LEU A 95 -3.56 6.68 -7.17
N HIS A 96 -2.45 7.25 -7.68
CA HIS A 96 -2.52 8.33 -8.72
C HIS A 96 -3.26 7.94 -10.05
N PRO A 97 -3.14 6.68 -10.62
CA PRO A 97 -3.97 6.23 -11.78
C PRO A 97 -5.34 5.61 -11.37
N PHE A 98 -5.59 5.47 -10.05
CA PHE A 98 -6.78 4.77 -9.50
C PHE A 98 -7.64 5.71 -8.60
N GLU A 99 -7.22 6.98 -8.46
CA GLU A 99 -7.92 7.97 -7.58
C GLU A 99 -9.28 8.42 -8.15
N VAL A 100 -9.52 8.15 -9.45
CA VAL A 100 -10.86 8.31 -10.07
C VAL A 100 -11.92 7.48 -9.29
N TYR A 101 -11.54 6.23 -8.97
CA TYR A 101 -12.37 5.28 -8.18
C TYR A 101 -12.59 5.76 -6.72
N THR A 102 -11.51 6.28 -6.10
CA THR A 102 -11.49 6.59 -4.63
C THR A 102 -11.90 8.05 -4.29
N SER A 103 -11.92 8.94 -5.29
CA SER A 103 -12.27 10.38 -5.10
C SER A 103 -13.60 10.72 -5.82
N GLY A 104 -14.05 11.99 -5.66
CA GLY A 104 -15.30 12.48 -6.31
C GLY A 104 -15.10 12.90 -7.78
N LYS A 105 -14.47 12.01 -8.57
CA LYS A 105 -14.20 12.22 -10.01
C LYS A 105 -14.86 11.09 -10.81
N VAL A 106 -16.00 11.38 -11.48
CA VAL A 106 -16.78 10.36 -12.20
C VAL A 106 -17.52 10.97 -13.42
N LEU A 107 -17.14 10.51 -14.63
CA LEU A 107 -17.78 10.85 -15.92
C LEU A 107 -17.73 9.66 -16.93
N PRO A 1 16.36 -21.84 6.72
CA PRO A 1 17.48 -21.17 7.44
C PRO A 1 17.24 -21.15 8.98
N ARG A 2 18.08 -20.39 9.73
CA ARG A 2 17.93 -20.22 11.20
C ARG A 2 16.58 -19.59 11.58
N VAL A 3 16.19 -18.53 10.84
CA VAL A 3 14.88 -17.85 11.03
C VAL A 3 13.82 -18.41 10.05
N GLN A 4 12.53 -18.18 10.36
CA GLN A 4 11.39 -18.60 9.49
C GLN A 4 10.28 -17.53 9.59
N ARG A 5 9.66 -17.22 8.43
CA ARG A 5 8.71 -16.09 8.29
C ARG A 5 7.23 -16.46 8.57
N LEU A 6 6.96 -17.76 8.84
CA LEU A 6 5.60 -18.33 9.11
C LEU A 6 4.67 -18.31 7.86
N ASN A 7 4.33 -17.10 7.38
CA ASN A 7 3.44 -16.90 6.20
C ASN A 7 3.97 -15.74 5.32
N GLU A 8 3.63 -15.78 4.01
CA GLU A 8 4.07 -14.76 3.03
C GLU A 8 3.07 -14.62 1.83
N LEU A 9 2.89 -15.69 1.02
CA LEU A 9 2.02 -15.67 -0.19
C LEU A 9 0.53 -15.90 0.18
N GLU A 10 0.27 -16.82 1.13
CA GLU A 10 -1.12 -17.24 1.46
C GLU A 10 -1.89 -16.12 2.21
N ALA A 11 -2.80 -15.47 1.48
CA ALA A 11 -3.75 -14.46 2.03
C ALA A 11 -4.95 -14.33 1.09
N LYS A 12 -6.07 -14.96 1.49
CA LYS A 12 -7.27 -15.04 0.64
C LYS A 12 -8.34 -14.02 1.11
N THR A 13 -9.08 -14.36 2.20
CA THR A 13 -10.16 -13.53 2.79
C THR A 13 -11.28 -13.11 1.78
N ARG A 14 -12.19 -12.21 2.22
CA ARG A 14 -13.20 -11.57 1.35
C ARG A 14 -12.97 -10.03 1.27
N VAL A 15 -13.44 -9.29 2.28
CA VAL A 15 -13.39 -7.80 2.29
C VAL A 15 -11.96 -7.26 2.61
N LYS A 16 -11.11 -8.10 3.23
CA LYS A 16 -9.77 -7.68 3.69
C LYS A 16 -8.79 -7.46 2.50
N LEU A 17 -8.63 -8.49 1.65
CA LEU A 17 -7.80 -8.42 0.41
C LEU A 17 -8.58 -7.80 -0.78
N ASN A 18 -9.88 -7.48 -0.57
CA ASN A 18 -10.72 -6.77 -1.59
C ASN A 18 -10.07 -5.44 -2.07
N PHE A 19 -9.49 -4.67 -1.13
CA PHE A 19 -8.79 -3.39 -1.44
C PHE A 19 -7.61 -3.61 -2.43
N LEU A 20 -6.81 -4.65 -2.15
CA LEU A 20 -5.68 -5.07 -3.01
C LEU A 20 -6.18 -5.56 -4.38
N ASP A 21 -7.27 -6.35 -4.37
CA ASP A 21 -7.88 -6.94 -5.58
C ASP A 21 -8.30 -5.84 -6.59
N GLN A 22 -8.98 -4.80 -6.08
CA GLN A 22 -9.50 -3.68 -6.92
C GLN A 22 -8.38 -2.93 -7.67
N ILE A 23 -7.34 -2.51 -6.93
CA ILE A 23 -6.23 -1.69 -7.49
C ILE A 23 -5.24 -2.55 -8.35
N ALA A 24 -5.07 -3.84 -8.00
CA ALA A 24 -4.21 -4.78 -8.79
C ALA A 24 -4.87 -5.13 -10.14
N LYS A 25 -6.20 -5.31 -10.11
CA LYS A 25 -7.05 -5.52 -11.31
C LYS A 25 -7.00 -4.29 -12.25
N PHE A 26 -7.06 -3.09 -11.64
CA PHE A 26 -6.91 -1.81 -12.36
C PHE A 26 -5.51 -1.71 -13.04
N TRP A 27 -4.46 -2.08 -12.27
CA TRP A 27 -3.05 -2.01 -12.72
C TRP A 27 -2.67 -3.09 -13.75
N GLU A 28 -3.51 -4.12 -13.95
CA GLU A 28 -3.28 -5.13 -15.02
C GLU A 28 -3.25 -4.44 -16.42
N LEU A 29 -4.15 -3.45 -16.59
CA LEU A 29 -4.26 -2.66 -17.84
C LEU A 29 -3.03 -1.72 -18.02
N GLN A 30 -2.44 -1.28 -16.89
CA GLN A 30 -1.25 -0.38 -16.87
C GLN A 30 0.06 -1.15 -17.20
N GLY A 31 0.34 -2.21 -16.41
CA GLY A 31 1.54 -3.05 -16.62
C GLY A 31 1.67 -4.24 -15.65
N SER A 32 0.53 -4.64 -15.02
CA SER A 32 0.41 -5.77 -14.04
C SER A 32 1.39 -5.69 -12.83
N SER A 33 1.96 -4.50 -12.57
CA SER A 33 3.02 -4.30 -11.54
C SER A 33 2.42 -3.81 -10.19
N LEU A 34 1.56 -4.66 -9.59
CA LEU A 34 0.96 -4.38 -8.25
C LEU A 34 1.13 -5.62 -7.33
N LYS A 35 0.37 -5.65 -6.21
CA LYS A 35 0.58 -6.55 -5.06
C LYS A 35 1.96 -6.30 -4.38
N ILE A 36 2.48 -5.06 -4.54
CA ILE A 36 3.73 -4.58 -3.89
C ILE A 36 3.43 -3.40 -2.90
N PRO A 37 2.98 -3.72 -1.64
CA PRO A 37 2.80 -2.72 -0.55
C PRO A 37 4.14 -2.42 0.18
N MET A 38 4.72 -3.50 0.72
CA MET A 38 5.91 -3.45 1.57
C MET A 38 7.20 -3.26 0.74
N VAL A 39 8.18 -2.54 1.31
CA VAL A 39 9.52 -2.35 0.70
C VAL A 39 10.53 -3.27 1.41
N GLU A 40 10.36 -3.36 2.72
CA GLU A 40 11.19 -4.17 3.62
C GLU A 40 10.84 -5.68 3.46
N ARG A 41 9.81 -5.97 2.62
CA ARG A 41 9.46 -7.35 2.15
C ARG A 41 9.04 -8.30 3.29
N LYS A 42 8.59 -7.73 4.42
CA LYS A 42 8.17 -8.50 5.61
C LYS A 42 6.66 -8.83 5.53
N ALA A 43 6.37 -9.75 4.57
CA ALA A 43 5.01 -10.17 4.15
C ALA A 43 4.20 -9.01 3.53
N LEU A 44 3.97 -9.09 2.22
CA LEU A 44 3.24 -8.08 1.44
C LEU A 44 1.73 -8.08 1.80
N ASP A 45 1.32 -7.16 2.68
CA ASP A 45 -0.06 -7.09 3.18
C ASP A 45 -0.62 -5.66 2.98
N LEU A 46 -1.24 -5.46 1.82
CA LEU A 46 -1.86 -4.17 1.43
C LEU A 46 -3.03 -3.83 2.37
N TYR A 47 -3.71 -4.90 2.88
CA TYR A 47 -4.83 -4.78 3.82
C TYR A 47 -4.46 -3.92 5.07
N THR A 48 -3.42 -4.32 5.81
CA THR A 48 -3.01 -3.61 7.04
C THR A 48 -2.40 -2.23 6.73
N LEU A 49 -1.51 -2.18 5.71
CA LEU A 49 -0.74 -0.95 5.37
C LEU A 49 -1.69 0.21 4.95
N HIS A 50 -2.65 -0.11 4.06
CA HIS A 50 -3.68 0.85 3.59
C HIS A 50 -4.53 1.42 4.76
N ARG A 51 -4.81 0.57 5.76
CA ARG A 51 -5.61 0.95 6.95
C ARG A 51 -4.81 1.81 7.96
N ILE A 52 -3.52 1.50 8.14
CA ILE A 52 -2.59 2.32 8.99
C ILE A 52 -2.58 3.79 8.52
N VAL A 53 -2.40 3.96 7.21
CA VAL A 53 -2.39 5.28 6.54
C VAL A 53 -3.80 5.94 6.57
N GLN A 54 -4.85 5.09 6.48
CA GLN A 54 -6.28 5.50 6.54
C GLN A 54 -6.62 6.15 7.90
N GLU A 55 -6.13 5.53 9.00
CA GLU A 55 -6.31 6.06 10.38
C GLU A 55 -5.67 7.47 10.53
N GLU A 56 -4.56 7.69 9.81
CA GLU A 56 -3.84 8.99 9.79
C GLU A 56 -4.46 10.00 8.78
N GLY A 57 -5.63 9.66 8.21
CA GLY A 57 -6.42 10.59 7.37
C GLY A 57 -6.54 10.17 5.91
N GLY A 58 -5.91 9.04 5.54
CA GLY A 58 -5.86 8.57 4.14
C GLY A 58 -4.50 8.83 3.48
N MET A 59 -4.29 8.28 2.27
CA MET A 59 -2.97 8.33 1.57
C MET A 59 -2.54 9.77 1.25
N GLU A 60 -3.41 10.48 0.52
CA GLU A 60 -3.14 11.85 0.01
C GLU A 60 -2.97 12.87 1.17
N GLN A 61 -3.66 12.60 2.30
CA GLN A 61 -3.54 13.41 3.53
C GLN A 61 -2.19 13.15 4.25
N THR A 62 -1.88 11.87 4.48
CA THR A 62 -0.63 11.41 5.16
C THR A 62 0.65 11.80 4.37
N THR A 63 0.51 11.89 3.03
CA THR A 63 1.58 12.42 2.13
C THR A 63 1.76 13.94 2.29
N LYS A 64 0.61 14.66 2.34
CA LYS A 64 0.57 16.12 2.56
C LYS A 64 1.11 16.52 3.97
N ASP A 65 0.90 15.62 4.96
CA ASP A 65 1.42 15.78 6.34
C ASP A 65 2.87 15.21 6.46
N ARG A 66 3.21 14.25 5.57
CA ARG A 66 4.54 13.57 5.51
C ARG A 66 4.76 12.64 6.75
N LYS A 67 3.67 12.00 7.24
CA LYS A 67 3.69 11.13 8.46
C LYS A 67 4.04 9.65 8.16
N TRP A 68 4.65 9.39 6.99
CA TRP A 68 5.00 8.01 6.53
C TRP A 68 6.10 7.31 7.39
N ALA A 69 6.78 8.08 8.25
CA ALA A 69 7.69 7.52 9.27
C ALA A 69 6.91 6.68 10.31
N LYS A 70 5.73 7.20 10.74
CA LYS A 70 4.82 6.50 11.69
C LYS A 70 4.28 5.18 11.10
N VAL A 71 3.98 5.20 9.79
CA VAL A 71 3.51 4.02 9.02
C VAL A 71 4.55 2.85 9.11
N ALA A 72 5.84 3.20 8.91
CA ALA A 72 6.97 2.25 9.00
C ALA A 72 7.10 1.66 10.44
N ASN A 73 7.09 2.55 11.46
CA ASN A 73 7.18 2.15 12.90
C ASN A 73 5.99 1.25 13.34
N ARG A 74 4.80 1.48 12.72
CA ARG A 74 3.57 0.71 13.06
C ARG A 74 3.71 -0.79 12.69
N MET A 75 4.40 -1.06 11.55
CA MET A 75 4.73 -2.44 11.10
C MET A 75 6.10 -2.92 11.67
N GLN A 76 6.71 -2.08 12.53
CA GLN A 76 8.00 -2.35 13.22
C GLN A 76 9.17 -2.61 12.24
N TYR A 77 9.20 -1.81 11.15
CA TYR A 77 10.32 -1.70 10.19
C TYR A 77 11.64 -1.20 10.89
N PRO A 78 12.84 -1.39 10.24
CA PRO A 78 14.07 -0.66 10.63
C PRO A 78 13.84 0.87 10.58
N SER A 79 13.48 1.43 11.75
CA SER A 79 12.96 2.81 11.89
C SER A 79 13.92 3.87 11.29
N SER A 80 13.57 4.36 10.09
CA SER A 80 14.35 5.35 9.33
C SER A 80 13.44 6.19 8.42
N LYS A 81 13.90 7.42 8.09
CA LYS A 81 13.24 8.30 7.10
C LYS A 81 13.12 7.60 5.72
N SER A 82 14.14 6.81 5.38
CA SER A 82 14.24 6.07 4.10
C SER A 82 13.13 4.99 3.95
N VAL A 83 13.03 4.08 4.94
CA VAL A 83 12.11 2.91 4.87
C VAL A 83 10.61 3.34 4.89
N GLY A 84 10.32 4.52 5.48
CA GLY A 84 8.96 5.11 5.48
C GLY A 84 8.65 5.92 4.22
N ALA A 85 9.64 6.71 3.75
CA ALA A 85 9.52 7.53 2.52
C ALA A 85 9.42 6.66 1.24
N THR A 86 9.96 5.42 1.30
CA THR A 86 9.82 4.45 0.19
C THR A 86 8.40 3.83 0.16
N LEU A 87 7.76 3.66 1.34
CA LEU A 87 6.31 3.28 1.41
C LEU A 87 5.45 4.37 0.76
N LYS A 88 5.79 5.64 1.06
CA LYS A 88 5.24 6.82 0.37
C LYS A 88 5.45 6.70 -1.15
N ALA A 89 6.69 6.39 -1.56
CA ALA A 89 7.09 6.24 -2.98
C ALA A 89 6.24 5.19 -3.72
N HIS A 90 5.93 4.07 -3.02
CA HIS A 90 5.03 3.01 -3.56
C HIS A 90 3.63 3.61 -3.81
N TYR A 91 3.01 4.18 -2.77
CA TYR A 91 1.66 4.77 -2.87
C TYR A 91 1.58 6.02 -3.81
N GLU A 92 2.70 6.71 -3.97
CA GLU A 92 2.81 7.90 -4.85
C GLU A 92 2.91 7.52 -6.34
N ARG A 93 3.37 6.30 -6.65
CA ARG A 93 3.29 5.73 -8.03
C ARG A 93 1.99 4.90 -8.25
N ILE A 94 1.49 4.28 -7.19
CA ILE A 94 0.42 3.25 -7.26
C ILE A 94 -1.01 3.85 -7.06
N LEU A 95 -1.15 4.79 -6.12
CA LEU A 95 -2.46 5.42 -5.81
C LEU A 95 -2.74 6.60 -6.79
N HIS A 96 -1.69 7.15 -7.41
CA HIS A 96 -1.82 8.31 -8.37
C HIS A 96 -2.69 8.02 -9.65
N PRO A 97 -2.60 6.83 -10.33
CA PRO A 97 -3.60 6.48 -11.39
C PRO A 97 -4.99 6.13 -10.80
N PHE A 98 -5.02 5.69 -9.52
CA PHE A 98 -6.23 5.23 -8.82
C PHE A 98 -6.91 6.37 -8.00
N GLU A 99 -6.28 7.57 -7.95
CA GLU A 99 -6.82 8.74 -7.17
C GLU A 99 -8.05 9.38 -7.86
N VAL A 100 -8.30 8.99 -9.12
CA VAL A 100 -9.53 9.37 -9.84
C VAL A 100 -10.77 8.67 -9.20
N TYR A 101 -10.52 7.54 -8.50
CA TYR A 101 -11.52 6.88 -7.63
C TYR A 101 -11.65 7.59 -6.26
N THR A 102 -10.51 7.71 -5.53
CA THR A 102 -10.49 8.24 -4.13
C THR A 102 -10.97 9.71 -4.08
N SER A 103 -10.41 10.54 -4.97
CA SER A 103 -10.97 11.87 -5.28
C SER A 103 -11.98 11.73 -6.43
N GLY A 104 -13.26 12.05 -6.18
CA GLY A 104 -14.36 11.80 -7.14
C GLY A 104 -14.49 12.86 -8.23
N LYS A 105 -13.40 13.11 -8.96
CA LYS A 105 -13.36 14.00 -10.13
C LYS A 105 -13.03 13.18 -11.39
N VAL A 106 -13.94 13.19 -12.39
CA VAL A 106 -13.75 12.40 -13.64
C VAL A 106 -12.66 13.03 -14.54
N LEU A 107 -11.64 12.22 -14.89
CA LEU A 107 -10.59 12.60 -15.87
C LEU A 107 -11.11 12.35 -17.33
N PRO A 1 11.54 -1.52 -7.85
CA PRO A 1 12.42 -2.36 -6.98
C PRO A 1 11.67 -3.60 -6.43
N ARG A 2 12.41 -4.69 -6.16
CA ARG A 2 11.88 -5.90 -5.52
C ARG A 2 11.70 -5.68 -3.98
N VAL A 3 10.88 -6.53 -3.35
CA VAL A 3 10.70 -6.57 -1.87
C VAL A 3 11.20 -7.92 -1.30
N GLN A 4 12.08 -8.59 -2.08
CA GLN A 4 12.58 -9.95 -1.83
C GLN A 4 11.43 -11.00 -1.88
N ARG A 5 11.05 -11.37 -3.12
CA ARG A 5 10.02 -12.40 -3.44
C ARG A 5 8.57 -11.98 -3.08
N LEU A 6 7.61 -12.64 -3.73
CA LEU A 6 6.17 -12.61 -3.35
C LEU A 6 5.79 -13.96 -2.70
N ASN A 7 4.61 -14.01 -2.06
CA ASN A 7 4.10 -15.18 -1.31
C ASN A 7 4.98 -15.51 -0.08
N GLU A 8 4.43 -15.29 1.12
CA GLU A 8 5.09 -15.59 2.38
C GLU A 8 4.73 -17.03 2.85
N LEU A 9 3.47 -17.22 3.34
CA LEU A 9 2.98 -18.51 3.85
C LEU A 9 1.57 -18.82 3.26
N GLU A 10 0.56 -18.08 3.76
CA GLU A 10 -0.86 -18.26 3.36
C GLU A 10 -1.66 -16.98 3.67
N ALA A 11 -2.72 -16.74 2.87
CA ALA A 11 -3.60 -15.57 3.03
C ALA A 11 -5.06 -16.05 3.23
N LYS A 12 -5.46 -16.14 4.51
CA LYS A 12 -6.79 -16.62 4.94
C LYS A 12 -7.88 -15.53 4.78
N THR A 13 -7.47 -14.30 4.45
CA THR A 13 -8.36 -13.16 4.15
C THR A 13 -8.31 -12.82 2.63
N ARG A 14 -9.34 -13.25 1.88
CA ARG A 14 -9.43 -13.01 0.41
C ARG A 14 -10.28 -11.76 0.09
N VAL A 15 -11.51 -11.68 0.66
CA VAL A 15 -12.44 -10.53 0.40
C VAL A 15 -11.92 -9.23 1.09
N LYS A 16 -11.11 -9.39 2.14
CA LYS A 16 -10.45 -8.27 2.85
C LYS A 16 -9.29 -7.68 2.00
N LEU A 17 -8.50 -8.58 1.38
CA LEU A 17 -7.43 -8.21 0.40
C LEU A 17 -7.99 -8.01 -1.04
N ASN A 18 -9.30 -8.25 -1.25
CA ASN A 18 -9.96 -8.10 -2.57
C ASN A 18 -9.90 -6.63 -3.08
N PHE A 19 -9.84 -5.67 -2.15
CA PHE A 19 -9.65 -4.23 -2.48
C PHE A 19 -8.31 -4.01 -3.23
N LEU A 20 -7.28 -4.75 -2.80
CA LEU A 20 -5.97 -4.81 -3.49
C LEU A 20 -6.07 -5.60 -4.83
N ASP A 21 -6.92 -6.66 -4.87
CA ASP A 21 -7.14 -7.48 -6.09
C ASP A 21 -7.84 -6.69 -7.23
N GLN A 22 -8.76 -5.78 -6.85
CA GLN A 22 -9.49 -4.88 -7.79
C GLN A 22 -8.49 -4.02 -8.59
N ILE A 23 -7.69 -3.24 -7.85
CA ILE A 23 -6.67 -2.36 -8.44
C ILE A 23 -5.51 -3.17 -9.09
N ALA A 24 -5.17 -4.35 -8.52
CA ALA A 24 -4.20 -5.30 -9.13
C ALA A 24 -4.65 -5.76 -10.54
N LYS A 25 -5.97 -5.85 -10.76
CA LYS A 25 -6.54 -6.19 -12.08
C LYS A 25 -6.46 -4.99 -13.07
N PHE A 26 -6.57 -3.76 -12.55
CA PHE A 26 -6.32 -2.51 -13.32
C PHE A 26 -4.85 -2.46 -13.83
N TRP A 27 -3.91 -2.79 -12.92
CA TRP A 27 -2.46 -2.87 -13.24
C TRP A 27 -2.09 -4.18 -13.99
N GLU A 28 -2.95 -5.21 -13.91
CA GLU A 28 -2.77 -6.48 -14.66
C GLU A 28 -2.90 -6.24 -16.19
N LEU A 29 -3.71 -5.23 -16.55
CA LEU A 29 -3.81 -4.72 -17.95
C LEU A 29 -2.49 -4.08 -18.41
N GLN A 30 -1.81 -3.40 -17.46
CA GLN A 30 -0.53 -2.72 -17.70
C GLN A 30 0.67 -3.71 -17.57
N GLY A 31 0.39 -4.90 -17.00
CA GLY A 31 1.42 -5.87 -16.59
C GLY A 31 1.46 -6.00 -15.07
N SER A 32 1.15 -7.22 -14.55
CA SER A 32 1.00 -7.49 -13.09
C SER A 32 2.26 -7.13 -12.25
N SER A 33 2.36 -5.84 -11.89
CA SER A 33 3.48 -5.28 -11.09
C SER A 33 2.98 -4.77 -9.73
N LEU A 34 1.71 -5.06 -9.40
CA LEU A 34 1.08 -4.59 -8.14
C LEU A 34 1.19 -5.68 -7.03
N LYS A 35 0.36 -5.53 -5.96
CA LYS A 35 0.44 -6.34 -4.73
C LYS A 35 1.81 -6.12 -4.05
N ILE A 36 2.26 -4.84 -4.06
CA ILE A 36 3.51 -4.39 -3.38
C ILE A 36 3.21 -3.30 -2.30
N PRO A 37 2.55 -3.67 -1.14
CA PRO A 37 2.44 -2.77 0.02
C PRO A 37 3.69 -2.81 0.94
N MET A 38 4.18 -4.03 1.24
CA MET A 38 5.10 -4.30 2.36
C MET A 38 6.46 -4.87 1.89
N VAL A 39 7.53 -4.10 2.17
CA VAL A 39 8.92 -4.45 1.78
C VAL A 39 9.63 -5.29 2.88
N GLU A 40 9.60 -4.79 4.12
CA GLU A 40 10.34 -5.40 5.27
C GLU A 40 9.59 -6.61 5.89
N ARG A 41 8.28 -6.72 5.61
CA ARG A 41 7.43 -7.81 6.13
C ARG A 41 7.42 -9.06 5.22
N LYS A 42 7.46 -8.83 3.89
CA LYS A 42 7.31 -9.89 2.83
C LYS A 42 5.85 -10.42 2.71
N ALA A 43 5.14 -10.46 3.85
CA ALA A 43 3.67 -10.57 3.89
C ALA A 43 3.05 -9.24 3.41
N LEU A 44 2.26 -9.34 2.36
CA LEU A 44 1.71 -8.20 1.64
C LEU A 44 0.26 -7.92 2.11
N ASP A 45 0.13 -6.95 3.03
CA ASP A 45 -1.16 -6.61 3.67
C ASP A 45 -1.51 -5.13 3.43
N LEU A 46 -2.00 -4.84 2.21
CA LEU A 46 -2.50 -3.50 1.83
C LEU A 46 -3.77 -3.16 2.65
N TYR A 47 -4.53 -4.22 3.02
CA TYR A 47 -5.69 -4.16 3.94
C TYR A 47 -5.42 -3.27 5.19
N THR A 48 -4.47 -3.68 6.03
CA THR A 48 -4.13 -2.94 7.28
C THR A 48 -3.30 -1.66 6.99
N LEU A 49 -2.43 -1.71 5.96
CA LEU A 49 -1.51 -0.59 5.65
C LEU A 49 -2.30 0.68 5.22
N HIS A 50 -3.38 0.48 4.46
CA HIS A 50 -4.30 1.56 4.00
C HIS A 50 -5.04 2.20 5.19
N ARG A 51 -5.41 1.36 6.19
CA ARG A 51 -6.00 1.84 7.47
C ARG A 51 -5.05 2.82 8.19
N ILE A 52 -3.79 2.39 8.40
CA ILE A 52 -2.75 3.14 9.15
C ILE A 52 -2.59 4.59 8.62
N VAL A 53 -2.41 4.70 7.29
CA VAL A 53 -2.28 5.99 6.58
C VAL A 53 -3.54 6.87 6.77
N GLN A 54 -4.72 6.25 6.65
CA GLN A 54 -6.05 6.91 6.82
C GLN A 54 -6.25 7.44 8.27
N GLU A 55 -5.83 6.63 9.26
CA GLU A 55 -5.98 6.94 10.71
C GLU A 55 -5.07 8.12 11.13
N GLU A 56 -3.91 8.26 10.44
CA GLU A 56 -2.97 9.37 10.65
C GLU A 56 -3.40 10.66 9.89
N GLY A 57 -4.23 10.51 8.83
CA GLY A 57 -4.86 11.68 8.17
C GLY A 57 -5.15 11.52 6.67
N GLY A 58 -5.01 10.30 6.14
CA GLY A 58 -5.11 10.05 4.68
C GLY A 58 -3.78 10.26 3.96
N MET A 59 -3.66 9.76 2.70
CA MET A 59 -2.37 9.72 1.94
C MET A 59 -1.75 11.14 1.78
N GLU A 60 -2.62 12.11 1.43
CA GLU A 60 -2.22 13.52 1.19
C GLU A 60 -1.63 14.20 2.47
N GLN A 61 -2.34 14.07 3.61
CA GLN A 61 -1.90 14.67 4.89
C GLN A 61 -0.67 13.94 5.48
N THR A 62 -0.64 12.61 5.34
CA THR A 62 0.50 11.76 5.79
C THR A 62 1.80 12.08 4.99
N THR A 63 1.64 12.47 3.71
CA THR A 63 2.78 12.92 2.86
C THR A 63 3.21 14.37 3.20
N LYS A 64 2.22 15.25 3.37
CA LYS A 64 2.44 16.71 3.60
C LYS A 64 3.08 16.98 4.99
N ASP A 65 2.59 16.25 6.01
CA ASP A 65 3.10 16.33 7.39
C ASP A 65 4.34 15.41 7.57
N ARG A 66 4.51 14.44 6.61
CA ARG A 66 5.65 13.48 6.54
C ARG A 66 5.56 12.40 7.66
N LYS A 67 4.31 11.95 7.92
CA LYS A 67 3.99 10.91 8.93
C LYS A 67 4.35 9.47 8.47
N TRP A 68 4.94 9.30 7.27
CA TRP A 68 5.31 7.97 6.72
C TRP A 68 6.34 7.20 7.57
N ALA A 69 7.16 7.94 8.34
CA ALA A 69 8.06 7.34 9.35
C ALA A 69 7.23 6.54 10.41
N LYS A 70 6.11 7.15 10.85
CA LYS A 70 5.14 6.52 11.79
C LYS A 70 4.51 5.24 11.18
N VAL A 71 4.03 5.35 9.92
CA VAL A 71 3.40 4.23 9.17
C VAL A 71 4.32 2.98 9.12
N ALA A 72 5.62 3.20 8.85
CA ALA A 72 6.63 2.13 8.79
C ALA A 72 6.90 1.50 10.19
N ASN A 73 7.21 2.35 11.19
CA ASN A 73 7.51 1.90 12.58
C ASN A 73 6.31 1.19 13.25
N ARG A 74 5.07 1.58 12.85
CA ARG A 74 3.82 1.00 13.38
C ARG A 74 3.68 -0.49 12.94
N MET A 75 4.29 -0.84 11.78
CA MET A 75 4.40 -2.25 11.30
C MET A 75 5.80 -2.85 11.58
N GLN A 76 6.49 -2.32 12.62
CA GLN A 76 7.79 -2.85 13.14
C GLN A 76 8.94 -2.80 12.09
N TYR A 77 8.89 -1.82 11.17
CA TYR A 77 9.99 -1.56 10.19
C TYR A 77 11.19 -0.86 10.87
N PRO A 78 12.43 -0.93 10.28
CA PRO A 78 13.62 -0.12 10.71
C PRO A 78 13.29 1.38 10.89
N SER A 79 13.75 1.96 12.03
CA SER A 79 13.51 3.38 12.37
C SER A 79 14.28 4.33 11.43
N SER A 80 13.64 4.65 10.29
CA SER A 80 14.24 5.50 9.23
C SER A 80 13.13 6.14 8.37
N LYS A 81 13.36 7.41 8.00
CA LYS A 81 12.47 8.16 7.08
C LYS A 81 12.47 7.53 5.67
N SER A 82 13.64 6.97 5.25
CA SER A 82 13.80 6.30 3.93
C SER A 82 12.89 5.05 3.80
N VAL A 83 12.78 4.27 4.89
CA VAL A 83 11.95 3.05 4.93
C VAL A 83 10.42 3.41 4.84
N GLY A 84 10.04 4.50 5.51
CA GLY A 84 8.67 5.06 5.39
C GLY A 84 8.40 5.69 4.01
N ALA A 85 9.45 6.30 3.43
CA ALA A 85 9.42 6.94 2.09
C ALA A 85 9.29 5.88 0.97
N THR A 86 9.73 4.64 1.24
CA THR A 86 9.50 3.47 0.36
C THR A 86 7.98 3.19 0.22
N LEU A 87 7.27 3.19 1.37
CA LEU A 87 5.79 2.98 1.42
C LEU A 87 5.06 4.17 0.73
N LYS A 88 5.56 5.39 1.00
CA LYS A 88 5.07 6.64 0.36
C LYS A 88 5.14 6.56 -1.17
N ALA A 89 6.33 6.20 -1.66
CA ALA A 89 6.62 6.10 -3.11
C ALA A 89 5.76 5.02 -3.80
N HIS A 90 5.40 3.95 -3.06
CA HIS A 90 4.44 2.94 -3.52
C HIS A 90 3.03 3.59 -3.69
N TYR A 91 2.54 4.24 -2.62
CA TYR A 91 1.19 4.88 -2.62
C TYR A 91 1.04 5.98 -3.70
N GLU A 92 2.11 6.70 -3.98
CA GLU A 92 2.12 7.80 -4.98
C GLU A 92 1.92 7.30 -6.43
N ARG A 93 2.67 6.26 -6.82
CA ARG A 93 2.59 5.66 -8.19
C ARG A 93 1.32 4.80 -8.39
N ILE A 94 0.71 4.34 -7.29
CA ILE A 94 -0.41 3.37 -7.32
C ILE A 94 -1.78 4.05 -7.15
N LEU A 95 -1.86 5.06 -6.26
CA LEU A 95 -3.12 5.77 -5.94
C LEU A 95 -3.42 6.89 -6.98
N HIS A 96 -2.38 7.61 -7.46
CA HIS A 96 -2.57 8.78 -8.38
C HIS A 96 -3.19 8.44 -9.78
N PRO A 97 -2.88 7.27 -10.45
CA PRO A 97 -3.64 6.83 -11.67
C PRO A 97 -5.00 6.11 -11.37
N PHE A 98 -5.33 5.88 -10.08
CA PHE A 98 -6.53 5.08 -9.68
C PHE A 98 -7.52 5.88 -8.78
N GLU A 99 -7.15 7.09 -8.35
CA GLU A 99 -7.99 7.93 -7.44
C GLU A 99 -9.36 8.34 -8.08
N VAL A 100 -9.44 8.29 -9.42
CA VAL A 100 -10.71 8.47 -10.18
C VAL A 100 -11.81 7.48 -9.68
N TYR A 101 -11.41 6.23 -9.40
CA TYR A 101 -12.29 5.21 -8.82
C TYR A 101 -12.64 5.55 -7.34
N THR A 102 -11.60 5.70 -6.49
CA THR A 102 -11.74 5.80 -5.01
C THR A 102 -12.56 7.05 -4.57
N SER A 103 -12.32 8.18 -5.24
CA SER A 103 -13.08 9.44 -5.01
C SER A 103 -14.44 9.42 -5.75
N GLY A 104 -14.50 8.67 -6.87
CA GLY A 104 -15.68 8.67 -7.77
C GLY A 104 -15.76 9.93 -8.63
N LYS A 105 -14.60 10.57 -8.86
CA LYS A 105 -14.46 11.81 -9.66
C LYS A 105 -13.32 11.69 -10.69
N VAL A 106 -13.60 12.02 -11.96
CA VAL A 106 -12.55 12.14 -13.00
C VAL A 106 -11.75 13.44 -12.77
N LEU A 107 -10.76 13.37 -11.86
CA LEU A 107 -10.03 14.54 -11.34
C LEU A 107 -8.99 15.06 -12.38
N PRO A 1 14.32 -11.90 -3.65
CA PRO A 1 14.03 -13.36 -3.53
C PRO A 1 12.69 -13.73 -4.24
N ARG A 2 12.77 -14.52 -5.32
CA ARG A 2 11.59 -14.99 -6.09
C ARG A 2 11.15 -16.39 -5.65
N VAL A 3 12.11 -17.35 -5.63
CA VAL A 3 11.84 -18.78 -5.37
C VAL A 3 11.94 -19.14 -3.85
N GLN A 4 12.29 -18.15 -3.00
CA GLN A 4 12.46 -18.36 -1.55
C GLN A 4 11.11 -18.62 -0.84
N ARG A 5 10.93 -19.85 -0.30
CA ARG A 5 9.77 -20.26 0.55
C ARG A 5 8.41 -20.25 -0.21
N LEU A 6 7.38 -20.88 0.41
CA LEU A 6 6.03 -20.98 -0.18
C LEU A 6 4.98 -20.97 0.97
N ASN A 7 4.41 -19.78 1.25
CA ASN A 7 3.31 -19.57 2.24
C ASN A 7 3.73 -19.85 3.70
N GLU A 8 3.55 -18.82 4.55
CA GLU A 8 3.85 -18.92 5.99
C GLU A 8 2.72 -19.70 6.74
N LEU A 9 1.54 -19.06 6.89
CA LEU A 9 0.38 -19.65 7.60
C LEU A 9 -0.72 -20.14 6.61
N GLU A 10 -1.61 -19.23 6.16
CA GLU A 10 -2.77 -19.56 5.29
C GLU A 10 -2.88 -18.57 4.12
N ALA A 11 -2.81 -17.25 4.47
CA ALA A 11 -3.14 -16.14 3.55
C ALA A 11 -4.62 -16.21 3.11
N LYS A 12 -5.48 -16.45 4.11
CA LYS A 12 -6.95 -16.64 3.96
C LYS A 12 -7.72 -15.28 3.93
N THR A 13 -7.00 -14.20 3.66
CA THR A 13 -7.46 -12.82 3.82
C THR A 13 -8.14 -12.26 2.54
N ARG A 14 -9.19 -12.97 2.07
CA ARG A 14 -9.92 -12.58 0.84
C ARG A 14 -10.73 -11.27 1.01
N VAL A 15 -11.65 -11.23 1.99
CA VAL A 15 -12.49 -10.03 2.26
C VAL A 15 -11.63 -8.81 2.72
N LYS A 16 -10.48 -9.10 3.33
CA LYS A 16 -9.52 -8.07 3.79
C LYS A 16 -8.75 -7.44 2.59
N LEU A 17 -8.09 -8.28 1.80
CA LEU A 17 -7.33 -7.86 0.58
C LEU A 17 -8.23 -7.60 -0.65
N ASN A 18 -9.57 -7.79 -0.49
CA ASN A 18 -10.59 -7.48 -1.54
C ASN A 18 -10.41 -6.07 -2.14
N PHE A 19 -10.04 -5.09 -1.30
CA PHE A 19 -9.76 -3.70 -1.71
C PHE A 19 -8.59 -3.65 -2.73
N LEU A 20 -7.53 -4.44 -2.45
CA LEU A 20 -6.36 -4.61 -3.34
C LEU A 20 -6.74 -5.39 -4.63
N ASP A 21 -7.69 -6.34 -4.49
CA ASP A 21 -8.15 -7.20 -5.62
C ASP A 21 -8.94 -6.35 -6.68
N GLN A 22 -9.77 -5.40 -6.19
CA GLN A 22 -10.57 -4.48 -7.03
C GLN A 22 -9.68 -3.56 -7.91
N ILE A 23 -8.66 -2.94 -7.29
CA ILE A 23 -7.70 -2.06 -7.99
C ILE A 23 -6.71 -2.89 -8.87
N ALA A 24 -6.46 -4.17 -8.50
CA ALA A 24 -5.67 -5.13 -9.32
C ALA A 24 -6.31 -5.41 -10.70
N LYS A 25 -7.65 -5.28 -10.79
CA LYS A 25 -8.39 -5.33 -12.07
C LYS A 25 -7.93 -4.19 -13.02
N PHE A 26 -7.88 -2.96 -12.46
CA PHE A 26 -7.42 -1.74 -13.17
C PHE A 26 -5.95 -1.90 -13.65
N TRP A 27 -5.05 -2.27 -12.72
CA TRP A 27 -3.61 -2.43 -12.99
C TRP A 27 -3.30 -3.57 -13.98
N GLU A 28 -4.08 -4.66 -13.94
CA GLU A 28 -3.90 -5.83 -14.85
C GLU A 28 -4.04 -5.39 -16.34
N LEU A 29 -4.91 -4.39 -16.57
CA LEU A 29 -5.11 -3.76 -17.88
C LEU A 29 -3.88 -2.86 -18.25
N GLN A 30 -3.37 -2.10 -17.25
CA GLN A 30 -2.25 -1.13 -17.45
C GLN A 30 -0.91 -1.86 -17.76
N GLY A 31 -0.43 -2.66 -16.79
CA GLY A 31 0.81 -3.44 -16.94
C GLY A 31 1.04 -4.43 -15.78
N SER A 32 -0.07 -4.84 -15.13
CA SER A 32 -0.10 -5.77 -13.96
C SER A 32 0.84 -5.36 -12.78
N SER A 33 1.16 -4.05 -12.67
CA SER A 33 2.16 -3.54 -11.70
C SER A 33 1.49 -3.09 -10.37
N LEU A 34 1.05 -4.08 -9.57
CA LEU A 34 0.44 -3.86 -8.23
C LEU A 34 0.88 -4.95 -7.21
N LYS A 35 0.42 -4.80 -5.94
CA LYS A 35 0.72 -5.69 -4.80
C LYS A 35 2.19 -5.47 -4.33
N ILE A 36 2.53 -4.17 -4.14
CA ILE A 36 3.84 -3.74 -3.61
C ILE A 36 3.63 -2.89 -2.31
N PRO A 37 3.31 -3.54 -1.13
CA PRO A 37 3.19 -2.87 0.17
C PRO A 37 4.50 -2.94 1.03
N MET A 38 4.74 -4.10 1.68
CA MET A 38 5.83 -4.28 2.66
C MET A 38 7.14 -4.75 1.96
N VAL A 39 8.12 -3.84 1.94
CA VAL A 39 9.43 -4.05 1.27
C VAL A 39 10.44 -4.74 2.22
N GLU A 40 10.54 -4.23 3.46
CA GLU A 40 11.53 -4.70 4.46
C GLU A 40 11.09 -6.02 5.11
N ARG A 41 9.78 -6.14 5.36
CA ARG A 41 9.19 -7.23 6.18
C ARG A 41 8.77 -8.46 5.34
N LYS A 42 9.12 -8.44 4.02
CA LYS A 42 8.96 -9.59 3.09
C LYS A 42 7.48 -9.87 2.69
N ALA A 43 6.67 -10.30 3.66
CA ALA A 43 5.21 -10.61 3.46
C ALA A 43 4.40 -9.34 3.07
N LEU A 44 3.51 -9.50 2.08
CA LEU A 44 2.79 -8.37 1.45
C LEU A 44 1.32 -8.29 1.96
N ASP A 45 1.09 -7.36 2.90
CA ASP A 45 -0.26 -7.09 3.47
C ASP A 45 -0.64 -5.62 3.22
N LEU A 46 -1.30 -5.35 2.07
CA LEU A 46 -1.74 -4.00 1.69
C LEU A 46 -2.91 -3.52 2.59
N TYR A 47 -3.77 -4.49 2.99
CA TYR A 47 -4.90 -4.26 3.92
C TYR A 47 -4.48 -3.44 5.18
N THR A 48 -3.63 -4.06 6.04
CA THR A 48 -3.21 -3.45 7.32
C THR A 48 -2.43 -2.14 7.10
N LEU A 49 -1.49 -2.13 6.12
CA LEU A 49 -0.60 -0.98 5.85
C LEU A 49 -1.41 0.29 5.44
N HIS A 50 -2.37 0.11 4.51
CA HIS A 50 -3.27 1.20 4.03
C HIS A 50 -4.13 1.79 5.18
N ARG A 51 -4.60 0.90 6.06
CA ARG A 51 -5.40 1.26 7.24
C ARG A 51 -4.59 2.02 8.29
N ILE A 52 -3.33 1.61 8.49
CA ILE A 52 -2.35 2.28 9.40
C ILE A 52 -2.16 3.76 9.02
N VAL A 53 -1.99 4.03 7.71
CA VAL A 53 -1.86 5.40 7.17
C VAL A 53 -3.19 6.19 7.33
N GLN A 54 -4.32 5.47 7.20
CA GLN A 54 -5.69 6.03 7.32
C GLN A 54 -6.04 6.38 8.79
N GLU A 55 -5.47 5.61 9.75
CA GLU A 55 -5.61 5.90 11.21
C GLU A 55 -5.01 7.28 11.58
N GLU A 56 -4.06 7.75 10.75
CA GLU A 56 -3.37 9.04 10.92
C GLU A 56 -4.14 10.20 10.21
N GLY A 57 -5.13 9.86 9.38
CA GLY A 57 -5.93 10.85 8.63
C GLY A 57 -5.94 10.63 7.11
N GLY A 58 -5.21 9.62 6.62
CA GLY A 58 -5.17 9.29 5.16
C GLY A 58 -3.81 9.62 4.52
N MET A 59 -3.50 8.96 3.38
CA MET A 59 -2.16 9.03 2.72
C MET A 59 -1.82 10.44 2.19
N GLU A 60 -2.84 11.22 1.81
CA GLU A 60 -2.66 12.62 1.34
C GLU A 60 -2.17 13.53 2.49
N GLN A 61 -2.80 13.39 3.66
CA GLN A 61 -2.46 14.15 4.88
C GLN A 61 -1.08 13.73 5.44
N THR A 62 -0.87 12.40 5.54
CA THR A 62 0.40 11.79 6.03
C THR A 62 1.63 12.21 5.19
N THR A 63 1.43 12.37 3.85
CA THR A 63 2.45 12.91 2.92
C THR A 63 2.87 14.34 3.30
N LYS A 64 1.87 15.21 3.47
CA LYS A 64 2.06 16.63 3.84
C LYS A 64 2.72 16.78 5.24
N ASP A 65 2.33 15.91 6.18
CA ASP A 65 2.89 15.87 7.53
C ASP A 65 4.34 15.31 7.57
N ARG A 66 4.71 14.51 6.53
CA ARG A 66 5.95 13.66 6.51
C ARG A 66 5.85 12.55 7.61
N LYS A 67 4.59 12.18 7.95
CA LYS A 67 4.28 11.23 9.04
C LYS A 67 4.49 9.75 8.62
N TRP A 68 5.01 9.52 7.41
CA TRP A 68 5.37 8.17 6.89
C TRP A 68 6.42 7.45 7.78
N ALA A 69 7.14 8.23 8.60
CA ALA A 69 8.02 7.72 9.67
C ALA A 69 7.22 6.83 10.66
N LYS A 70 6.06 7.37 11.10
CA LYS A 70 5.17 6.69 12.08
C LYS A 70 4.55 5.41 11.50
N VAL A 71 4.17 5.45 10.20
CA VAL A 71 3.63 4.28 9.45
C VAL A 71 4.56 3.05 9.57
N ALA A 72 5.87 3.29 9.35
CA ALA A 72 6.89 2.25 9.35
C ALA A 72 7.02 1.55 10.73
N ASN A 73 7.21 2.34 11.81
CA ASN A 73 7.40 1.80 13.19
C ASN A 73 6.12 1.11 13.73
N ARG A 74 4.96 1.63 13.31
CA ARG A 74 3.64 1.06 13.67
C ARG A 74 3.48 -0.35 13.02
N MET A 75 3.96 -0.47 11.76
CA MET A 75 3.93 -1.74 10.99
C MET A 75 5.14 -2.67 11.32
N GLN A 76 6.05 -2.22 12.25
CA GLN A 76 7.24 -2.99 12.74
C GLN A 76 8.40 -3.03 11.69
N TYR A 77 8.75 -1.86 11.15
CA TYR A 77 9.92 -1.67 10.24
C TYR A 77 11.24 -1.40 11.04
N PRO A 78 12.46 -1.47 10.37
CA PRO A 78 13.77 -1.23 11.06
C PRO A 78 13.96 0.21 11.63
N SER A 79 13.31 1.22 11.02
CA SER A 79 13.60 2.65 11.32
C SER A 79 12.40 3.58 11.02
N SER A 80 12.61 4.90 11.23
CA SER A 80 11.67 5.98 10.87
C SER A 80 12.12 6.69 9.56
N LYS A 81 13.28 6.27 8.99
CA LYS A 81 13.95 6.94 7.86
C LYS A 81 13.32 6.57 6.47
N SER A 82 14.16 6.24 5.44
CA SER A 82 13.72 6.06 4.03
C SER A 82 12.72 4.90 3.81
N VAL A 83 12.50 4.06 4.84
CA VAL A 83 11.40 3.06 4.85
C VAL A 83 10.03 3.74 4.62
N GLY A 84 9.80 4.88 5.28
CA GLY A 84 8.60 5.69 5.09
C GLY A 84 8.52 6.34 3.70
N ALA A 85 9.69 6.76 3.15
CA ALA A 85 9.78 7.34 1.79
C ALA A 85 9.45 6.29 0.69
N THR A 86 9.82 5.03 0.96
CA THR A 86 9.53 3.87 0.07
C THR A 86 8.00 3.58 0.04
N LEU A 87 7.38 3.59 1.24
CA LEU A 87 5.91 3.39 1.40
C LEU A 87 5.12 4.53 0.73
N LYS A 88 5.56 5.78 0.98
CA LYS A 88 5.01 6.97 0.31
C LYS A 88 5.06 6.83 -1.22
N ALA A 89 6.25 6.42 -1.72
CA ALA A 89 6.49 6.21 -3.16
C ALA A 89 5.47 5.23 -3.78
N HIS A 90 5.22 4.09 -3.08
CA HIS A 90 4.23 3.07 -3.49
C HIS A 90 2.81 3.68 -3.60
N TYR A 91 2.35 4.34 -2.52
CA TYR A 91 1.01 4.96 -2.47
C TYR A 91 0.86 6.13 -3.46
N GLU A 92 1.96 6.83 -3.76
CA GLU A 92 1.96 7.95 -4.71
C GLU A 92 1.83 7.47 -6.18
N ARG A 93 2.52 6.37 -6.52
CA ARG A 93 2.49 5.81 -7.89
C ARG A 93 1.28 4.88 -8.15
N ILE A 94 0.50 4.56 -7.10
CA ILE A 94 -0.64 3.62 -7.19
C ILE A 94 -2.00 4.32 -6.97
N LEU A 95 -2.05 5.30 -6.06
CA LEU A 95 -3.30 6.04 -5.74
C LEU A 95 -3.65 7.04 -6.89
N HIS A 96 -2.64 7.77 -7.40
CA HIS A 96 -2.87 8.86 -8.40
C HIS A 96 -3.36 8.36 -9.80
N PRO A 97 -2.86 7.21 -10.38
CA PRO A 97 -3.49 6.59 -11.58
C PRO A 97 -4.88 5.96 -11.26
N PHE A 98 -5.05 5.50 -10.00
CA PHE A 98 -6.35 4.94 -9.50
C PHE A 98 -7.42 6.06 -9.41
N GLU A 99 -6.98 7.32 -9.24
CA GLU A 99 -7.87 8.50 -9.30
C GLU A 99 -8.57 8.63 -10.67
N VAL A 100 -7.91 8.17 -11.74
CA VAL A 100 -8.45 8.16 -13.12
C VAL A 100 -9.60 7.10 -13.23
N TYR A 101 -9.42 5.96 -12.53
CA TYR A 101 -10.45 4.90 -12.43
C TYR A 101 -11.68 5.37 -11.61
N THR A 102 -11.42 5.91 -10.40
CA THR A 102 -12.47 6.31 -9.43
C THR A 102 -13.26 7.54 -9.92
N SER A 103 -12.56 8.48 -10.58
CA SER A 103 -13.20 9.62 -11.29
C SER A 103 -14.04 9.14 -12.49
N GLY A 104 -13.65 7.96 -13.06
CA GLY A 104 -14.28 7.41 -14.25
C GLY A 104 -13.91 8.16 -15.53
N LYS A 105 -12.78 8.91 -15.46
CA LYS A 105 -12.30 9.84 -16.51
C LYS A 105 -13.28 11.03 -16.75
N VAL A 106 -12.73 12.22 -17.05
CA VAL A 106 -13.52 13.46 -17.23
C VAL A 106 -14.14 13.53 -18.66
N LEU A 107 -15.29 12.86 -18.84
CA LEU A 107 -16.06 12.86 -20.12
C LEU A 107 -17.15 13.99 -20.09
#